data_7Y3L
# 
_entry.id   7Y3L 
# 
_audit_conform.dict_name       mmcif_pdbx.dic 
_audit_conform.dict_version    5.380 
_audit_conform.dict_location   http://mmcif.pdb.org/dictionaries/ascii/mmcif_pdbx.dic 
# 
loop_
_database_2.database_id 
_database_2.database_code 
_database_2.pdbx_database_accession 
_database_2.pdbx_DOI 
PDB   7Y3L         pdb_00007y3l 10.2210/pdb7y3l/pdb 
WWPDB D_1300030195 ?            ?                   
# 
_pdbx_database_status.status_code                     REL 
_pdbx_database_status.status_code_sf                  REL 
_pdbx_database_status.status_code_mr                  ? 
_pdbx_database_status.entry_id                        7Y3L 
_pdbx_database_status.recvd_initial_deposition_date   2022-06-11 
_pdbx_database_status.SG_entry                        N 
_pdbx_database_status.deposit_site                    PDBJ 
_pdbx_database_status.process_site                    PDBJ 
_pdbx_database_status.status_code_cs                  ? 
_pdbx_database_status.status_code_nmr_data            ? 
_pdbx_database_status.methods_development_category    ? 
_pdbx_database_status.pdb_format_compatible           Y 
# 
loop_
_audit_author.name 
_audit_author.pdbx_ordinal 
_audit_author.identifier_ORCID 
'Ru, W.' 1 0000-0002-2050-1983 
'Xu, C.' 2 0000-0003-0444-7080 
# 
loop_
_citation.abstract 
_citation.abstract_id_CAS 
_citation.book_id_ISBN 
_citation.book_publisher 
_citation.book_publisher_city 
_citation.book_title 
_citation.coordinate_linkage 
_citation.country 
_citation.database_id_Medline 
_citation.details 
_citation.id 
_citation.journal_abbrev 
_citation.journal_id_ASTM 
_citation.journal_id_CSD 
_citation.journal_id_ISSN 
_citation.journal_full 
_citation.journal_issue 
_citation.journal_volume 
_citation.language 
_citation.page_first 
_citation.page_last 
_citation.title 
_citation.year 
_citation.database_id_CSD 
_citation.pdbx_database_id_DOI 
_citation.pdbx_database_id_PubMed 
_citation.pdbx_database_id_patent 
_citation.unpublished_flag 
? ? ? ? ? ? ? US ? ? primary J.Biol.Chem. JBCHA3 0071 1083-351X ? ? 298 ? 102607 102607 
;Structural studies of SALL family protein zinc finger cluster domains in complex with DNA reveal preferential binding to an AATA tetranucleotide motif.
;
2022 ? 10.1016/j.jbc.2022.102607         36257403 ? ? 
? ? ? ? ? ? ? US ? ? 1       J.Biol.Chem. JBCHA3 0071 1083-351X ? ? ?   ? ?      ?      
;Structural studies of SALL family protein zinc finger cluster domains in complex with DNA reveal preferential binding to an AATA tetranucleotide motif
;
2022 ? doi.org/10.1016/j.jbc.2022.102607 ?        ? ? 
# 
loop_
_citation_author.citation_id 
_citation_author.name 
_citation_author.ordinal 
_citation_author.identifier_ORCID 
primary 'Ru, W.'         1  ?                   
primary 'Koga, T.'       2  ?                   
primary 'Wang, X.'       3  ?                   
primary 'Guo, Q.'        4  ?                   
primary 'Gearhart, M.D.' 5  ?                   
primary 'Zhao, S.'       6  ?                   
primary 'Murphy, M.'     7  ?                   
primary 'Kawakami, H.'   8  ?                   
primary 'Corcoran, D.'   9  ?                   
primary 'Zhang, J.'      10 ?                   
primary 'Zhu, Z.'        11 ?                   
primary 'Yao, X.'        12 ?                   
primary 'Kawakami, Y.'   13 ?                   
primary 'Xu, C.'         14 ?                   
1       'Ru, W.'         15 0000-0002-2050-1983 
1       'Koga, T.'       16 ?                   
1       'Wang, X.'       17 ?                   
1       'Guo, Q.'        18 ?                   
1       'Gearhart, M.D.' 19 ?                   
1       'Zhao, S.'       20 ?                   
1       'Murphy, M.'     21 ?                   
1       'Kawakami, H.'   22 ?                   
1       'Corcoran, D.'   23 ?                   
1       'Zhang, J.'      24 ?                   
1       'Zhu, Z.'        25 ?                   
1       'Yao, X.'        26 ?                   
1       'Kawakami, Y.'   27 ?                   
1       'Xu, C.'         28 0000-0003-0444-7080 
# 
_cell.angle_alpha                  90.000 
_cell.angle_alpha_esd              ? 
_cell.angle_beta                   103.200 
_cell.angle_beta_esd               ? 
_cell.angle_gamma                  90.000 
_cell.angle_gamma_esd              ? 
_cell.entry_id                     7Y3L 
_cell.details                      ? 
_cell.formula_units_Z              ? 
_cell.length_a                     111.549 
_cell.length_a_esd                 ? 
_cell.length_b                     39.422 
_cell.length_b_esd                 ? 
_cell.length_c                     37.986 
_cell.length_c_esd                 ? 
_cell.volume                       ? 
_cell.volume_esd                   ? 
_cell.Z_PDB                        4 
_cell.reciprocal_angle_alpha       ? 
_cell.reciprocal_angle_beta        ? 
_cell.reciprocal_angle_gamma       ? 
_cell.reciprocal_angle_alpha_esd   ? 
_cell.reciprocal_angle_beta_esd    ? 
_cell.reciprocal_angle_gamma_esd   ? 
_cell.reciprocal_length_a          ? 
_cell.reciprocal_length_b          ? 
_cell.reciprocal_length_c          ? 
_cell.reciprocal_length_a_esd      ? 
_cell.reciprocal_length_b_esd      ? 
_cell.reciprocal_length_c_esd      ? 
_cell.pdbx_unique_axis             ? 
_cell.pdbx_esd_method              ? 
# 
_symmetry.entry_id                         7Y3L 
_symmetry.cell_setting                     ? 
_symmetry.Int_Tables_number                5 
_symmetry.space_group_name_Hall            ? 
_symmetry.space_group_name_H-M             'C 1 2 1' 
_symmetry.pdbx_full_space_group_name_H-M   ? 
# 
loop_
_entity.id 
_entity.type 
_entity.src_method 
_entity.pdbx_description 
_entity.formula_weight 
_entity.pdbx_number_of_molecules 
_entity.pdbx_ec 
_entity.pdbx_mutation 
_entity.pdbx_fragment 
_entity.details 
1 polymer     man 'Sal-like protein 3' 7645.793 1  ? ? ? ? 
2 polymer     syn 'DNA (12-mer)'       3670.430 1  ? ? ? ? 
3 polymer     syn 'DNA (12-mer)'       3652.402 1  ? ? ? ? 
4 non-polymer syn 'ZINC ION'           65.409   2  ? ? ? ? 
5 water       nat water                18.015   36 ? ? ? ? 
# 
_entity_name_com.entity_id   1 
_entity_name_com.name        'Zinc finger protein 796,Zinc finger protein SALL3,hSALL3' 
# 
loop_
_entity_poly.entity_id 
_entity_poly.type 
_entity_poly.nstd_linkage 
_entity_poly.nstd_monomer 
_entity_poly.pdbx_seq_one_letter_code 
_entity_poly.pdbx_seq_one_letter_code_can 
_entity_poly.pdbx_strand_id 
_entity_poly.pdbx_target_identifier 
1 'polypeptide(L)'        no no GHMLAPPPRRTPKQHNCQSCGKTFSSASALQIHERTHTGEKPFGCTICGRAFTTKGNLKVHMGTHMWNN 
GHMLAPPPRRTPKQHNCQSCGKTFSSASALQIHERTHTGEKPFGCTICGRAFTTKGNLKVHMGTHMWNN A ? 
2 polydeoxyribonucleotide no no '(DG)(DG)(DA)(DA)(DA)(DT)(DA)(DT)(DT)(DA)(DC)(DC)'                    GGAAATATTACC G ? 
3 polydeoxyribonucleotide no no '(DG)(DG)(DT)(DA)(DA)(DT)(DA)(DT)(DT)(DT)(DC)(DC)'                    GGTAATATTTCC H ? 
# 
loop_
_entity_poly_seq.entity_id 
_entity_poly_seq.num 
_entity_poly_seq.mon_id 
_entity_poly_seq.hetero 
1 1  GLY n 
1 2  HIS n 
1 3  MET n 
1 4  LEU n 
1 5  ALA n 
1 6  PRO n 
1 7  PRO n 
1 8  PRO n 
1 9  ARG n 
1 10 ARG n 
1 11 THR n 
1 12 PRO n 
1 13 LYS n 
1 14 GLN n 
1 15 HIS n 
1 16 ASN n 
1 17 CYS n 
1 18 GLN n 
1 19 SER n 
1 20 CYS n 
1 21 GLY n 
1 22 LYS n 
1 23 THR n 
1 24 PHE n 
1 25 SER n 
1 26 SER n 
1 27 ALA n 
1 28 SER n 
1 29 ALA n 
1 30 LEU n 
1 31 GLN n 
1 32 ILE n 
1 33 HIS n 
1 34 GLU n 
1 35 ARG n 
1 36 THR n 
1 37 HIS n 
1 38 THR n 
1 39 GLY n 
1 40 GLU n 
1 41 LYS n 
1 42 PRO n 
1 43 PHE n 
1 44 GLY n 
1 45 CYS n 
1 46 THR n 
1 47 ILE n 
1 48 CYS n 
1 49 GLY n 
1 50 ARG n 
1 51 ALA n 
1 52 PHE n 
1 53 THR n 
1 54 THR n 
1 55 LYS n 
1 56 GLY n 
1 57 ASN n 
1 58 LEU n 
1 59 LYS n 
1 60 VAL n 
1 61 HIS n 
1 62 MET n 
1 63 GLY n 
1 64 THR n 
1 65 HIS n 
1 66 MET n 
1 67 TRP n 
1 68 ASN n 
1 69 ASN n 
2 1  DG  n 
2 2  DG  n 
2 3  DA  n 
2 4  DA  n 
2 5  DA  n 
2 6  DT  n 
2 7  DA  n 
2 8  DT  n 
2 9  DT  n 
2 10 DA  n 
2 11 DC  n 
2 12 DC  n 
3 1  DG  n 
3 2  DG  n 
3 3  DT  n 
3 4  DA  n 
3 5  DA  n 
3 6  DT  n 
3 7  DA  n 
3 8  DT  n 
3 9  DT  n 
3 10 DT  n 
3 11 DC  n 
3 12 DC  n 
# 
_entity_src_gen.entity_id                          1 
_entity_src_gen.pdbx_src_id                        1 
_entity_src_gen.pdbx_alt_source_flag               sample 
_entity_src_gen.pdbx_seq_type                      'Biological sequence' 
_entity_src_gen.pdbx_beg_seq_num                   1 
_entity_src_gen.pdbx_end_seq_num                   69 
_entity_src_gen.gene_src_common_name               human 
_entity_src_gen.gene_src_genus                     ? 
_entity_src_gen.pdbx_gene_src_gene                 'SALL3, ZNF796' 
_entity_src_gen.gene_src_species                   ? 
_entity_src_gen.gene_src_strain                    ? 
_entity_src_gen.gene_src_tissue                    ? 
_entity_src_gen.gene_src_tissue_fraction           ? 
_entity_src_gen.gene_src_details                   ? 
_entity_src_gen.pdbx_gene_src_fragment             ? 
_entity_src_gen.pdbx_gene_src_scientific_name      'Homo sapiens' 
_entity_src_gen.pdbx_gene_src_ncbi_taxonomy_id     9606 
_entity_src_gen.pdbx_gene_src_variant              ? 
_entity_src_gen.pdbx_gene_src_cell_line            ? 
_entity_src_gen.pdbx_gene_src_atcc                 ? 
_entity_src_gen.pdbx_gene_src_organ                ? 
_entity_src_gen.pdbx_gene_src_organelle            ? 
_entity_src_gen.pdbx_gene_src_cell                 ? 
_entity_src_gen.pdbx_gene_src_cellular_location    ? 
_entity_src_gen.host_org_common_name               ? 
_entity_src_gen.pdbx_host_org_scientific_name      'Escherichia coli' 
_entity_src_gen.pdbx_host_org_ncbi_taxonomy_id     562 
_entity_src_gen.host_org_genus                     ? 
_entity_src_gen.pdbx_host_org_gene                 ? 
_entity_src_gen.pdbx_host_org_organ                ? 
_entity_src_gen.host_org_species                   ? 
_entity_src_gen.pdbx_host_org_tissue               ? 
_entity_src_gen.pdbx_host_org_tissue_fraction      ? 
_entity_src_gen.pdbx_host_org_strain               ? 
_entity_src_gen.pdbx_host_org_variant              ? 
_entity_src_gen.pdbx_host_org_cell_line            ? 
_entity_src_gen.pdbx_host_org_atcc                 ? 
_entity_src_gen.pdbx_host_org_culture_collection   ? 
_entity_src_gen.pdbx_host_org_cell                 ? 
_entity_src_gen.pdbx_host_org_organelle            ? 
_entity_src_gen.pdbx_host_org_cellular_location    ? 
_entity_src_gen.pdbx_host_org_vector_type          ? 
_entity_src_gen.pdbx_host_org_vector               ? 
_entity_src_gen.host_org_details                   ? 
_entity_src_gen.expression_system_id               ? 
_entity_src_gen.plasmid_name                       ? 
_entity_src_gen.plasmid_details                    ? 
_entity_src_gen.pdbx_description                   ? 
# 
loop_
_pdbx_entity_src_syn.entity_id 
_pdbx_entity_src_syn.pdbx_src_id 
_pdbx_entity_src_syn.pdbx_alt_source_flag 
_pdbx_entity_src_syn.pdbx_beg_seq_num 
_pdbx_entity_src_syn.pdbx_end_seq_num 
_pdbx_entity_src_syn.organism_scientific 
_pdbx_entity_src_syn.organism_common_name 
_pdbx_entity_src_syn.ncbi_taxonomy_id 
_pdbx_entity_src_syn.details 
2 1 sample 1 12 'synthetic construct' ? 32630 ? 
3 1 sample 1 12 'synthetic construct' ? 32630 ? 
# 
loop_
_struct_ref.id 
_struct_ref.db_name 
_struct_ref.db_code 
_struct_ref.pdbx_db_accession 
_struct_ref.pdbx_db_isoform 
_struct_ref.entity_id 
_struct_ref.pdbx_seq_one_letter_code 
_struct_ref.pdbx_align_begin 
1 UNP SALL3_HUMAN Q9BXA9 ? 1 MLAPPPRRTPKQHNCQSCGKTFSSASALQIHERTHTGEKPFGCTICGRAFTTKGNLKVHMGTHMWNN 1101 
2 PDB 7Y3L        7Y3L   ? 2 ?                                                                   1    
3 PDB 7Y3L        7Y3L   ? 3 ?                                                                   1    
# 
loop_
_struct_ref_seq.align_id 
_struct_ref_seq.ref_id 
_struct_ref_seq.pdbx_PDB_id_code 
_struct_ref_seq.pdbx_strand_id 
_struct_ref_seq.seq_align_beg 
_struct_ref_seq.pdbx_seq_align_beg_ins_code 
_struct_ref_seq.seq_align_end 
_struct_ref_seq.pdbx_seq_align_end_ins_code 
_struct_ref_seq.pdbx_db_accession 
_struct_ref_seq.db_align_beg 
_struct_ref_seq.pdbx_db_align_beg_ins_code 
_struct_ref_seq.db_align_end 
_struct_ref_seq.pdbx_db_align_end_ins_code 
_struct_ref_seq.pdbx_auth_seq_align_beg 
_struct_ref_seq.pdbx_auth_seq_align_end 
1 1 7Y3L A 3 ? 69 ? Q9BXA9 1101 ? 1167 ? 1101 1167 
2 2 7Y3L G 1 ? 12 ? 7Y3L   1    ? 12   ? 1    12   
3 3 7Y3L H 1 ? 12 ? 7Y3L   1    ? 12   ? 1    12   
# 
loop_
_struct_ref_seq_dif.align_id 
_struct_ref_seq_dif.pdbx_pdb_id_code 
_struct_ref_seq_dif.mon_id 
_struct_ref_seq_dif.pdbx_pdb_strand_id 
_struct_ref_seq_dif.seq_num 
_struct_ref_seq_dif.pdbx_pdb_ins_code 
_struct_ref_seq_dif.pdbx_seq_db_name 
_struct_ref_seq_dif.pdbx_seq_db_accession_code 
_struct_ref_seq_dif.db_mon_id 
_struct_ref_seq_dif.pdbx_seq_db_seq_num 
_struct_ref_seq_dif.details 
_struct_ref_seq_dif.pdbx_auth_seq_num 
_struct_ref_seq_dif.pdbx_ordinal 
1 7Y3L GLY A 1 ? UNP Q9BXA9 ? ? 'expression tag' 1099 1 
1 7Y3L HIS A 2 ? UNP Q9BXA9 ? ? 'expression tag' 1100 2 
# 
loop_
_chem_comp.id 
_chem_comp.type 
_chem_comp.mon_nstd_flag 
_chem_comp.name 
_chem_comp.pdbx_synonyms 
_chem_comp.formula 
_chem_comp.formula_weight 
ALA 'L-peptide linking' y ALANINE                              ? 'C3 H7 N O2'      89.093  
ARG 'L-peptide linking' y ARGININE                             ? 'C6 H15 N4 O2 1'  175.209 
ASN 'L-peptide linking' y ASPARAGINE                           ? 'C4 H8 N2 O3'     132.118 
CYS 'L-peptide linking' y CYSTEINE                             ? 'C3 H7 N O2 S'    121.158 
DA  'DNA linking'       y "2'-DEOXYADENOSINE-5'-MONOPHOSPHATE" ? 'C10 H14 N5 O6 P' 331.222 
DC  'DNA linking'       y "2'-DEOXYCYTIDINE-5'-MONOPHOSPHATE"  ? 'C9 H14 N3 O7 P'  307.197 
DG  'DNA linking'       y "2'-DEOXYGUANOSINE-5'-MONOPHOSPHATE" ? 'C10 H14 N5 O7 P' 347.221 
DT  'DNA linking'       y "THYMIDINE-5'-MONOPHOSPHATE"         ? 'C10 H15 N2 O8 P' 322.208 
GLN 'L-peptide linking' y GLUTAMINE                            ? 'C5 H10 N2 O3'    146.144 
GLU 'L-peptide linking' y 'GLUTAMIC ACID'                      ? 'C5 H9 N O4'      147.129 
GLY 'peptide linking'   y GLYCINE                              ? 'C2 H5 N O2'      75.067  
HIS 'L-peptide linking' y HISTIDINE                            ? 'C6 H10 N3 O2 1'  156.162 
HOH non-polymer         . WATER                                ? 'H2 O'            18.015  
ILE 'L-peptide linking' y ISOLEUCINE                           ? 'C6 H13 N O2'     131.173 
LEU 'L-peptide linking' y LEUCINE                              ? 'C6 H13 N O2'     131.173 
LYS 'L-peptide linking' y LYSINE                               ? 'C6 H15 N2 O2 1'  147.195 
MET 'L-peptide linking' y METHIONINE                           ? 'C5 H11 N O2 S'   149.211 
PHE 'L-peptide linking' y PHENYLALANINE                        ? 'C9 H11 N O2'     165.189 
PRO 'L-peptide linking' y PROLINE                              ? 'C5 H9 N O2'      115.130 
SER 'L-peptide linking' y SERINE                               ? 'C3 H7 N O3'      105.093 
THR 'L-peptide linking' y THREONINE                            ? 'C4 H9 N O3'      119.119 
TRP 'L-peptide linking' y TRYPTOPHAN                           ? 'C11 H12 N2 O2'   204.225 
VAL 'L-peptide linking' y VALINE                               ? 'C5 H11 N O2'     117.146 
ZN  non-polymer         . 'ZINC ION'                           ? 'Zn 2'            65.409  
# 
_exptl.absorpt_coefficient_mu     ? 
_exptl.absorpt_correction_T_max   ? 
_exptl.absorpt_correction_T_min   ? 
_exptl.absorpt_correction_type    ? 
_exptl.absorpt_process_details    ? 
_exptl.entry_id                   7Y3L 
_exptl.crystals_number            1 
_exptl.details                    ? 
_exptl.method                     'X-RAY DIFFRACTION' 
_exptl.method_details             ? 
# 
_exptl_crystal.colour                       ? 
_exptl_crystal.density_diffrn               ? 
_exptl_crystal.density_Matthews             2.72 
_exptl_crystal.density_method               ? 
_exptl_crystal.density_percent_sol          54.72 
_exptl_crystal.description                  ? 
_exptl_crystal.F_000                        ? 
_exptl_crystal.id                           1 
_exptl_crystal.preparation                  ? 
_exptl_crystal.size_max                     ? 
_exptl_crystal.size_mid                     ? 
_exptl_crystal.size_min                     ? 
_exptl_crystal.size_rad                     ? 
_exptl_crystal.colour_lustre                ? 
_exptl_crystal.colour_modifier              ? 
_exptl_crystal.colour_primary               ? 
_exptl_crystal.density_meas                 ? 
_exptl_crystal.density_meas_esd             ? 
_exptl_crystal.density_meas_gt              ? 
_exptl_crystal.density_meas_lt              ? 
_exptl_crystal.density_meas_temp            ? 
_exptl_crystal.density_meas_temp_esd        ? 
_exptl_crystal.density_meas_temp_gt         ? 
_exptl_crystal.density_meas_temp_lt         ? 
_exptl_crystal.pdbx_crystal_image_url       ? 
_exptl_crystal.pdbx_crystal_image_format    ? 
_exptl_crystal.pdbx_mosaicity               ? 
_exptl_crystal.pdbx_mosaicity_esd           ? 
_exptl_crystal.pdbx_mosaic_method           ? 
_exptl_crystal.pdbx_mosaic_block_size       ? 
_exptl_crystal.pdbx_mosaic_block_size_esd   ? 
# 
_exptl_crystal_grow.apparatus       ? 
_exptl_crystal_grow.atmosphere      ? 
_exptl_crystal_grow.crystal_id      1 
_exptl_crystal_grow.details         ? 
_exptl_crystal_grow.method          'VAPOR DIFFUSION, SITTING DROP' 
_exptl_crystal_grow.method_ref      ? 
_exptl_crystal_grow.pH              6.5 
_exptl_crystal_grow.pressure        ? 
_exptl_crystal_grow.pressure_esd    ? 
_exptl_crystal_grow.seeding         ? 
_exptl_crystal_grow.seeding_ref     ? 
_exptl_crystal_grow.temp            291 
_exptl_crystal_grow.temp_details    ? 
_exptl_crystal_grow.temp_esd        ? 
_exptl_crystal_grow.time            ? 
_exptl_crystal_grow.pdbx_details    
'0.1 M MES monohydrate, pH 6.5, 0.2 M Ammonium sulfate, 30% w/v polyethylene glycol monomethyl ether 5000' 
_exptl_crystal_grow.pdbx_pH_range   ? 
# 
_diffrn.ambient_environment              ? 
_diffrn.ambient_temp                     100 
_diffrn.ambient_temp_details             ? 
_diffrn.ambient_temp_esd                 ? 
_diffrn.crystal_id                       1 
_diffrn.crystal_support                  ? 
_diffrn.crystal_treatment                ? 
_diffrn.details                          ? 
_diffrn.id                               1 
_diffrn.ambient_pressure                 ? 
_diffrn.ambient_pressure_esd             ? 
_diffrn.ambient_pressure_gt              ? 
_diffrn.ambient_pressure_lt              ? 
_diffrn.ambient_temp_gt                  ? 
_diffrn.ambient_temp_lt                  ? 
_diffrn.pdbx_serial_crystal_experiment   N 
# 
_diffrn_detector.details                      ? 
_diffrn_detector.detector                     PIXEL 
_diffrn_detector.diffrn_id                    1 
_diffrn_detector.type                         'DECTRIS PILATUS 6M' 
_diffrn_detector.area_resol_mean              ? 
_diffrn_detector.dtime                        ? 
_diffrn_detector.pdbx_frames_total            ? 
_diffrn_detector.pdbx_collection_time_total   ? 
_diffrn_detector.pdbx_collection_date         2021-10-07 
_diffrn_detector.pdbx_frequency               ? 
# 
_diffrn_radiation.collimation                      ? 
_diffrn_radiation.diffrn_id                        1 
_diffrn_radiation.filter_edge                      ? 
_diffrn_radiation.inhomogeneity                    ? 
_diffrn_radiation.monochromator                    ? 
_diffrn_radiation.polarisn_norm                    ? 
_diffrn_radiation.polarisn_ratio                   ? 
_diffrn_radiation.probe                            ? 
_diffrn_radiation.type                             ? 
_diffrn_radiation.xray_symbol                      ? 
_diffrn_radiation.wavelength_id                    1 
_diffrn_radiation.pdbx_monochromatic_or_laue_m_l   M 
_diffrn_radiation.pdbx_wavelength_list             ? 
_diffrn_radiation.pdbx_wavelength                  ? 
_diffrn_radiation.pdbx_diffrn_protocol             'SINGLE WAVELENGTH' 
_diffrn_radiation.pdbx_analyzer                    ? 
_diffrn_radiation.pdbx_scattering_type             x-ray 
# 
_diffrn_radiation_wavelength.id           1 
_diffrn_radiation_wavelength.wavelength   0.979 
_diffrn_radiation_wavelength.wt           1.0 
# 
_diffrn_source.current                     ? 
_diffrn_source.details                     ? 
_diffrn_source.diffrn_id                   1 
_diffrn_source.power                       ? 
_diffrn_source.size                        ? 
_diffrn_source.source                      SYNCHROTRON 
_diffrn_source.target                      ? 
_diffrn_source.type                        'SSRF BEAMLINE BL18U1' 
_diffrn_source.voltage                     ? 
_diffrn_source.take-off_angle              ? 
_diffrn_source.pdbx_wavelength_list        0.979 
_diffrn_source.pdbx_wavelength             ? 
_diffrn_source.pdbx_synchrotron_beamline   BL18U1 
_diffrn_source.pdbx_synchrotron_site       SSRF 
# 
_reflns.B_iso_Wilson_estimate                          ? 
_reflns.entry_id                                       7Y3L 
_reflns.data_reduction_details                         ? 
_reflns.data_reduction_method                          ? 
_reflns.d_resolution_high                              2.50 
_reflns.d_resolution_low                               37.06 
_reflns.details                                        ? 
_reflns.limit_h_max                                    ? 
_reflns.limit_h_min                                    ? 
_reflns.limit_k_max                                    ? 
_reflns.limit_k_min                                    ? 
_reflns.limit_l_max                                    ? 
_reflns.limit_l_min                                    ? 
_reflns.number_all                                     ? 
_reflns.number_obs                                     5606 
_reflns.observed_criterion                             ? 
_reflns.observed_criterion_F_max                       ? 
_reflns.observed_criterion_F_min                       ? 
_reflns.observed_criterion_I_max                       ? 
_reflns.observed_criterion_I_min                       ? 
_reflns.observed_criterion_sigma_F                     ? 
_reflns.observed_criterion_sigma_I                     ? 
_reflns.percent_possible_obs                           98.4 
_reflns.R_free_details                                 ? 
_reflns.Rmerge_F_all                                   ? 
_reflns.Rmerge_F_obs                                   ? 
_reflns.Friedel_coverage                               ? 
_reflns.number_gt                                      ? 
_reflns.threshold_expression                           ? 
_reflns.pdbx_redundancy                                6.1 
_reflns.pdbx_Rmerge_I_obs                              ? 
_reflns.pdbx_Rmerge_I_all                              ? 
_reflns.pdbx_Rsym_value                                ? 
_reflns.pdbx_netI_over_av_sigmaI                       ? 
_reflns.pdbx_netI_over_sigmaI                          13.0 
_reflns.pdbx_res_netI_over_av_sigmaI_2                 ? 
_reflns.pdbx_res_netI_over_sigmaI_2                    ? 
_reflns.pdbx_chi_squared                               ? 
_reflns.pdbx_scaling_rejects                           ? 
_reflns.pdbx_d_res_high_opt                            ? 
_reflns.pdbx_d_res_low_opt                             ? 
_reflns.pdbx_d_res_opt_method                          ? 
_reflns.phase_calculation_details                      ? 
_reflns.pdbx_Rrim_I_all                                ? 
_reflns.pdbx_Rpim_I_all                                ? 
_reflns.pdbx_d_opt                                     ? 
_reflns.pdbx_number_measured_all                       ? 
_reflns.pdbx_diffrn_id                                 1 
_reflns.pdbx_ordinal                                   1 
_reflns.pdbx_CC_half                                   0.997 
_reflns.pdbx_CC_star                                   ? 
_reflns.pdbx_R_split                                   ? 
_reflns.pdbx_aniso_diffraction_limit_axis_1_ortho[1]   ? 
_reflns.pdbx_aniso_diffraction_limit_axis_1_ortho[2]   ? 
_reflns.pdbx_aniso_diffraction_limit_axis_1_ortho[3]   ? 
_reflns.pdbx_aniso_diffraction_limit_axis_2_ortho[1]   ? 
_reflns.pdbx_aniso_diffraction_limit_axis_2_ortho[2]   ? 
_reflns.pdbx_aniso_diffraction_limit_axis_2_ortho[3]   ? 
_reflns.pdbx_aniso_diffraction_limit_axis_3_ortho[1]   ? 
_reflns.pdbx_aniso_diffraction_limit_axis_3_ortho[2]   ? 
_reflns.pdbx_aniso_diffraction_limit_axis_3_ortho[3]   ? 
_reflns.pdbx_aniso_diffraction_limit_1                 ? 
_reflns.pdbx_aniso_diffraction_limit_2                 ? 
_reflns.pdbx_aniso_diffraction_limit_3                 ? 
_reflns.pdbx_aniso_B_tensor_eigenvector_1_ortho[1]     ? 
_reflns.pdbx_aniso_B_tensor_eigenvector_1_ortho[2]     ? 
_reflns.pdbx_aniso_B_tensor_eigenvector_1_ortho[3]     ? 
_reflns.pdbx_aniso_B_tensor_eigenvector_2_ortho[1]     ? 
_reflns.pdbx_aniso_B_tensor_eigenvector_2_ortho[2]     ? 
_reflns.pdbx_aniso_B_tensor_eigenvector_2_ortho[3]     ? 
_reflns.pdbx_aniso_B_tensor_eigenvector_3_ortho[1]     ? 
_reflns.pdbx_aniso_B_tensor_eigenvector_3_ortho[2]     ? 
_reflns.pdbx_aniso_B_tensor_eigenvector_3_ortho[3]     ? 
_reflns.pdbx_aniso_B_tensor_eigenvalue_1               ? 
_reflns.pdbx_aniso_B_tensor_eigenvalue_2               ? 
_reflns.pdbx_aniso_B_tensor_eigenvalue_3               ? 
_reflns.pdbx_orthogonalization_convention              ? 
_reflns.pdbx_percent_possible_ellipsoidal              ? 
_reflns.pdbx_percent_possible_spherical                ? 
_reflns.pdbx_percent_possible_ellipsoidal_anomalous    ? 
_reflns.pdbx_percent_possible_spherical_anomalous      ? 
_reflns.pdbx_redundancy_anomalous                      ? 
_reflns.pdbx_CC_half_anomalous                         ? 
_reflns.pdbx_absDiff_over_sigma_anomalous              ? 
_reflns.pdbx_percent_possible_anomalous                ? 
_reflns.pdbx_observed_signal_threshold                 ? 
_reflns.pdbx_signal_type                               ? 
_reflns.pdbx_signal_details                            ? 
_reflns.pdbx_signal_software_id                        ? 
_reflns.pdbx_CC_split_method                           ? 
# 
_reflns_shell.d_res_high                                    2.50 
_reflns_shell.d_res_low                                     2.60 
_reflns_shell.meanI_over_sigI_all                           ? 
_reflns_shell.meanI_over_sigI_obs                           ? 
_reflns_shell.number_measured_all                           ? 
_reflns_shell.number_measured_obs                           ? 
_reflns_shell.number_possible                               ? 
_reflns_shell.number_unique_all                             ? 
_reflns_shell.number_unique_obs                             644 
_reflns_shell.percent_possible_all                          ? 
_reflns_shell.percent_possible_obs                          ? 
_reflns_shell.Rmerge_F_all                                  ? 
_reflns_shell.Rmerge_F_obs                                  ? 
_reflns_shell.Rmerge_I_all                                  ? 
_reflns_shell.Rmerge_I_obs                                  ? 
_reflns_shell.meanI_over_sigI_gt                            ? 
_reflns_shell.meanI_over_uI_all                             ? 
_reflns_shell.meanI_over_uI_gt                              ? 
_reflns_shell.number_measured_gt                            ? 
_reflns_shell.number_unique_gt                              ? 
_reflns_shell.percent_possible_gt                           ? 
_reflns_shell.Rmerge_F_gt                                   ? 
_reflns_shell.Rmerge_I_gt                                   ? 
_reflns_shell.pdbx_redundancy                               ? 
_reflns_shell.pdbx_Rsym_value                               ? 
_reflns_shell.pdbx_chi_squared                              ? 
_reflns_shell.pdbx_netI_over_sigmaI_all                     ? 
_reflns_shell.pdbx_netI_over_sigmaI_obs                     ? 
_reflns_shell.pdbx_Rrim_I_all                               ? 
_reflns_shell.pdbx_Rpim_I_all                               ? 
_reflns_shell.pdbx_rejects                                  ? 
_reflns_shell.pdbx_ordinal                                  1 
_reflns_shell.pdbx_diffrn_id                                1 
_reflns_shell.pdbx_CC_half                                  0.979 
_reflns_shell.pdbx_CC_star                                  ? 
_reflns_shell.pdbx_R_split                                  ? 
_reflns_shell.pdbx_percent_possible_ellipsoidal             ? 
_reflns_shell.pdbx_percent_possible_spherical               ? 
_reflns_shell.pdbx_percent_possible_ellipsoidal_anomalous   ? 
_reflns_shell.pdbx_percent_possible_spherical_anomalous     ? 
_reflns_shell.pdbx_redundancy_anomalous                     ? 
_reflns_shell.pdbx_CC_half_anomalous                        ? 
_reflns_shell.pdbx_absDiff_over_sigma_anomalous             ? 
_reflns_shell.pdbx_percent_possible_anomalous               ? 
# 
_refine.aniso_B[1][1]                            ? 
_refine.aniso_B[1][2]                            ? 
_refine.aniso_B[1][3]                            ? 
_refine.aniso_B[2][2]                            ? 
_refine.aniso_B[2][3]                            ? 
_refine.aniso_B[3][3]                            ? 
_refine.B_iso_max                                103.940 
_refine.B_iso_mean                               39.3404 
_refine.B_iso_min                                18.320 
_refine.correlation_coeff_Fo_to_Fc               ? 
_refine.correlation_coeff_Fo_to_Fc_free          ? 
_refine.details                                  ? 
_refine.diff_density_max                         ? 
_refine.diff_density_max_esd                     ? 
_refine.diff_density_min                         ? 
_refine.diff_density_min_esd                     ? 
_refine.diff_density_rms                         ? 
_refine.diff_density_rms_esd                     ? 
_refine.entry_id                                 7Y3L 
_refine.pdbx_refine_id                           'X-RAY DIFFRACTION' 
_refine.ls_abs_structure_details                 ? 
_refine.ls_abs_structure_Flack                   ? 
_refine.ls_abs_structure_Flack_esd               ? 
_refine.ls_abs_structure_Rogers                  ? 
_refine.ls_abs_structure_Rogers_esd              ? 
_refine.ls_d_res_high                            2.5000 
_refine.ls_d_res_low                             37.0560 
_refine.ls_extinction_coef                       ? 
_refine.ls_extinction_coef_esd                   ? 
_refine.ls_extinction_expression                 ? 
_refine.ls_extinction_method                     ? 
_refine.ls_goodness_of_fit_all                   ? 
_refine.ls_goodness_of_fit_all_esd               ? 
_refine.ls_goodness_of_fit_obs                   ? 
_refine.ls_goodness_of_fit_obs_esd               ? 
_refine.ls_hydrogen_treatment                    ? 
_refine.ls_matrix_type                           ? 
_refine.ls_number_constraints                    ? 
_refine.ls_number_parameters                     ? 
_refine.ls_number_reflns_all                     ? 
_refine.ls_number_reflns_obs                     5579 
_refine.ls_number_reflns_R_free                  262 
_refine.ls_number_reflns_R_work                  5317 
_refine.ls_number_restraints                     ? 
_refine.ls_percent_reflns_obs                    97.5900 
_refine.ls_percent_reflns_R_free                 4.7000 
_refine.ls_R_factor_all                          ? 
_refine.ls_R_factor_obs                          0.2197 
_refine.ls_R_factor_R_free                       0.2604 
_refine.ls_R_factor_R_free_error                 ? 
_refine.ls_R_factor_R_free_error_details         ? 
_refine.ls_R_factor_R_work                       0.2174 
_refine.ls_R_Fsqd_factor_obs                     ? 
_refine.ls_R_I_factor_obs                        ? 
_refine.ls_redundancy_reflns_all                 ? 
_refine.ls_redundancy_reflns_obs                 ? 
_refine.ls_restrained_S_all                      ? 
_refine.ls_restrained_S_obs                      ? 
_refine.ls_shift_over_esd_max                    ? 
_refine.ls_shift_over_esd_mean                   ? 
_refine.ls_structure_factor_coef                 ? 
_refine.ls_weighting_details                     ? 
_refine.ls_weighting_scheme                      ? 
_refine.ls_wR_factor_all                         ? 
_refine.ls_wR_factor_obs                         ? 
_refine.ls_wR_factor_R_free                      ? 
_refine.ls_wR_factor_R_work                      ? 
_refine.occupancy_max                            ? 
_refine.occupancy_min                            ? 
_refine.solvent_model_details                    'FLAT BULK SOLVENT MODEL' 
_refine.solvent_model_param_bsol                 ? 
_refine.solvent_model_param_ksol                 ? 
_refine.pdbx_R_complete                          ? 
_refine.ls_R_factor_gt                           ? 
_refine.ls_goodness_of_fit_gt                    ? 
_refine.ls_goodness_of_fit_ref                   ? 
_refine.ls_shift_over_su_max                     ? 
_refine.ls_shift_over_su_max_lt                  ? 
_refine.ls_shift_over_su_mean                    ? 
_refine.ls_shift_over_su_mean_lt                 ? 
_refine.pdbx_ls_sigma_I                          ? 
_refine.pdbx_ls_sigma_F                          1.340 
_refine.pdbx_ls_sigma_Fsqd                       ? 
_refine.pdbx_data_cutoff_high_absF               ? 
_refine.pdbx_data_cutoff_high_rms_absF           ? 
_refine.pdbx_data_cutoff_low_absF                ? 
_refine.pdbx_isotropic_thermal_model             ? 
_refine.pdbx_ls_cross_valid_method               THROUGHOUT 
_refine.pdbx_method_to_determine_struct          'MOLECULAR REPLACEMENT' 
_refine.pdbx_starting_model                      7Y3I 
_refine.pdbx_stereochemistry_target_values       ML 
_refine.pdbx_R_Free_selection_details            ? 
_refine.pdbx_stereochem_target_val_spec_case     ? 
_refine.pdbx_overall_ESU_R                       ? 
_refine.pdbx_overall_ESU_R_Free                  ? 
_refine.pdbx_solvent_vdw_probe_radii             1.1100 
_refine.pdbx_solvent_ion_probe_radii             ? 
_refine.pdbx_solvent_shrinkage_radii             0.9000 
_refine.pdbx_real_space_R                        ? 
_refine.pdbx_density_correlation                 ? 
_refine.pdbx_pd_number_of_powder_patterns        ? 
_refine.pdbx_pd_number_of_points                 ? 
_refine.pdbx_pd_meas_number_of_points            ? 
_refine.pdbx_pd_proc_ls_prof_R_factor            ? 
_refine.pdbx_pd_proc_ls_prof_wR_factor           ? 
_refine.pdbx_pd_Marquardt_correlation_coeff      ? 
_refine.pdbx_pd_Fsqrd_R_factor                   ? 
_refine.pdbx_pd_ls_matrix_band_width             ? 
_refine.pdbx_overall_phase_error                 23.6000 
_refine.pdbx_overall_SU_R_free_Cruickshank_DPI   ? 
_refine.pdbx_overall_SU_R_free_Blow_DPI          ? 
_refine.pdbx_overall_SU_R_Blow_DPI               ? 
_refine.pdbx_TLS_residual_ADP_flag               ? 
_refine.pdbx_diffrn_id                           1 
_refine.overall_SU_B                             ? 
_refine.overall_SU_ML                            0.3500 
_refine.overall_SU_R_Cruickshank_DPI             ? 
_refine.overall_SU_R_free                        ? 
_refine.overall_FOM_free_R_set                   ? 
_refine.overall_FOM_work_R_set                   ? 
_refine.pdbx_average_fsc_overall                 ? 
_refine.pdbx_average_fsc_work                    ? 
_refine.pdbx_average_fsc_free                    ? 
# 
_refine_hist.pdbx_refine_id                   'X-RAY DIFFRACTION' 
_refine_hist.cycle_id                         final 
_refine_hist.details                          ? 
_refine_hist.d_res_high                       2.5000 
_refine_hist.d_res_low                        37.0560 
_refine_hist.number_atoms_solvent             36 
_refine_hist.number_atoms_total               969 
_refine_hist.number_reflns_all                ? 
_refine_hist.number_reflns_obs                ? 
_refine_hist.number_reflns_R_free             ? 
_refine_hist.number_reflns_R_work             ? 
_refine_hist.R_factor_all                     ? 
_refine_hist.R_factor_obs                     ? 
_refine_hist.R_factor_R_free                  ? 
_refine_hist.R_factor_R_work                  ? 
_refine_hist.pdbx_number_residues_total       81 
_refine_hist.pdbx_B_iso_mean_ligand           34.76 
_refine_hist.pdbx_B_iso_mean_solvent          38.88 
_refine_hist.pdbx_number_atoms_protein        439 
_refine_hist.pdbx_number_atoms_nucleic_acid   492 
_refine_hist.pdbx_number_atoms_ligand         2 
_refine_hist.pdbx_number_atoms_lipid          ? 
_refine_hist.pdbx_number_atoms_carb           ? 
_refine_hist.pdbx_pseudo_atom_details         ? 
# 
loop_
_refine_ls_shell.pdbx_refine_id 
_refine_ls_shell.d_res_high 
_refine_ls_shell.d_res_low 
_refine_ls_shell.number_reflns_all 
_refine_ls_shell.number_reflns_obs 
_refine_ls_shell.number_reflns_R_free 
_refine_ls_shell.number_reflns_R_work 
_refine_ls_shell.percent_reflns_obs 
_refine_ls_shell.percent_reflns_R_free 
_refine_ls_shell.R_factor_all 
_refine_ls_shell.R_factor_obs 
_refine_ls_shell.R_factor_R_free 
_refine_ls_shell.R_factor_R_free_error 
_refine_ls_shell.R_factor_R_work 
_refine_ls_shell.redundancy_reflns_all 
_refine_ls_shell.redundancy_reflns_obs 
_refine_ls_shell.wR_factor_all 
_refine_ls_shell.wR_factor_obs 
_refine_ls_shell.wR_factor_R_free 
_refine_ls_shell.wR_factor_R_work 
_refine_ls_shell.pdbx_R_complete 
_refine_ls_shell.pdbx_total_number_of_bins_used 
_refine_ls_shell.pdbx_phase_error 
_refine_ls_shell.pdbx_fsc_work 
_refine_ls_shell.pdbx_fsc_free 
'X-RAY DIFFRACTION' 2.5001 3.1496  . . 130 2646 98.0000 . . . 0.3548 0.0000 0.2693 . . . . . . . . . . . 
'X-RAY DIFFRACTION' 3.1496 37.0560 . . 132 2671 97.0000 . . . 0.2270 0.0000 0.1985 . . . . . . . . . . . 
# 
_struct.entry_id                     7Y3L 
_struct.title                        'Structure of SALL3 ZFC4 bound with 12 bp AT-rich dsDNA' 
_struct.pdbx_model_details           ? 
_struct.pdbx_formula_weight          ? 
_struct.pdbx_formula_weight_method   ? 
_struct.pdbx_model_type_details      ? 
_struct.pdbx_CASP_flag               N 
# 
_struct_keywords.entry_id        7Y3L 
_struct_keywords.text            'SALL3, zinc finger, DNA, DNA BINDING PROTEIN, DNA BINDING PROTEIN-DNA complex' 
_struct_keywords.pdbx_keywords   'DNA BINDING PROTEIN/DNA' 
# 
loop_
_struct_asym.id 
_struct_asym.pdbx_blank_PDB_chainid_flag 
_struct_asym.pdbx_modified 
_struct_asym.entity_id 
_struct_asym.details 
A N N 1 ? 
B N N 2 ? 
C N N 3 ? 
D N N 4 ? 
E N N 4 ? 
F N N 5 ? 
G N N 5 ? 
H N N 5 ? 
# 
loop_
_struct_conf.conf_type_id 
_struct_conf.id 
_struct_conf.pdbx_PDB_helix_id 
_struct_conf.beg_label_comp_id 
_struct_conf.beg_label_asym_id 
_struct_conf.beg_label_seq_id 
_struct_conf.pdbx_beg_PDB_ins_code 
_struct_conf.end_label_comp_id 
_struct_conf.end_label_asym_id 
_struct_conf.end_label_seq_id 
_struct_conf.pdbx_end_PDB_ins_code 
_struct_conf.beg_auth_comp_id 
_struct_conf.beg_auth_asym_id 
_struct_conf.beg_auth_seq_id 
_struct_conf.end_auth_comp_id 
_struct_conf.end_auth_asym_id 
_struct_conf.end_auth_seq_id 
_struct_conf.pdbx_PDB_helix_class 
_struct_conf.details 
_struct_conf.pdbx_PDB_helix_length 
HELX_P HELX_P1 AA1 SER A 26 ? GLY A 39 ? SER A 1124 GLY A 1137 1 ? 14 
HELX_P HELX_P2 AA2 THR A 54 ? THR A 64 ? THR A 1152 THR A 1162 1 ? 11 
# 
_struct_conf_type.id          HELX_P 
_struct_conf_type.criteria    ? 
_struct_conf_type.reference   ? 
# 
loop_
_struct_conn.id 
_struct_conn.conn_type_id 
_struct_conn.pdbx_leaving_atom_flag 
_struct_conn.pdbx_PDB_id 
_struct_conn.ptnr1_label_asym_id 
_struct_conn.ptnr1_label_comp_id 
_struct_conn.ptnr1_label_seq_id 
_struct_conn.ptnr1_label_atom_id 
_struct_conn.pdbx_ptnr1_label_alt_id 
_struct_conn.pdbx_ptnr1_PDB_ins_code 
_struct_conn.pdbx_ptnr1_standard_comp_id 
_struct_conn.ptnr1_symmetry 
_struct_conn.ptnr2_label_asym_id 
_struct_conn.ptnr2_label_comp_id 
_struct_conn.ptnr2_label_seq_id 
_struct_conn.ptnr2_label_atom_id 
_struct_conn.pdbx_ptnr2_label_alt_id 
_struct_conn.pdbx_ptnr2_PDB_ins_code 
_struct_conn.ptnr1_auth_asym_id 
_struct_conn.ptnr1_auth_comp_id 
_struct_conn.ptnr1_auth_seq_id 
_struct_conn.ptnr2_auth_asym_id 
_struct_conn.ptnr2_auth_comp_id 
_struct_conn.ptnr2_auth_seq_id 
_struct_conn.ptnr2_symmetry 
_struct_conn.pdbx_ptnr3_label_atom_id 
_struct_conn.pdbx_ptnr3_label_seq_id 
_struct_conn.pdbx_ptnr3_label_comp_id 
_struct_conn.pdbx_ptnr3_label_asym_id 
_struct_conn.pdbx_ptnr3_label_alt_id 
_struct_conn.pdbx_ptnr3_PDB_ins_code 
_struct_conn.details 
_struct_conn.pdbx_dist_value 
_struct_conn.pdbx_value_order 
_struct_conn.pdbx_role 
metalc1  metalc ? ? A CYS 17 SG  ? ? ? 1_555 D ZN .  ZN ? ? A CYS 1115 A ZN 1201 1_555 ? ? ? ? ? ? ?            2.231 ? ? 
metalc2  metalc ? ? A CYS 20 SG  ? ? ? 1_555 D ZN .  ZN ? ? A CYS 1118 A ZN 1201 1_555 ? ? ? ? ? ? ?            2.253 ? ? 
metalc3  metalc ? ? A HIS 33 NE2 ? ? ? 1_555 D ZN .  ZN ? ? A HIS 1131 A ZN 1201 1_555 ? ? ? ? ? ? ?            2.173 ? ? 
metalc4  metalc ? ? A HIS 37 NE2 ? ? ? 1_555 D ZN .  ZN ? ? A HIS 1135 A ZN 1201 1_555 ? ? ? ? ? ? ?            1.838 ? ? 
metalc5  metalc ? ? A CYS 45 SG  ? ? ? 1_555 E ZN .  ZN ? ? A CYS 1143 A ZN 1202 1_555 ? ? ? ? ? ? ?            2.251 ? ? 
metalc6  metalc ? ? A CYS 48 SG  ? ? ? 1_555 E ZN .  ZN ? ? A CYS 1146 A ZN 1202 1_555 ? ? ? ? ? ? ?            2.187 ? ? 
metalc7  metalc ? ? A HIS 61 NE2 ? ? ? 1_555 E ZN .  ZN ? ? A HIS 1159 A ZN 1202 1_555 ? ? ? ? ? ? ?            1.978 ? ? 
metalc8  metalc ? ? A HIS 65 NE2 ? ? ? 1_555 E ZN .  ZN ? ? A HIS 1163 A ZN 1202 1_555 ? ? ? ? ? ? ?            2.152 ? ? 
hydrog1  hydrog ? ? B DG  1  N1  ? ? ? 1_555 C DC 12 N3 ? ? G DG  1    H DC 12   1_555 ? ? ? ? ? ? WATSON-CRICK ?     ? ? 
hydrog2  hydrog ? ? B DG  1  N2  ? ? ? 1_555 C DC 12 O2 ? ? G DG  1    H DC 12   1_555 ? ? ? ? ? ? WATSON-CRICK ?     ? ? 
hydrog3  hydrog ? ? B DG  1  O6  ? ? ? 1_555 C DC 12 N4 ? ? G DG  1    H DC 12   1_555 ? ? ? ? ? ? WATSON-CRICK ?     ? ? 
hydrog4  hydrog ? ? B DG  2  N1  ? ? ? 1_555 C DC 11 N3 ? ? G DG  2    H DC 11   1_555 ? ? ? ? ? ? WATSON-CRICK ?     ? ? 
hydrog5  hydrog ? ? B DG  2  N2  ? ? ? 1_555 C DC 11 O2 ? ? G DG  2    H DC 11   1_555 ? ? ? ? ? ? WATSON-CRICK ?     ? ? 
hydrog6  hydrog ? ? B DG  2  O6  ? ? ? 1_555 C DC 11 N4 ? ? G DG  2    H DC 11   1_555 ? ? ? ? ? ? WATSON-CRICK ?     ? ? 
hydrog7  hydrog ? ? B DA  3  N1  ? ? ? 1_555 C DT 10 N3 ? ? G DA  3    H DT 10   1_555 ? ? ? ? ? ? WATSON-CRICK ?     ? ? 
hydrog8  hydrog ? ? B DA  3  N6  ? ? ? 1_555 C DT 10 O4 ? ? G DA  3    H DT 10   1_555 ? ? ? ? ? ? WATSON-CRICK ?     ? ? 
hydrog9  hydrog ? ? B DA  4  N1  ? ? ? 1_555 C DT 9  N3 ? ? G DA  4    H DT 9    1_555 ? ? ? ? ? ? WATSON-CRICK ?     ? ? 
hydrog10 hydrog ? ? B DA  4  N6  ? ? ? 1_555 C DT 9  O4 ? ? G DA  4    H DT 9    1_555 ? ? ? ? ? ? WATSON-CRICK ?     ? ? 
hydrog11 hydrog ? ? B DA  5  N1  ? ? ? 1_555 C DT 8  N3 ? ? G DA  5    H DT 8    1_555 ? ? ? ? ? ? WATSON-CRICK ?     ? ? 
hydrog12 hydrog ? ? B DA  5  N6  ? ? ? 1_555 C DT 8  O4 ? ? G DA  5    H DT 8    1_555 ? ? ? ? ? ? WATSON-CRICK ?     ? ? 
hydrog13 hydrog ? ? B DT  6  N3  ? ? ? 1_555 C DA 7  N1 ? ? G DT  6    H DA 7    1_555 ? ? ? ? ? ? WATSON-CRICK ?     ? ? 
hydrog14 hydrog ? ? B DT  6  O4  ? ? ? 1_555 C DA 7  N6 ? ? G DT  6    H DA 7    1_555 ? ? ? ? ? ? WATSON-CRICK ?     ? ? 
hydrog15 hydrog ? ? B DA  7  N1  ? ? ? 1_555 C DT 6  N3 ? ? G DA  7    H DT 6    1_555 ? ? ? ? ? ? WATSON-CRICK ?     ? ? 
hydrog16 hydrog ? ? B DA  7  N6  ? ? ? 1_555 C DT 6  O4 ? ? G DA  7    H DT 6    1_555 ? ? ? ? ? ? WATSON-CRICK ?     ? ? 
hydrog17 hydrog ? ? B DT  8  N3  ? ? ? 1_555 C DA 5  N1 ? ? G DT  8    H DA 5    1_555 ? ? ? ? ? ? WATSON-CRICK ?     ? ? 
hydrog18 hydrog ? ? B DT  8  O4  ? ? ? 1_555 C DA 5  N6 ? ? G DT  8    H DA 5    1_555 ? ? ? ? ? ? WATSON-CRICK ?     ? ? 
hydrog19 hydrog ? ? B DT  9  N3  ? ? ? 1_555 C DA 4  N1 ? ? G DT  9    H DA 4    1_555 ? ? ? ? ? ? WATSON-CRICK ?     ? ? 
hydrog20 hydrog ? ? B DT  9  O4  ? ? ? 1_555 C DA 4  N6 ? ? G DT  9    H DA 4    1_555 ? ? ? ? ? ? WATSON-CRICK ?     ? ? 
hydrog21 hydrog ? ? B DA  10 N1  ? ? ? 1_555 C DT 3  N3 ? ? G DA  10   H DT 3    1_555 ? ? ? ? ? ? WATSON-CRICK ?     ? ? 
hydrog22 hydrog ? ? B DA  10 N6  ? ? ? 1_555 C DT 3  O4 ? ? G DA  10   H DT 3    1_555 ? ? ? ? ? ? WATSON-CRICK ?     ? ? 
hydrog23 hydrog ? ? B DC  11 N3  ? ? ? 1_555 C DG 2  N1 ? ? G DC  11   H DG 2    1_555 ? ? ? ? ? ? WATSON-CRICK ?     ? ? 
hydrog24 hydrog ? ? B DC  11 N4  ? ? ? 1_555 C DG 2  O6 ? ? G DC  11   H DG 2    1_555 ? ? ? ? ? ? WATSON-CRICK ?     ? ? 
hydrog25 hydrog ? ? B DC  11 O2  ? ? ? 1_555 C DG 2  N2 ? ? G DC  11   H DG 2    1_555 ? ? ? ? ? ? WATSON-CRICK ?     ? ? 
hydrog26 hydrog ? ? B DC  12 N3  ? ? ? 1_555 C DG 1  N1 ? ? G DC  12   H DG 1    1_555 ? ? ? ? ? ? WATSON-CRICK ?     ? ? 
hydrog27 hydrog ? ? B DC  12 N4  ? ? ? 1_555 C DG 1  O6 ? ? G DC  12   H DG 1    1_555 ? ? ? ? ? ? WATSON-CRICK ?     ? ? 
hydrog28 hydrog ? ? B DC  12 O2  ? ? ? 1_555 C DG 1  N2 ? ? G DC  12   H DG 1    1_555 ? ? ? ? ? ? WATSON-CRICK ?     ? ? 
# 
loop_
_struct_conn_type.id 
_struct_conn_type.criteria 
_struct_conn_type.reference 
metalc ? ? 
hydrog ? ? 
# 
loop_
_struct_sheet.id 
_struct_sheet.type 
_struct_sheet.number_strands 
_struct_sheet.details 
AA1 ? 2 ? 
AA2 ? 2 ? 
# 
loop_
_struct_sheet_order.sheet_id 
_struct_sheet_order.range_id_1 
_struct_sheet_order.range_id_2 
_struct_sheet_order.offset 
_struct_sheet_order.sense 
AA1 1 2 ? anti-parallel 
AA2 1 2 ? anti-parallel 
# 
loop_
_struct_sheet_range.sheet_id 
_struct_sheet_range.id 
_struct_sheet_range.beg_label_comp_id 
_struct_sheet_range.beg_label_asym_id 
_struct_sheet_range.beg_label_seq_id 
_struct_sheet_range.pdbx_beg_PDB_ins_code 
_struct_sheet_range.end_label_comp_id 
_struct_sheet_range.end_label_asym_id 
_struct_sheet_range.end_label_seq_id 
_struct_sheet_range.pdbx_end_PDB_ins_code 
_struct_sheet_range.beg_auth_comp_id 
_struct_sheet_range.beg_auth_asym_id 
_struct_sheet_range.beg_auth_seq_id 
_struct_sheet_range.end_auth_comp_id 
_struct_sheet_range.end_auth_asym_id 
_struct_sheet_range.end_auth_seq_id 
AA1 1 HIS A 15 ? ASN A 16 ? HIS A 1113 ASN A 1114 
AA1 2 THR A 23 ? PHE A 24 ? THR A 1121 PHE A 1122 
AA2 1 PHE A 43 ? GLY A 44 ? PHE A 1141 GLY A 1142 
AA2 2 ALA A 51 ? PHE A 52 ? ALA A 1149 PHE A 1150 
# 
loop_
_pdbx_struct_sheet_hbond.sheet_id 
_pdbx_struct_sheet_hbond.range_id_1 
_pdbx_struct_sheet_hbond.range_id_2 
_pdbx_struct_sheet_hbond.range_1_label_atom_id 
_pdbx_struct_sheet_hbond.range_1_label_comp_id 
_pdbx_struct_sheet_hbond.range_1_label_asym_id 
_pdbx_struct_sheet_hbond.range_1_label_seq_id 
_pdbx_struct_sheet_hbond.range_1_PDB_ins_code 
_pdbx_struct_sheet_hbond.range_1_auth_atom_id 
_pdbx_struct_sheet_hbond.range_1_auth_comp_id 
_pdbx_struct_sheet_hbond.range_1_auth_asym_id 
_pdbx_struct_sheet_hbond.range_1_auth_seq_id 
_pdbx_struct_sheet_hbond.range_2_label_atom_id 
_pdbx_struct_sheet_hbond.range_2_label_comp_id 
_pdbx_struct_sheet_hbond.range_2_label_asym_id 
_pdbx_struct_sheet_hbond.range_2_label_seq_id 
_pdbx_struct_sheet_hbond.range_2_PDB_ins_code 
_pdbx_struct_sheet_hbond.range_2_auth_atom_id 
_pdbx_struct_sheet_hbond.range_2_auth_comp_id 
_pdbx_struct_sheet_hbond.range_2_auth_asym_id 
_pdbx_struct_sheet_hbond.range_2_auth_seq_id 
AA1 1 2 N HIS A 15 ? N HIS A 1113 O PHE A 24 ? O PHE A 1122 
AA2 1 2 N PHE A 43 ? N PHE A 1141 O PHE A 52 ? O PHE A 1150 
# 
_atom_sites.entry_id                    7Y3L 
_atom_sites.Cartn_transf_matrix[1][1]   ? 
_atom_sites.Cartn_transf_matrix[1][2]   ? 
_atom_sites.Cartn_transf_matrix[1][3]   ? 
_atom_sites.Cartn_transf_matrix[2][1]   ? 
_atom_sites.Cartn_transf_matrix[2][2]   ? 
_atom_sites.Cartn_transf_matrix[2][3]   ? 
_atom_sites.Cartn_transf_matrix[3][1]   ? 
_atom_sites.Cartn_transf_matrix[3][2]   ? 
_atom_sites.Cartn_transf_matrix[3][3]   ? 
_atom_sites.Cartn_transf_vector[1]      ? 
_atom_sites.Cartn_transf_vector[2]      ? 
_atom_sites.Cartn_transf_vector[3]      ? 
_atom_sites.fract_transf_matrix[1][1]   -0.00485724 
_atom_sites.fract_transf_matrix[1][2]   -0.00780086 
_atom_sites.fract_transf_matrix[1][3]   -0.00058963 
_atom_sites.fract_transf_matrix[2][1]   0.01928569 
_atom_sites.fract_transf_matrix[2][2]   -0.01108683 
_atom_sites.fract_transf_matrix[2][3]   -0.01219135 
_atom_sites.fract_transf_matrix[3][1]   0.00672396 
_atom_sites.fract_transf_matrix[3][2]   -0.01318671 
_atom_sites.fract_transf_matrix[3][3]   0.02262876 
_atom_sites.fract_transf_vector[1]      -0.081444 
_atom_sites.fract_transf_vector[2]      -0.112232 
_atom_sites.fract_transf_vector[3]      0.398753 
_atom_sites.solution_primary            ? 
_atom_sites.solution_secondary          ? 
_atom_sites.solution_hydrogens          ? 
_atom_sites.special_details             ? 
# 
loop_
_atom_type.symbol 
C  
N  
O  
P  
S  
ZN 
# 
loop_
_atom_site.group_PDB 
_atom_site.id 
_atom_site.type_symbol 
_atom_site.label_atom_id 
_atom_site.label_alt_id 
_atom_site.label_comp_id 
_atom_site.label_asym_id 
_atom_site.label_entity_id 
_atom_site.label_seq_id 
_atom_site.pdbx_PDB_ins_code 
_atom_site.Cartn_x 
_atom_site.Cartn_y 
_atom_site.Cartn_z 
_atom_site.occupancy 
_atom_site.B_iso_or_equiv 
_atom_site.pdbx_formal_charge 
_atom_site.auth_seq_id 
_atom_site.auth_comp_id 
_atom_site.auth_asym_id 
_atom_site.auth_atom_id 
_atom_site.pdbx_PDB_model_num 
ATOM   1   N  N     . LYS A 1 13 ? -2.249  14.086  19.290  1.00 73.57  ? 1111 LYS A N     1 
ATOM   2   C  CA    . LYS A 1 13 ? -1.569  12.859  19.705  1.00 77.48  ? 1111 LYS A CA    1 
ATOM   3   C  C     . LYS A 1 13 ? -0.806  12.245  18.524  1.00 74.47  ? 1111 LYS A C     1 
ATOM   4   O  O     . LYS A 1 13 ? -0.987  12.665  17.374  1.00 68.99  ? 1111 LYS A O     1 
ATOM   5   C  CB    . LYS A 1 13 ? -2.574  11.858  20.285  1.00 72.68  ? 1111 LYS A CB    1 
ATOM   6   C  CG    . LYS A 1 13 ? -1.961  10.744  21.115  1.00 59.64  ? 1111 LYS A CG    1 
ATOM   7   C  CD    . LYS A 1 13 ? -2.240  9.400   20.477  1.00 62.70  ? 1111 LYS A CD    1 
ATOM   8   C  CE    . LYS A 1 13 ? -3.706  9.278   20.094  1.00 63.55  ? 1111 LYS A CE    1 
ATOM   9   N  NZ    . LYS A 1 13 ? -4.012  7.955   19.478  1.00 64.83  ? 1111 LYS A NZ    1 
ATOM   10  N  N     . GLN A 1 14 ? 0.044   11.255  18.812  1.00 77.06  ? 1112 GLN A N     1 
ATOM   11  C  CA    . GLN A 1 14 ? 0.924   10.649  17.819  1.00 75.60  ? 1112 GLN A CA    1 
ATOM   12  C  C     . GLN A 1 14 ? 0.672   9.152   17.701  1.00 63.31  ? 1112 GLN A C     1 
ATOM   13  O  O     . GLN A 1 14 ? 0.230   8.497   18.654  1.00 57.80  ? 1112 GLN A O     1 
ATOM   14  C  CB    . GLN A 1 14 ? 2.394   10.900  18.158  1.00 71.95  ? 1112 GLN A CB    1 
ATOM   15  C  CG    . GLN A 1 14 ? 2.927   12.180  17.547  1.00 75.02  ? 1112 GLN A CG    1 
ATOM   16  C  CD    . GLN A 1 14 ? 4.331   12.476  17.999  1.00 77.71  ? 1112 GLN A CD    1 
ATOM   17  O  OE1   . GLN A 1 14 ? 4.921   11.702  18.755  1.00 79.51  ? 1112 GLN A OE1   1 
ATOM   18  N  NE2   . GLN A 1 14 ? 4.876   13.606  17.552  1.00 74.08  ? 1112 GLN A NE2   1 
ATOM   19  N  N     . HIS A 1 15 ? 0.972   8.625   16.513  1.00 54.53  ? 1113 HIS A N     1 
ATOM   20  C  CA    . HIS A 1 15 ? 0.698   7.235   16.151  1.00 53.18  ? 1113 HIS A CA    1 
ATOM   21  C  C     . HIS A 1 15 ? 2.016   6.574   15.768  1.00 44.77  ? 1113 HIS A C     1 
ATOM   22  O  O     . HIS A 1 15 ? 2.483   6.680   14.629  1.00 46.71  ? 1113 HIS A O     1 
ATOM   23  C  CB    . HIS A 1 15 ? -0.329  7.173   15.030  1.00 48.02  ? 1113 HIS A CB    1 
ATOM   24  C  CG    . HIS A 1 15 ? -1.587  7.911   15.346  1.00 45.90  ? 1113 HIS A CG    1 
ATOM   25  N  ND1   . HIS A 1 15 ? -1.660  9.290   15.346  1.00 47.62  ? 1113 HIS A ND1   1 
ATOM   26  C  CD2   . HIS A 1 15 ? -2.816  7.470   15.706  1.00 47.76  ? 1113 HIS A CD2   1 
ATOM   27  C  CE1   . HIS A 1 15 ? -2.880  9.665   15.681  1.00 42.80  ? 1113 HIS A CE1   1 
ATOM   28  N  NE2   . HIS A 1 15 ? -3.602  8.581   15.903  1.00 43.24  ? 1113 HIS A NE2   1 
ATOM   29  N  N     . ASN A 1 16 ? 2.622   5.906   16.733  1.00 47.04  ? 1114 ASN A N     1 
ATOM   30  C  CA    . ASN A 1 16 ? 3.949   5.342   16.556  1.00 47.30  ? 1114 ASN A CA    1 
ATOM   31  C  C     . ASN A 1 16 ? 3.837   3.851   16.288  1.00 43.18  ? 1114 ASN A C     1 
ATOM   32  O  O     . ASN A 1 16 ? 3.020   3.158   16.909  1.00 41.29  ? 1114 ASN A O     1 
ATOM   33  C  CB    . ASN A 1 16 ? 4.827   5.608   17.778  1.00 43.69  ? 1114 ASN A CB    1 
ATOM   34  C  CG    . ASN A 1 16 ? 5.102   7.089   17.975  1.00 56.62  ? 1114 ASN A CG    1 
ATOM   35  O  OD1   . ASN A 1 16 ? 6.215   7.570   17.745  1.00 61.36  ? 1114 ASN A OD1   1 
ATOM   36  N  ND2   . ASN A 1 16 ? 4.076   7.826   18.386  1.00 61.84  ? 1114 ASN A ND2   1 
ATOM   37  N  N     . CYS A 1 17 ? 4.645   3.385   15.336  1.00 39.11  ? 1115 CYS A N     1 
ATOM   38  C  CA    . CYS A 1 17 ? 4.699   1.974   14.988  1.00 38.87  ? 1115 CYS A CA    1 
ATOM   39  C  C     . CYS A 1 17 ? 5.246   1.195   16.165  1.00 42.68  ? 1115 CYS A C     1 
ATOM   40  O  O     . CYS A 1 17 ? 6.330   1.516   16.656  1.00 42.77  ? 1115 CYS A O     1 
ATOM   41  C  CB    . CYS A 1 17 ? 5.595   1.776   13.764  1.00 39.47  ? 1115 CYS A CB    1 
ATOM   42  S  SG    . CYS A 1 17 ? 5.677   0.075   13.118  1.00 31.82  ? 1115 CYS A SG    1 
ATOM   43  N  N     . GLN A 1 18 ? 4.502   0.168   16.619  1.00 42.16  ? 1116 GLN A N     1 
ATOM   44  C  CA    . GLN A 1 18 ? 5.001   -0.651  17.726  1.00 45.40  ? 1116 GLN A CA    1 
ATOM   45  C  C     . GLN A 1 18 ? 6.115   -1.604  17.310  1.00 40.52  ? 1116 GLN A C     1 
ATOM   46  O  O     . GLN A 1 18 ? 6.659   -2.312  18.166  1.00 47.01  ? 1116 GLN A O     1 
ATOM   47  C  CB    . GLN A 1 18 ? 3.870   -1.459  18.366  1.00 44.97  ? 1116 GLN A CB    1 
ATOM   48  C  CG    . GLN A 1 18 ? 2.602   -0.686  18.723  1.00 41.10  ? 1116 GLN A CG    1 
ATOM   49  C  CD    . GLN A 1 18 ? 2.862   0.435   19.716  1.00 52.28  ? 1116 GLN A CD    1 
ATOM   50  O  OE1   . GLN A 1 18 ? 3.517   1.434   19.393  1.00 51.79  ? 1116 GLN A OE1   1 
ATOM   51  N  NE2   . GLN A 1 18 ? 2.342   0.281   20.934  1.00 60.55  ? 1116 GLN A NE2   1 
ATOM   52  N  N     . SER A 1 19 ? 6.463   -1.633  16.026  1.00 43.14  ? 1117 SER A N     1 
ATOM   53  C  CA    . SER A 1 19 ? 7.486   -2.524  15.495  1.00 38.42  ? 1117 SER A CA    1 
ATOM   54  C  C     . SER A 1 19 ? 8.793   -1.806  15.186  1.00 43.03  ? 1117 SER A C     1 
ATOM   55  O  O     . SER A 1 19 ? 9.872   -2.304  15.532  1.00 41.94  ? 1117 SER A O     1 
ATOM   56  C  CB    . SER A 1 19 ? 6.963   -3.206  14.233  1.00 30.30  ? 1117 SER A CB    1 
ATOM   57  O  OG    . SER A 1 19 ? 5.991   -4.181  14.586  1.00 35.52  ? 1117 SER A OG    1 
ATOM   58  N  N     . CYS A 1 20 ? 8.735   -0.643  14.538  1.00 33.99  ? 1118 CYS A N     1 
ATOM   59  C  CA    . CYS A 1 20 ? 9.939   0.096   14.183  1.00 35.59  ? 1118 CYS A CA    1 
ATOM   60  C  C     . CYS A 1 20 ? 10.009  1.497   14.780  1.00 38.70  ? 1118 CYS A C     1 
ATOM   61  O  O     . CYS A 1 20 ? 10.959  2.232   14.496  1.00 46.43  ? 1118 CYS A O     1 
ATOM   62  C  CB    . CYS A 1 20 ? 10.051  0.181   12.653  1.00 37.83  ? 1118 CYS A CB    1 
ATOM   63  S  SG    . CYS A 1 20 ? 8.929   1.425   11.953  1.00 39.78  ? 1118 CYS A SG    1 
ATOM   64  N  N     . GLY A 1 21 ? 9.031   1.904   15.571  1.00 39.17  ? 1119 GLY A N     1 
ATOM   65  C  CA    . GLY A 1 21 ? 9.061   3.202   16.195  1.00 41.88  ? 1119 GLY A CA    1 
ATOM   66  C  C     . GLY A 1 21 ? 8.771   4.396   15.301  1.00 40.42  ? 1119 GLY A C     1 
ATOM   67  O  O     . GLY A 1 21 ? 8.400   5.455   15.825  1.00 44.56  ? 1119 GLY A O     1 
ATOM   68  N  N     . LYS A 1 22 ? 8.928   4.277   13.976  1.00 47.14  ? 1120 LYS A N     1 
ATOM   69  C  CA    . LYS A 1 22 ? 8.637   5.391   13.067  1.00 43.18  ? 1120 LYS A CA    1 
ATOM   70  C  C     . LYS A 1 22 ? 7.235   5.938   13.303  1.00 40.90  ? 1120 LYS A C     1 
ATOM   71  O  O     . LYS A 1 22 ? 6.301   5.181   13.580  1.00 43.45  ? 1120 LYS A O     1 
ATOM   72  C  CB    . LYS A 1 22 ? 8.779   4.947   11.607  1.00 39.33  ? 1120 LYS A CB    1 
ATOM   73  C  CG    . LYS A 1 22 ? 10.215  4.663   11.145  1.00 40.72  ? 1120 LYS A CG    1 
ATOM   74  C  CD    . LYS A 1 22 ? 10.327  4.717   9.614   1.00 42.17  ? 1120 LYS A CD    1 
ATOM   75  C  CE    . LYS A 1 22 ? 11.736  4.358   9.096   1.00 43.06  ? 1120 LYS A CE    1 
ATOM   76  N  NZ    . LYS A 1 22 ? 12.698  5.515   9.015   1.00 37.81  ? 1120 LYS A NZ    1 
ATOM   77  N  N     . THR A 1 23 ? 7.091   7.264   13.191  1.00 46.33  ? 1121 THR A N     1 
ATOM   78  C  CA    . THR A 1 23 ? 5.862   7.950   13.575  1.00 47.93  ? 1121 THR A CA    1 
ATOM   79  C  C     . THR A 1 23 ? 5.144   8.529   12.363  1.00 51.14  ? 1121 THR A C     1 
ATOM   80  O  O     . THR A 1 23 ? 5.772   9.060   11.440  1.00 47.52  ? 1121 THR A O     1 
ATOM   81  C  CB    . THR A 1 23 ? 6.128   9.074   14.581  1.00 52.23  ? 1121 THR A CB    1 
ATOM   82  O  OG1   . THR A 1 23 ? 6.820   8.551   15.721  1.00 46.69  ? 1121 THR A OG1   1 
ATOM   83  C  CG2   . THR A 1 23 ? 4.797   9.709   15.047  1.00 51.02  ? 1121 THR A CG2   1 
ATOM   84  N  N     . PHE A 1 24 ? 3.817   8.447   12.386  1.00 48.53  ? 1122 PHE A N     1 
ATOM   85  C  CA    . PHE A 1 24 ? 3.014   8.829   11.247  1.00 38.12  ? 1122 PHE A CA    1 
ATOM   86  C  C     . PHE A 1 24 ? 1.919   9.789   11.688  1.00 50.56  ? 1122 PHE A C     1 
ATOM   87  O  O     . PHE A 1 24 ? 1.672   10.003  12.882  1.00 50.99  ? 1122 PHE A O     1 
ATOM   88  C  CB    . PHE A 1 24 ? 2.454   7.586   10.558  1.00 39.28  ? 1122 PHE A CB    1 
ATOM   89  C  CG    . PHE A 1 24 ? 3.508   6.804   9.844   1.00 41.58  ? 1122 PHE A CG    1 
ATOM   90  C  CD1   . PHE A 1 24 ? 4.305   5.891   10.533  1.00 41.05  ? 1122 PHE A CD1   1 
ATOM   91  C  CD2   . PHE A 1 24 ? 3.758   7.032   8.506   1.00 28.74  ? 1122 PHE A CD2   1 
ATOM   92  C  CE1   . PHE A 1 24 ? 5.317   5.191   9.879   1.00 40.27  ? 1122 PHE A CE1   1 
ATOM   93  C  CE2   . PHE A 1 24 ? 4.749   6.341   7.848   1.00 37.00  ? 1122 PHE A CE2   1 
ATOM   94  C  CZ    . PHE A 1 24 ? 5.542   5.415   8.536   1.00 39.82  ? 1122 PHE A CZ    1 
ATOM   95  N  N     . SER A 1 25 ? 1.315   10.410  10.727  1.00 45.86  ? 1123 SER A N     1 
ATOM   96  C  CA    . SER A 1 25 ? 0.423   11.458  11.041  1.00 48.39  ? 1123 SER A CA    1 
ATOM   97  C  C     . SER A 1 25 ? -0.922  11.076  11.491  1.00 51.12  ? 1123 SER A C     1 
ATOM   98  O  O     . SER A 1 25 ? -1.468  11.754  12.280  1.00 60.18  ? 1123 SER A O     1 
ATOM   99  C  CB    . SER A 1 25 ? 0.396   12.436  9.877   1.00 61.42  ? 1123 SER A CB    1 
ATOM   100 O  OG    . SER A 1 25 ? 0.514   11.781  8.632   1.00 55.70  ? 1123 SER A OG    1 
ATOM   101 N  N     . SER A 1 26 ? -1.432  9.952   11.059  1.00 47.92  ? 1124 SER A N     1 
ATOM   102 C  CA    . SER A 1 26 ? -2.782  9.533   11.405  1.00 44.08  ? 1124 SER A CA    1 
ATOM   103 C  C     . SER A 1 26 ? -2.791  8.049   11.742  1.00 38.67  ? 1124 SER A C     1 
ATOM   104 O  O     . SER A 1 26 ? -1.833  7.315   11.475  1.00 36.93  ? 1124 SER A O     1 
ATOM   105 C  CB    . SER A 1 26 ? -3.757  9.835   10.253  1.00 38.45  ? 1124 SER A CB    1 
ATOM   106 O  OG    . SER A 1 26 ? -3.535  8.951   9.164   1.00 33.17  ? 1124 SER A OG    1 
ATOM   107 N  N     . ALA A 1 27 ? -3.901  7.600   12.319  1.00 37.55  ? 1125 ALA A N     1 
ATOM   108 C  CA    . ALA A 1 27 ? -4.067  6.166   12.524  1.00 39.22  ? 1125 ALA A CA    1 
ATOM   109 C  C     . ALA A 1 27 ? -4.134  5.437   11.189  1.00 36.73  ? 1125 ALA A C     1 
ATOM   110 O  O     . ALA A 1 27 ? -3.536  4.368   11.023  1.00 31.52  ? 1125 ALA A O     1 
ATOM   111 C  CB    . ALA A 1 27 ? -5.319  5.894   13.358  1.00 34.65  ? 1125 ALA A CB    1 
ATOM   112 N  N     . SER A 1 28 ? -4.847  6.015   10.215  1.00 40.19  ? 1126 SER A N     1 
ATOM   113 C  CA    . SER A 1 28 ? -4.963  5.378   8.905   1.00 35.87  ? 1126 SER A CA    1 
ATOM   114 C  C     . SER A 1 28 ? -3.606  5.245   8.241   1.00 29.58  ? 1126 SER A C     1 
ATOM   115 O  O     . SER A 1 28 ? -3.329  4.243   7.575   1.00 32.12  ? 1126 SER A O     1 
ATOM   116 C  CB    . SER A 1 28 ? -5.896  6.188   8.013   1.00 33.54  ? 1126 SER A CB    1 
ATOM   117 O  OG    . SER A 1 28 ? -5.305  7.441   7.742   1.00 32.81  ? 1126 SER A OG    1 
ATOM   118 N  N     . ALA A 1 29 ? -2.748  6.248   8.411   1.00 30.97  ? 1127 ALA A N     1 
ATOM   119 C  CA    . ALA A 1 29 ? -1.461  6.244   7.738   1.00 30.95  ? 1127 ALA A CA    1 
ATOM   120 C  C     . ALA A 1 29 ? -0.511  5.251   8.386   1.00 29.31  ? 1127 ALA A C     1 
ATOM   121 O  O     . ALA A 1 29 ? 0.166   4.487   7.691   1.00 29.69  ? 1127 ALA A O     1 
ATOM   122 C  CB    . ALA A 1 29 ? -0.873  7.654   7.743   1.00 32.84  ? 1127 ALA A CB    1 
ATOM   123 N  N     . LEU A 1 30 ? -0.451  5.245   9.718   1.00 33.45  ? 1128 LEU A N     1 
ATOM   124 C  CA    . LEU A 1 30 ? 0.287   4.211   10.438  1.00 34.17  ? 1128 LEU A CA    1 
ATOM   125 C  C     . LEU A 1 30 ? -0.176  2.821   10.034  1.00 33.09  ? 1128 LEU A C     1 
ATOM   126 O  O     . LEU A 1 30 ? 0.648   1.920   9.846   1.00 34.72  ? 1128 LEU A O     1 
ATOM   127 C  CB    . LEU A 1 30 ? 0.125   4.394   11.948  1.00 36.07  ? 1128 LEU A CB    1 
ATOM   128 C  CG    . LEU A 1 30 ? 0.741   3.296   12.816  1.00 40.60  ? 1128 LEU A CG    1 
ATOM   129 C  CD1   . LEU A 1 30 ? 2.239   3.304   12.648  1.00 35.63  ? 1128 LEU A CD1   1 
ATOM   130 C  CD2   . LEU A 1 30 ? 0.368   3.448   14.282  1.00 35.91  ? 1128 LEU A CD2   1 
ATOM   131 N  N     . GLN A 1 31 ? -1.488  2.629   9.873   1.00 29.38  ? 1129 GLN A N     1 
ATOM   132 C  CA    . GLN A 1 31 ? -1.965  1.311   9.463   1.00 35.46  ? 1129 GLN A CA    1 
ATOM   133 C  C     . GLN A 1 31 ? -1.474  0.934   8.069   1.00 33.46  ? 1129 GLN A C     1 
ATOM   134 O  O     . GLN A 1 31 ? -1.192  -0.240  7.822   1.00 35.32  ? 1129 GLN A O     1 
ATOM   135 C  CB    . GLN A 1 31 ? -3.492  1.238   9.561   1.00 35.10  ? 1129 GLN A CB    1 
ATOM   136 C  CG    . GLN A 1 31 ? -3.938  0.998   11.019  1.00 46.90  ? 1129 GLN A CG    1 
ATOM   137 C  CD    . GLN A 1 31 ? -5.442  1.061   11.239  1.00 51.71  ? 1129 GLN A CD    1 
ATOM   138 O  OE1   . GLN A 1 31 ? -6.135  1.934   10.700  1.00 58.03  ? 1129 GLN A OE1   1 
ATOM   139 N  NE2   . GLN A 1 31 ? -5.957  0.136   12.051  1.00 54.65  ? 1129 GLN A NE2   1 
ATOM   140 N  N     . ILE A 1 32 ? -1.333  1.902   7.152   1.00 34.64  ? 1130 ILE A N     1 
ATOM   141 C  CA    . ILE A 1 32 ? -0.748  1.591   5.847   1.00 30.74  ? 1130 ILE A CA    1 
ATOM   142 C  C     . ILE A 1 32 ? 0.734   1.277   5.998   1.00 29.38  ? 1130 ILE A C     1 
ATOM   143 O  O     . ILE A 1 32 ? 1.249   0.321   5.403   1.00 28.63  ? 1130 ILE A O     1 
ATOM   144 C  CB    . ILE A 1 32 ? -0.993  2.739   4.847   1.00 27.34  ? 1130 ILE A CB    1 
ATOM   145 C  CG1   . ILE A 1 32 ? -2.438  2.709   4.342   1.00 29.16  ? 1130 ILE A CG1   1 
ATOM   146 C  CG2   . ILE A 1 32 ? -0.073  2.644   3.664   1.00 21.65  ? 1130 ILE A CG2   1 
ATOM   147 C  CD1   . ILE A 1 32 ? -2.953  4.075   3.959   1.00 21.60  ? 1130 ILE A CD1   1 
ATOM   148 N  N     . HIS A 1 33 ? 1.439   2.057   6.819   1.00 29.39  ? 1131 HIS A N     1 
ATOM   149 C  CA    . HIS A 1 33 ? 2.847   1.772   7.065   1.00 33.27  ? 1131 HIS A CA    1 
ATOM   150 C  C     . HIS A 1 33 ? 3.060   0.381   7.654   1.00 33.38  ? 1131 HIS A C     1 
ATOM   151 O  O     . HIS A 1 33 ? 4.018   -0.305  7.289   1.00 37.18  ? 1131 HIS A O     1 
ATOM   152 C  CB    . HIS A 1 33 ? 3.454   2.800   8.006   1.00 31.03  ? 1131 HIS A CB    1 
ATOM   153 C  CG    . HIS A 1 33 ? 4.655   2.280   8.720   1.00 31.99  ? 1131 HIS A CG    1 
ATOM   154 N  ND1   . HIS A 1 33 ? 5.887   2.186   8.116   1.00 30.02  ? 1131 HIS A ND1   1 
ATOM   155 C  CD2   . HIS A 1 33 ? 4.809   1.799   9.980   1.00 32.49  ? 1131 HIS A CD2   1 
ATOM   156 C  CE1   . HIS A 1 33 ? 6.755   1.681   8.974   1.00 34.10  ? 1131 HIS A CE1   1 
ATOM   157 N  NE2   . HIS A 1 33 ? 6.127   1.439   10.112  1.00 32.77  ? 1131 HIS A NE2   1 
ATOM   158 N  N     . GLU A 1 34 ? 2.203   -0.039  8.590   1.00 32.47  ? 1132 GLU A N     1 
ATOM   159 C  CA    . GLU A 1 34 ? 2.389   -1.332  9.246   1.00 35.77  ? 1132 GLU A CA    1 
ATOM   160 C  C     . GLU A 1 34 ? 2.354   -2.481  8.251   1.00 31.55  ? 1132 GLU A C     1 
ATOM   161 O  O     . GLU A 1 34 ? 2.895   -3.553  8.535   1.00 33.91  ? 1132 GLU A O     1 
ATOM   162 C  CB    . GLU A 1 34 ? 1.321   -1.548  10.337  1.00 37.97  ? 1132 GLU A CB    1 
ATOM   163 C  CG    . GLU A 1 34 ? 1.670   -0.913  11.679  1.00 37.85  ? 1132 GLU A CG    1 
ATOM   164 C  CD    . GLU A 1 34 ? 0.539   -0.961  12.732  1.00 45.20  ? 1132 GLU A CD    1 
ATOM   165 O  OE1   . GLU A 1 34 ? -0.649  -1.143  12.375  1.00 43.51  ? 1132 GLU A OE1   1 
ATOM   166 O  OE2   . GLU A 1 34 ? 0.854   -0.794  13.934  1.00 45.55  ? 1132 GLU A OE2   1 
ATOM   167 N  N     . ARG A 1 35 ? 1.744   -2.280  7.091   1.00 33.12  ? 1133 ARG A N     1 
ATOM   168 C  CA    . ARG A 1 35 ? 1.722   -3.333  6.082   1.00 36.49  ? 1133 ARG A CA    1 
ATOM   169 C  C     . ARG A 1 35 ? 3.116   -3.746  5.635   1.00 28.64  ? 1133 ARG A C     1 
ATOM   170 O  O     . ARG A 1 35 ? 3.276   -4.837  5.078   1.00 27.35  ? 1133 ARG A O     1 
ATOM   171 C  CB    . ARG A 1 35 ? 0.919   -2.883  4.871   1.00 29.60  ? 1133 ARG A CB    1 
ATOM   172 C  CG    . ARG A 1 35 ? -0.512  -2.575  5.162   1.00 27.67  ? 1133 ARG A CG    1 
ATOM   173 C  CD    . ARG A 1 35 ? -1.241  -2.237  3.859   1.00 30.58  ? 1133 ARG A CD    1 
ATOM   174 N  NE    . ARG A 1 35 ? -2.497  -1.547  4.134   1.00 35.18  ? 1133 ARG A NE    1 
ATOM   175 C  CZ    . ARG A 1 35 ? -3.120  -0.753  3.275   1.00 33.02  ? 1133 ARG A CZ    1 
ATOM   176 N  NH1   . ARG A 1 35 ? -2.615  -0.535  2.062   1.00 35.84  ? 1133 ARG A NH1   1 
ATOM   177 N  NH2   . ARG A 1 35 ? -4.248  -0.171  3.631   1.00 28.88  ? 1133 ARG A NH2   1 
ATOM   178 N  N     . THR A 1 36 ? 4.121   -2.898  5.852   1.00 23.89  ? 1134 THR A N     1 
ATOM   179 C  CA    . THR A 1 36 ? 5.474   -3.257  5.464   1.00 31.33  ? 1134 THR A CA    1 
ATOM   180 C  C     . THR A 1 36 ? 6.071   -4.322  6.383   1.00 36.08  ? 1134 THR A C     1 
ATOM   181 O  O     . THR A 1 36 ? 6.901   -5.116  5.932   1.00 37.92  ? 1134 THR A O     1 
ATOM   182 C  CB    . THR A 1 36 ? 6.363   -2.015  5.443   1.00 33.81  ? 1134 THR A CB    1 
ATOM   183 O  OG1   . THR A 1 36 ? 6.673   -1.633  6.783   1.00 30.79  ? 1134 THR A OG1   1 
ATOM   184 C  CG2   . THR A 1 36 ? 5.654   -0.868  4.757   1.00 36.08  ? 1134 THR A CG2   1 
ATOM   185 N  N     . HIS A 1 37 ? 5.669   -4.370  7.664   1.00 34.81  ? 1135 HIS A N     1 
ATOM   186 C  CA    . HIS A 1 37 ? 6.204   -5.409  8.542   1.00 38.38  ? 1135 HIS A CA    1 
ATOM   187 C  C     . HIS A 1 37 ? 5.556   -6.768  8.297   1.00 40.18  ? 1135 HIS A C     1 
ATOM   188 O  O     . HIS A 1 37 ? 6.221   -7.793  8.472   1.00 42.31  ? 1135 HIS A O     1 
ATOM   189 C  CB    . HIS A 1 37 ? 6.058   -5.017  10.013  1.00 31.19  ? 1135 HIS A CB    1 
ATOM   190 C  CG    . HIS A 1 37 ? 6.711   -3.710  10.353  1.00 38.00  ? 1135 HIS A CG    1 
ATOM   191 N  ND1   . HIS A 1 37 ? 8.060   -3.482  10.170  1.00 34.16  ? 1135 HIS A ND1   1 
ATOM   192 C  CD2   . HIS A 1 37 ? 6.199   -2.554  10.840  1.00 31.87  ? 1135 HIS A CD2   1 
ATOM   193 C  CE1   . HIS A 1 37 ? 8.351   -2.249  10.540  1.00 34.95  ? 1135 HIS A CE1   1 
ATOM   194 N  NE2   . HIS A 1 37 ? 7.240   -1.665  10.950  1.00 36.17  ? 1135 HIS A NE2   1 
ATOM   195 N  N     . THR A 1 38 ? 4.294   -6.820  7.865   1.00 31.06  ? 1136 THR A N     1 
ATOM   196 C  CA    . THR A 1 38 ? 3.669   -8.128  7.721   1.00 29.57  ? 1136 THR A CA    1 
ATOM   197 C  C     . THR A 1 38 ? 3.869   -8.756  6.356   1.00 36.85  ? 1136 THR A C     1 
ATOM   198 O  O     . THR A 1 38 ? 3.717   -9.976  6.226   1.00 31.81  ? 1136 THR A O     1 
ATOM   199 C  CB    . THR A 1 38 ? 2.175   -8.053  7.988   1.00 36.44  ? 1136 THR A CB    1 
ATOM   200 O  OG1   . THR A 1 38 ? 1.502   -7.680  6.784   1.00 43.68  ? 1136 THR A OG1   1 
ATOM   201 C  CG2   . THR A 1 38 ? 1.886   -7.045  9.087   1.00 38.41  ? 1136 THR A CG2   1 
ATOM   202 N  N     . GLY A 1 39 ? 4.201   -7.964  5.341   1.00 39.70  ? 1137 GLY A N     1 
ATOM   203 C  CA    . GLY A 1 39 ? 4.278   -8.467  3.984   1.00 37.19  ? 1137 GLY A CA    1 
ATOM   204 C  C     . GLY A 1 39 ? 2.957   -8.578  3.256   1.00 33.17  ? 1137 GLY A C     1 
ATOM   205 O  O     . GLY A 1 39 ? 2.938   -9.047  2.110   1.00 36.86  ? 1137 GLY A O     1 
ATOM   206 N  N     . GLU A 1 40 ? 1.856   -8.150  3.865   1.00 33.42  ? 1138 GLU A N     1 
ATOM   207 C  CA    . GLU A 1 40 ? 0.562   -8.262  3.205   1.00 37.52  ? 1138 GLU A CA    1 
ATOM   208 C  C     . GLU A 1 40 ? 0.508   -7.428  1.922   1.00 39.33  ? 1138 GLU A C     1 
ATOM   209 O  O     . GLU A 1 40 ? 1.210   -6.422  1.777   1.00 35.75  ? 1138 GLU A O     1 
ATOM   210 C  CB    . GLU A 1 40 ? -0.537  -7.819  4.157   1.00 41.65  ? 1138 GLU A CB    1 
ATOM   211 C  CG    . GLU A 1 40 ? -0.398  -6.407  4.618   1.00 36.12  ? 1138 GLU A CG    1 
ATOM   212 C  CD    . GLU A 1 40 ? -1.282  -6.135  5.802   1.00 39.51  ? 1138 GLU A CD    1 
ATOM   213 O  OE1   . GLU A 1 40 ? -2.432  -5.700  5.566   1.00 33.18  ? 1138 GLU A OE1   1 
ATOM   214 O  OE2   . GLU A 1 40 ? -0.829  -6.377  6.959   1.00 40.65  ? 1138 GLU A OE2   1 
ATOM   215 N  N     . LYS A 1 41 ? -0.352  -7.855  0.993   1.00 34.74  ? 1139 LYS A N     1 
ATOM   216 C  CA    . LYS A 1 41 ? -0.558  -7.157  -0.276  1.00 34.03  ? 1139 LYS A CA    1 
ATOM   217 C  C     . LYS A 1 41 ? -2.030  -7.250  -0.653  1.00 36.41  ? 1139 LYS A C     1 
ATOM   218 O  O     . LYS A 1 41 ? -2.443  -8.170  -1.369  1.00 34.96  ? 1139 LYS A O     1 
ATOM   219 C  CB    . LYS A 1 41 ? 0.312   -7.742  -1.386  1.00 36.15  ? 1139 LYS A CB    1 
ATOM   220 C  CG    . LYS A 1 41 ? 1.720   -7.213  -1.416  1.00 35.90  ? 1139 LYS A CG    1 
ATOM   221 C  CD    . LYS A 1 41 ? 2.670   -8.203  -2.081  1.00 35.67  ? 1139 LYS A CD    1 
ATOM   222 C  CE    . LYS A 1 41 ? 4.112   -7.677  -2.083  1.00 39.16  ? 1139 LYS A CE    1 
ATOM   223 N  NZ    . LYS A 1 41 ? 5.130   -8.730  -2.422  1.00 33.07  ? 1139 LYS A NZ    1 
ATOM   224 N  N     . PRO A 1 42 ? -2.846  -6.279  -0.195  1.00 34.83  ? 1140 PRO A N     1 
ATOM   225 C  CA    . PRO A 1 42 ? -4.314  -6.414  -0.282  1.00 34.24  ? 1140 PRO A CA    1 
ATOM   226 C  C     . PRO A 1 42 ? -4.976  -5.801  -1.513  1.00 36.19  ? 1140 PRO A C     1 
ATOM   227 O  O     . PRO A 1 42 ? -6.190  -5.567  -1.505  1.00 38.99  ? 1140 PRO A O     1 
ATOM   228 C  CB    . PRO A 1 42 ? -4.803  -5.682  0.979   1.00 36.94  ? 1140 PRO A CB    1 
ATOM   229 C  CG    . PRO A 1 42 ? -3.572  -5.017  1.609   1.00 36.67  ? 1140 PRO A CG    1 
ATOM   230 C  CD    . PRO A 1 42 ? -2.438  -5.132  0.622   1.00 35.49  ? 1140 PRO A CD    1 
ATOM   231 N  N     . PHE A 1 43 ? -4.228  -5.532  -2.574  1.00 37.73  ? 1141 PHE A N     1 
ATOM   232 C  CA    . PHE A 1 43 ? -4.808  -4.908  -3.761  1.00 36.17  ? 1141 PHE A CA    1 
ATOM   233 C  C     . PHE A 1 43 ? -4.240  -5.614  -4.977  1.00 34.12  ? 1141 PHE A C     1 
ATOM   234 O  O     . PHE A 1 43 ? -3.035  -5.529  -5.240  1.00 37.87  ? 1141 PHE A O     1 
ATOM   235 C  CB    . PHE A 1 43 ? -4.529  -3.407  -3.784  1.00 34.08  ? 1141 PHE A CB    1 
ATOM   236 C  CG    . PHE A 1 43 ? -5.085  -2.695  -2.588  1.00 35.97  ? 1141 PHE A CG    1 
ATOM   237 C  CD1   . PHE A 1 43 ? -6.443  -2.406  -2.507  1.00 30.54  ? 1141 PHE A CD1   1 
ATOM   238 C  CD2   . PHE A 1 43 ? -4.274  -2.382  -1.509  1.00 37.85  ? 1141 PHE A CD2   1 
ATOM   239 C  CE1   . PHE A 1 43 ? -6.971  -1.773  -1.395  1.00 34.24  ? 1141 PHE A CE1   1 
ATOM   240 C  CE2   . PHE A 1 43 ? -4.805  -1.746  -0.380  1.00 35.02  ? 1141 PHE A CE2   1 
ATOM   241 C  CZ    . PHE A 1 43 ? -6.143  -1.438  -0.329  1.00 32.30  ? 1141 PHE A CZ    1 
ATOM   242 N  N     . GLY A 1 44 ? -5.100  -6.342  -5.682  1.00 34.93  ? 1142 GLY A N     1 
ATOM   243 C  CA    . GLY A 1 44 ? -4.685  -7.174  -6.789  1.00 30.68  ? 1142 GLY A CA    1 
ATOM   244 C  C     . GLY A 1 44 ? -5.043  -6.555  -8.124  1.00 35.42  ? 1142 GLY A C     1 
ATOM   245 O  O     . GLY A 1 44 ? -6.039  -5.840  -8.262  1.00 35.09  ? 1142 GLY A O     1 
ATOM   246 N  N     . CYS A 1 45 ? -4.195  -6.823  -9.102  1.00 36.38  ? 1143 CYS A N     1 
ATOM   247 C  CA    . CYS A 1 45 ? -4.443  -6.442  -10.482 1.00 32.46  ? 1143 CYS A CA    1 
ATOM   248 C  C     . CYS A 1 45 ? -5.118  -7.621  -11.172 1.00 36.64  ? 1143 CYS A C     1 
ATOM   249 O  O     . CYS A 1 45 ? -4.502  -8.678  -11.353 1.00 33.66  ? 1143 CYS A O     1 
ATOM   250 C  CB    . CYS A 1 45 ? -3.138  -6.072  -11.178 1.00 32.59  ? 1143 CYS A CB    1 
ATOM   251 S  SG    . CYS A 1 45 ? -3.356  -5.714  -12.952 1.00 30.80  ? 1143 CYS A SG    1 
ATOM   252 N  N     . THR A 1 46 ? -6.384  -7.445  -11.556 1.00 41.85  ? 1144 THR A N     1 
ATOM   253 C  CA    . THR A 1 46 ? -7.098  -8.514  -12.244 1.00 36.27  ? 1144 THR A CA    1 
ATOM   254 C  C     . THR A 1 46 ? -6.500  -8.854  -13.600 1.00 31.63  ? 1144 THR A C     1 
ATOM   255 O  O     . THR A 1 46 ? -6.815  -9.923  -14.136 1.00 31.85  ? 1144 THR A O     1 
ATOM   256 C  CB    . THR A 1 46 ? -8.563  -8.127  -12.412 1.00 36.65  ? 1144 THR A CB    1 
ATOM   257 O  OG1   . THR A 1 46 ? -8.658  -7.041  -13.336 1.00 37.09  ? 1144 THR A OG1   1 
ATOM   258 C  CG2   . THR A 1 46 ? -9.156  -7.698  -11.086 1.00 28.79  ? 1144 THR A CG2   1 
ATOM   259 N  N     . ILE A 1 47 ? -5.642  -7.998  -14.164 1.00 27.37  ? 1145 ILE A N     1 
ATOM   260 C  CA    . ILE A 1 47 ? -5.088  -8.315  -15.475 1.00 35.06  ? 1145 ILE A CA    1 
ATOM   261 C  C     . ILE A 1 47 ? -3.882  -9.232  -15.354 1.00 35.85  ? 1145 ILE A C     1 
ATOM   262 O  O     . ILE A 1 47 ? -3.790  -10.233 -16.073 1.00 36.44  ? 1145 ILE A O     1 
ATOM   263 C  CB    . ILE A 1 47 ? -4.734  -7.051  -16.274 1.00 37.25  ? 1145 ILE A CB    1 
ATOM   264 C  CG1   . ILE A 1 47 ? -5.998  -6.413  -16.820 1.00 34.50  ? 1145 ILE A CG1   1 
ATOM   265 C  CG2   . ILE A 1 47 ? -3.824  -7.426  -17.448 1.00 27.83  ? 1145 ILE A CG2   1 
ATOM   266 C  CD1   . ILE A 1 47 ? -5.869  -4.920  -16.973 1.00 40.63  ? 1145 ILE A CD1   1 
ATOM   267 N  N     . CYS A 1 48 ? -2.907  -8.906  -14.502 1.00 30.74  ? 1146 CYS A N     1 
ATOM   268 C  CA    . CYS A 1 48 ? -1.721  -9.751  -14.442 1.00 33.62  ? 1146 CYS A CA    1 
ATOM   269 C  C     . CYS A 1 48 ? -1.593  -10.552 -13.147 1.00 36.15  ? 1146 CYS A C     1 
ATOM   270 O  O     . CYS A 1 48 ? -0.790  -11.487 -13.097 1.00 35.33  ? 1146 CYS A O     1 
ATOM   271 C  CB    . CYS A 1 48 ? -0.455  -8.912  -14.693 1.00 30.26  ? 1146 CYS A CB    1 
ATOM   272 S  SG    . CYS A 1 48 ? -0.036  -7.762  -13.387 1.00 39.00  ? 1146 CYS A SG    1 
ATOM   273 N  N     . GLY A 1 49 ? -2.407  -10.271 -12.138 1.00 35.89  ? 1147 GLY A N     1 
ATOM   274 C  CA    . GLY A 1 49 ? -2.389  -11.006 -10.907 1.00 36.42  ? 1147 GLY A CA    1 
ATOM   275 C  C     . GLY A 1 49 ? -1.593  -10.340 -9.803  1.00 37.94  ? 1147 GLY A C     1 
ATOM   276 O  O     . GLY A 1 49 ? -1.907  -10.527 -8.614  1.00 42.48  ? 1147 GLY A O     1 
ATOM   277 N  N     . ARG A 1 50 ? -0.606  -9.533  -10.172 1.00 31.72  ? 1148 ARG A N     1 
ATOM   278 C  CA    . ARG A 1 50 ? 0.268   -8.899  -9.204  1.00 34.80  ? 1148 ARG A CA    1 
ATOM   279 C  C     . ARG A 1 50 ? -0.498  -8.182  -8.107  1.00 29.69  ? 1148 ARG A C     1 
ATOM   280 O  O     . ARG A 1 50 ? -1.465  -7.471  -8.373  1.00 36.85  ? 1148 ARG A O     1 
ATOM   281 C  CB    . ARG A 1 50 ? 1.168   -7.918  -9.914  1.00 34.19  ? 1148 ARG A CB    1 
ATOM   282 C  CG    . ARG A 1 50 ? 2.179   -8.595  -10.793 1.00 39.98  ? 1148 ARG A CG    1 
ATOM   283 C  CD    . ARG A 1 50 ? 3.432   -7.795  -10.725 1.00 48.69  ? 1148 ARG A CD    1 
ATOM   284 N  NE    . ARG A 1 50 ? 3.479   -7.106  -9.438  1.00 44.00  ? 1148 ARG A NE    1 
ATOM   285 C  CZ    . ARG A 1 50 ? 4.513   -6.394  -9.022  1.00 45.73  ? 1148 ARG A CZ    1 
ATOM   286 N  NH1   . ARG A 1 50 ? 5.580   -6.293  -9.803  1.00 44.40  ? 1148 ARG A NH1   1 
ATOM   287 N  NH2   . ARG A 1 50 ? 4.478   -5.799  -7.830  1.00 44.95  ? 1148 ARG A NH2   1 
ATOM   288 N  N     . ALA A 1 51 ? -0.034  -8.360  -6.866  1.00 29.00  ? 1149 ALA A N     1 
ATOM   289 C  CA    . ALA A 1 51 ? -0.631  -7.753  -5.682  1.00 32.26  ? 1149 ALA A CA    1 
ATOM   290 C  C     . ALA A 1 51 ? 0.212   -6.574  -5.197  1.00 31.59  ? 1149 ALA A C     1 
ATOM   291 O  O     . ALA A 1 51 ? 1.431   -6.540  -5.387  1.00 33.87  ? 1149 ALA A O     1 
ATOM   292 C  CB    . ALA A 1 51 ? -0.788  -8.788  -4.564  1.00 33.66  ? 1149 ALA A CB    1 
ATOM   293 N  N     . PHE A 1 52 ? -0.450  -5.590  -4.590  1.00 28.80  ? 1150 PHE A N     1 
ATOM   294 C  CA    . PHE A 1 52 ? 0.188   -4.332  -4.232  1.00 32.72  ? 1150 PHE A CA    1 
ATOM   295 C  C     . PHE A 1 52 ? -0.196  -3.984  -2.801  1.00 33.54  ? 1150 PHE A C     1 
ATOM   296 O  O     . PHE A 1 52 ? -1.147  -4.541  -2.253  1.00 33.81  ? 1150 PHE A O     1 
ATOM   297 C  CB    . PHE A 1 52 ? -0.215  -3.207  -5.214  1.00 35.02  ? 1150 PHE A CB    1 
ATOM   298 C  CG    . PHE A 1 52 ? 0.328   -3.408  -6.607  1.00 34.38  ? 1150 PHE A CG    1 
ATOM   299 C  CD1   . PHE A 1 52 ? -0.246  -4.328  -7.464  1.00 24.36  ? 1150 PHE A CD1   1 
ATOM   300 C  CD2   . PHE A 1 52 ? 1.441   -2.707  -7.041  1.00 34.35  ? 1150 PHE A CD2   1 
ATOM   301 C  CE1   . PHE A 1 52 ? 0.280   -4.534  -8.707  1.00 28.71  ? 1150 PHE A CE1   1 
ATOM   302 C  CE2   . PHE A 1 52 ? 1.963   -2.911  -8.315  1.00 26.59  ? 1150 PHE A CE2   1 
ATOM   303 C  CZ    . PHE A 1 52 ? 1.391   -3.829  -9.127  1.00 27.79  ? 1150 PHE A CZ    1 
ATOM   304 N  N     . THR A 1 53 ? 0.539   -3.042  -2.195  1.00 24.68  ? 1151 THR A N     1 
ATOM   305 C  CA    . THR A 1 53 ? 0.342   -2.740  -0.783  1.00 30.71  ? 1151 THR A CA    1 
ATOM   306 C  C     . THR A 1 53 ? -0.600  -1.565  -0.522  1.00 34.82  ? 1151 THR A C     1 
ATOM   307 O  O     . THR A 1 53 ? -1.096  -1.423  0.598   1.00 38.36  ? 1151 THR A O     1 
ATOM   308 C  CB    . THR A 1 53 ? 1.697   -2.487  -0.108  1.00 35.12  ? 1151 THR A CB    1 
ATOM   309 O  OG1   . THR A 1 53 ? 2.270   -1.269  -0.589  1.00 39.39  ? 1151 THR A OG1   1 
ATOM   310 C  CG2   . THR A 1 53 ? 2.656   -3.621  -0.435  1.00 36.13  ? 1151 THR A CG2   1 
ATOM   311 N  N     . THR A 1 54 ? -0.888  -0.733  -1.508  1.00 31.07  ? 1152 THR A N     1 
ATOM   312 C  CA    . THR A 1 54 ? -1.867  0.323   -1.335  1.00 35.08  ? 1152 THR A CA    1 
ATOM   313 C  C     . THR A 1 54 ? -2.796  0.341   -2.539  1.00 30.18  ? 1152 THR A C     1 
ATOM   314 O  O     . THR A 1 54 ? -2.513  -0.265  -3.574  1.00 33.77  ? 1152 THR A O     1 
ATOM   315 C  CB    . THR A 1 54 ? -1.199  1.695   -1.171  1.00 34.67  ? 1152 THR A CB    1 
ATOM   316 O  OG1   . THR A 1 54 ? -0.798  2.171   -2.456  1.00 30.00  ? 1152 THR A OG1   1 
ATOM   317 C  CG2   . THR A 1 54 ? 0.038   1.589   -0.283  1.00 31.00  ? 1152 THR A CG2   1 
ATOM   318 N  N     . LYS A 1 55 ? -3.926  1.035   -2.387  1.00 31.58  ? 1153 LYS A N     1 
ATOM   319 C  CA    . LYS A 1 55 ? -4.822  1.259   -3.522  1.00 33.89  ? 1153 LYS A CA    1 
ATOM   320 C  C     . LYS A 1 55 ? -4.127  2.080   -4.596  1.00 29.37  ? 1153 LYS A C     1 
ATOM   321 O  O     . LYS A 1 55 ? -4.088  1.692   -5.767  1.00 29.74  ? 1153 LYS A O     1 
ATOM   322 C  CB    . LYS A 1 55 ? -6.093  1.967   -3.053  1.00 31.68  ? 1153 LYS A CB    1 
ATOM   323 C  CG    . LYS A 1 55 ? -7.344  1.663   -3.867  1.00 35.35  ? 1153 LYS A CG    1 
ATOM   324 C  CD    . LYS A 1 55 ? -8.559  2.320   -3.232  1.00 41.65  ? 1153 LYS A CD    1 
ATOM   325 C  CE    . LYS A 1 55 ? -9.860  1.765   -3.795  1.00 54.59  ? 1153 LYS A CE    1 
ATOM   326 N  NZ    . LYS A 1 55 ? -10.765 2.845   -4.329  1.00 52.04  ? 1153 LYS A NZ    1 
ATOM   327 N  N     . GLY A 1 56 ? -3.538  3.210   -4.190  1.00 30.19  ? 1154 GLY A N     1 
ATOM   328 C  CA    . GLY A 1 56 ? -2.853  4.080   -5.121  1.00 27.23  ? 1154 GLY A CA    1 
ATOM   329 C  C     . GLY A 1 56 ? -1.766  3.385   -5.916  1.00 31.06  ? 1154 GLY A C     1 
ATOM   330 O  O     . GLY A 1 56 ? -1.555  3.696   -7.093  1.00 33.62  ? 1154 GLY A O     1 
ATOM   331 N  N     . ASN A 1 57 ? -1.056  2.443   -5.289  1.00 26.82  ? 1155 ASN A N     1 
ATOM   332 C  CA    . ASN A 1 57 ? 0.030   1.771   -6.000  1.00 28.86  ? 1155 ASN A CA    1 
ATOM   333 C  C     . ASN A 1 57 ? -0.509  0.813   -7.062  1.00 28.03  ? 1155 ASN A C     1 
ATOM   334 O  O     . ASN A 1 57 ? 0.019   0.761   -8.175  1.00 29.75  ? 1155 ASN A O     1 
ATOM   335 C  CB    . ASN A 1 57 ? 0.950   1.051   -5.013  1.00 28.32  ? 1155 ASN A CB    1 
ATOM   336 C  CG    . ASN A 1 57 ? 1.926   1.997   -4.323  1.00 32.53  ? 1155 ASN A CG    1 
ATOM   337 O  OD1   . ASN A 1 57 ? 1.985   3.192   -4.628  1.00 24.88  ? 1155 ASN A OD1   1 
ATOM   338 N  ND2   . ASN A 1 57 ? 2.684   1.463   -3.362  1.00 34.51  ? 1155 ASN A ND2   1 
ATOM   339 N  N     . LEU A 1 58 ? -1.571  0.061   -6.759  1.00 31.34  ? 1156 LEU A N     1 
ATOM   340 C  CA    . LEU A 1 58 ? -2.215  -0.719  -7.811  1.00 29.32  ? 1156 LEU A CA    1 
ATOM   341 C  C     . LEU A 1 58 ? -2.741  0.192   -8.909  1.00 33.75  ? 1156 LEU A C     1 
ATOM   342 O  O     . LEU A 1 58 ? -2.572  -0.089  -10.101 1.00 34.70  ? 1156 LEU A O     1 
ATOM   343 C  CB    . LEU A 1 58 ? -3.356  -1.548  -7.244  1.00 29.30  ? 1156 LEU A CB    1 
ATOM   344 C  CG    . LEU A 1 58 ? -4.222  -2.226  -8.309  1.00 31.49  ? 1156 LEU A CG    1 
ATOM   345 C  CD1   . LEU A 1 58 ? -3.436  -3.294  -9.017  1.00 26.48  ? 1156 LEU A CD1   1 
ATOM   346 C  CD2   . LEU A 1 58 ? -5.502  -2.810  -7.718  1.00 26.73  ? 1156 LEU A CD2   1 
ATOM   347 N  N     . LYS A 1 59 ? -3.348  1.312   -8.524  1.00 26.33  ? 1157 LYS A N     1 
ATOM   348 C  CA    . LYS A 1 59 ? -3.872  2.244   -9.511  1.00 30.35  ? 1157 LYS A CA    1 
ATOM   349 C  C     . LYS A 1 59 ? -2.789  2.650   -10.501 1.00 33.16  ? 1157 LYS A C     1 
ATOM   350 O  O     . LYS A 1 59 ? -2.971  2.559   -11.722 1.00 36.44  ? 1157 LYS A O     1 
ATOM   351 C  CB    . LYS A 1 59 ? -4.454  3.465   -8.797  1.00 31.48  ? 1157 LYS A CB    1 
ATOM   352 C  CG    . LYS A 1 59 ? -5.318  4.340   -9.654  1.00 31.83  ? 1157 LYS A CG    1 
ATOM   353 C  CD    . LYS A 1 59 ? -5.538  5.715   -9.025  1.00 39.27  ? 1157 LYS A CD    1 
ATOM   354 C  CE    . LYS A 1 59 ? -5.836  6.788   -10.106 1.00 36.87  ? 1157 LYS A CE    1 
ATOM   355 N  NZ    . LYS A 1 59 ? -7.264  6.768   -10.472 1.00 28.10  ? 1157 LYS A NZ    1 
ATOM   356 N  N     . VAL A 1 60 ? -1.638  3.078   -9.990  1.00 26.94  ? 1158 VAL A N     1 
ATOM   357 C  CA    . VAL A 1 60 ? -0.570  3.480   -10.883 1.00 27.62  ? 1158 VAL A CA    1 
ATOM   358 C  C     . VAL A 1 60 ? -0.112  2.301   -11.732 1.00 32.98  ? 1158 VAL A C     1 
ATOM   359 O  O     . VAL A 1 60 ? 0.200   2.460   -12.923 1.00 34.16  ? 1158 VAL A O     1 
ATOM   360 C  CB    . VAL A 1 60 ? 0.573   4.102   -10.067 1.00 29.56  ? 1158 VAL A CB    1 
ATOM   361 C  CG1   . VAL A 1 60 ? 1.882   4.088   -10.855 1.00 18.80  ? 1158 VAL A CG1   1 
ATOM   362 C  CG2   . VAL A 1 60 ? 0.183   5.500   -9.686  1.00 18.32  ? 1158 VAL A CG2   1 
ATOM   363 N  N     . HIS A 1 61 ? -0.133  1.095   -11.165 1.00 29.89  ? 1159 HIS A N     1 
ATOM   364 C  CA    . HIS A 1 61 ? 0.228   -0.077  -11.954 1.00 31.93  ? 1159 HIS A CA    1 
ATOM   365 C  C     . HIS A 1 61 ? -0.748  -0.286  -13.105 1.00 28.71  ? 1159 HIS A C     1 
ATOM   366 O  O     . HIS A 1 61 ? -0.331  -0.586  -14.232 1.00 34.53  ? 1159 HIS A O     1 
ATOM   367 C  CB    . HIS A 1 61 ? 0.313   -1.330  -11.069 1.00 24.84  ? 1159 HIS A CB    1 
ATOM   368 C  CG    . HIS A 1 61 ? 0.139   -2.606  -11.824 1.00 23.34  ? 1159 HIS A CG    1 
ATOM   369 N  ND1   . HIS A 1 61 ? 1.155   -3.191  -12.544 1.00 27.14  ? 1159 HIS A ND1   1 
ATOM   370 C  CD2   . HIS A 1 61 ? -0.951  -3.391  -12.006 1.00 26.80  ? 1159 HIS A CD2   1 
ATOM   371 C  CE1   . HIS A 1 61 ? 0.701   -4.287  -13.133 1.00 24.85  ? 1159 HIS A CE1   1 
ATOM   372 N  NE2   . HIS A 1 61 ? -0.579  -4.421  -12.835 1.00 18.72  ? 1159 HIS A NE2   1 
ATOM   373 N  N     . MET A 1 62 ? -2.048  -0.100  -12.850 1.00 33.09  ? 1160 MET A N     1 
ATOM   374 C  CA    . MET A 1 62 ? -3.053  -0.335  -13.890 1.00 36.18  ? 1160 MET A CA    1 
ATOM   375 C  C     . MET A 1 62 ? -2.797  0.487   -15.150 1.00 29.66  ? 1160 MET A C     1 
ATOM   376 O  O     . MET A 1 62 ? -3.255  0.107   -16.231 1.00 37.19  ? 1160 MET A O     1 
ATOM   377 C  CB    . MET A 1 62 ? -4.463  -0.063  -13.358 1.00 28.33  ? 1160 MET A CB    1 
ATOM   378 C  CG    . MET A 1 62 ? -4.980  -1.191  -12.501 1.00 40.42  ? 1160 MET A CG    1 
ATOM   379 S  SD    . MET A 1 62 ? -5.377  -2.674  -13.468 1.00 49.78  ? 1160 MET A SD    1 
ATOM   380 C  CE    . MET A 1 62 ? -6.587  -2.080  -14.609 1.00 47.25  ? 1160 MET A CE    1 
ATOM   381 N  N     . GLY A 1 63 ? -2.071  1.602   -15.051 1.00 28.92  ? 1161 GLY A N     1 
ATOM   382 C  CA    . GLY A 1 63 ? -1.792  2.394   -16.242 1.00 30.07  ? 1161 GLY A CA    1 
ATOM   383 C  C     . GLY A 1 63 ? -0.809  1.727   -17.184 1.00 37.05  ? 1161 GLY A C     1 
ATOM   384 O  O     . GLY A 1 63 ? -0.824  1.982   -18.396 1.00 40.58  ? 1161 GLY A O     1 
ATOM   385 N  N     . THR A 1 64 ? 0.062   0.871   -16.647 1.00 29.13  ? 1162 THR A N     1 
ATOM   386 C  CA    . THR A 1 64 ? 0.950   0.105   -17.503 1.00 33.40  ? 1162 THR A CA    1 
ATOM   387 C  C     . THR A 1 64 ? 0.199   -0.931  -18.323 1.00 34.27  ? 1162 THR A C     1 
ATOM   388 O  O     . THR A 1 64 ? 0.818   -1.570  -19.179 1.00 41.32  ? 1162 THR A O     1 
ATOM   389 C  CB    . THR A 1 64 ? 2.050   -0.604  -16.683 1.00 37.75  ? 1162 THR A CB    1 
ATOM   390 O  OG1   . THR A 1 64 ? 1.484   -1.706  -15.954 1.00 30.89  ? 1162 THR A OG1   1 
ATOM   391 C  CG2   . THR A 1 64 ? 2.749   0.370   -15.716 1.00 29.72  ? 1162 THR A CG2   1 
ATOM   392 N  N     . HIS A 1 65 ? -1.094  -1.141  -18.070 1.00 30.83  ? 1163 HIS A N     1 
ATOM   393 C  CA    . HIS A 1 65 ? -1.886  -2.027  -18.915 1.00 34.29  ? 1163 HIS A CA    1 
ATOM   394 C  C     . HIS A 1 65 ? -2.718  -1.281  -19.961 1.00 35.52  ? 1163 HIS A C     1 
ATOM   395 O  O     . HIS A 1 65 ? -3.498  -1.919  -20.672 1.00 32.25  ? 1163 HIS A O     1 
ATOM   396 C  CB    . HIS A 1 65 ? -2.813  -2.890  -18.066 1.00 26.19  ? 1163 HIS A CB    1 
ATOM   397 C  CG    . HIS A 1 65 ? -2.105  -3.966  -17.306 1.00 36.66  ? 1163 HIS A CG    1 
ATOM   398 N  ND1   . HIS A 1 65 ? -1.313  -4.907  -17.920 1.00 38.48  ? 1163 HIS A ND1   1 
ATOM   399 C  CD2   . HIS A 1 65 ? -2.080  -4.253  -15.982 1.00 26.99  ? 1163 HIS A CD2   1 
ATOM   400 C  CE1   . HIS A 1 65 ? -0.816  -5.724  -17.007 1.00 30.31  ? 1163 HIS A CE1   1 
ATOM   401 N  NE2   . HIS A 1 65 ? -1.266  -5.351  -15.826 1.00 35.00  ? 1163 HIS A NE2   1 
ATOM   402 N  N     . MET A 1 66 ? -2.602  0.044   -20.051 1.00 34.01  ? 1164 MET A N     1 
ATOM   403 C  CA    . MET A 1 66 ? -3.425  0.829   -20.969 1.00 36.83  ? 1164 MET A CA    1 
ATOM   404 C  C     . MET A 1 66 ? -2.750  0.871   -22.334 1.00 38.22  ? 1164 MET A C     1 
ATOM   405 O  O     . MET A 1 66 ? -1.590  1.284   -22.447 1.00 34.55  ? 1164 MET A O     1 
ATOM   406 C  CB    . MET A 1 66 ? -3.664  2.254   -20.458 1.00 33.27  ? 1164 MET A CB    1 
ATOM   407 C  CG    . MET A 1 66 ? -4.494  2.376   -19.173 1.00 32.27  ? 1164 MET A CG    1 
ATOM   408 S  SD    . MET A 1 66 ? -6.124  1.618   -19.295 1.00 40.17  ? 1164 MET A SD    1 
ATOM   409 C  CE    . MET A 1 66 ? -5.832  0.003   -18.578 1.00 39.68  ? 1164 MET A CE    1 
ATOM   410 N  N     . TRP A 1 67 ? -3.499  0.483   -23.357 1.00 37.84  ? 1165 TRP A N     1 
ATOM   411 C  CA    . TRP A 1 67 ? -3.093  0.564   -24.747 1.00 38.21  ? 1165 TRP A CA    1 
ATOM   412 C  C     . TRP A 1 67 ? -2.842  2.042   -24.940 1.00 36.94  ? 1165 TRP A C     1 
ATOM   413 O  O     . TRP A 1 67 ? -1.827  2.453   -25.427 1.00 42.66  ? 1165 TRP A O     1 
ATOM   414 C  CB    . TRP A 1 67 ? -4.237  0.124   -25.615 1.00 34.51  ? 1165 TRP A CB    1 
ATOM   415 C  CG    . TRP A 1 67 ? -4.067  0.552   -26.952 1.00 42.92  ? 1165 TRP A CG    1 
ATOM   416 C  CD1   . TRP A 1 67 ? -3.088  0.188   -27.793 1.00 37.57  ? 1165 TRP A CD1   1 
ATOM   417 C  CD2   . TRP A 1 67 ? -4.885  1.473   -27.655 1.00 44.03  ? 1165 TRP A CD2   1 
ATOM   418 N  NE1   . TRP A 1 67 ? -3.240  0.807   -28.981 1.00 43.43  ? 1165 TRP A NE1   1 
ATOM   419 C  CE2   . TRP A 1 67 ? -4.346  1.607   -28.924 1.00 44.29  ? 1165 TRP A CE2   1 
ATOM   420 C  CE3   . TRP A 1 67 ? -6.036  2.176   -27.339 1.00 43.28  ? 1165 TRP A CE3   1 
ATOM   421 C  CZ2   . TRP A 1 67 ? -4.904  2.428   -29.877 1.00 43.14  ? 1165 TRP A CZ2   1 
ATOM   422 C  CZ3   . TRP A 1 67 ? -6.580  2.971   -28.269 1.00 42.88  ? 1165 TRP A CZ3   1 
ATOM   423 C  CH2   . TRP A 1 67 ? -6.020  3.102   -29.530 1.00 42.98  ? 1165 TRP A CH2   1 
ATOM   424 N  N     . ASN A 1 68 ? -3.846  2.816   -24.587 1.00 44.77  ? 1166 ASN A N     1 
ATOM   425 C  CA    . ASN A 1 68 ? -3.761  4.253   -24.489 1.00 49.72  ? 1166 ASN A CA    1 
ATOM   426 C  C     . ASN A 1 68 ? -3.021  5.014   -25.556 1.00 59.44  ? 1166 ASN A C     1 
ATOM   427 O  O     . ASN A 1 68 ? -2.151  5.786   -25.229 1.00 74.30  ? 1166 ASN A O     1 
ATOM   428 C  CB    . ASN A 1 68 ? -3.233  4.632   -23.136 1.00 54.08  ? 1166 ASN A CB    1 
ATOM   429 C  CG    . ASN A 1 68 ? -3.418  6.070   -22.872 1.00 63.77  ? 1166 ASN A CG    1 
ATOM   430 O  OD1   . ASN A 1 68 ? -3.954  6.765   -23.713 1.00 61.85  ? 1166 ASN A OD1   1 
ATOM   431 N  ND2   . ASN A 1 68 ? -2.947  6.547   -21.736 1.00 72.08  ? 1166 ASN A ND2   1 
ATOM   432 N  N     . ASN A 1 69 ? -3.374  4.839   -26.818 1.00 56.26  ? 1167 ASN A N     1 
ATOM   433 C  CA    . ASN A 1 69 ? -2.634  5.431   -27.925 1.00 59.93  ? 1167 ASN A CA    1 
ATOM   434 C  C     . ASN A 1 69 ? -1.149  5.067   -27.784 1.00 60.88  ? 1167 ASN A C     1 
ATOM   435 O  O     . ASN A 1 69 ? -0.785  3.889   -27.835 1.00 46.09  ? 1167 ASN A O     1 
ATOM   436 C  CB    . ASN A 1 69 ? -2.832  6.945   -28.113 1.00 64.91  ? 1167 ASN A CB    1 
ATOM   437 C  CG    . ASN A 1 69 ? -4.271  7.359   -28.050 1.00 59.20  ? 1167 ASN A CG    1 
ATOM   438 O  OD1   . ASN A 1 69 ? -5.002  6.955   -27.166 1.00 51.56  ? 1167 ASN A OD1   1 
ATOM   439 N  ND2   . ASN A 1 69 ? -4.682  8.190   -28.994 1.00 51.01  ? 1167 ASN A ND2   1 
ATOM   440 P  P     . DG  B 2 1  ? -10.713 20.312  15.786  1.00 99.76  ? 1    DG  G P     1 
ATOM   441 O  OP1   . DG  B 2 1  ? -9.678  20.774  16.749  1.00 88.19  ? 1    DG  G OP1   1 
ATOM   442 O  OP2   . DG  B 2 1  ? -10.800 20.932  14.442  1.00 64.29  ? 1    DG  G OP2   1 
ATOM   443 O  "O5'" . DG  B 2 1  ? -10.650 18.724  15.651  1.00 64.07  ? 1    DG  G "O5'" 1 
ATOM   444 C  "C5'" . DG  B 2 1  ? -9.469  18.053  15.173  1.00 45.59  ? 1    DG  G "C5'" 1 
ATOM   445 C  "C4'" . DG  B 2 1  ? -9.763  16.590  14.930  1.00 48.13  ? 1    DG  G "C4'" 1 
ATOM   446 O  "O4'" . DG  B 2 1  ? -10.549 16.464  13.727  1.00 45.70  ? 1    DG  G "O4'" 1 
ATOM   447 C  "C3'" . DG  B 2 1  ? -8.538  15.718  14.685  1.00 46.73  ? 1    DG  G "C3'" 1 
ATOM   448 O  "O3'" . DG  B 2 1  ? -8.870  14.359  14.982  1.00 46.33  ? 1    DG  G "O3'" 1 
ATOM   449 C  "C2'" . DG  B 2 1  ? -8.316  15.895  13.196  1.00 45.65  ? 1    DG  G "C2'" 1 
ATOM   450 C  "C1'" . DG  B 2 1  ? -9.741  15.962  12.668  1.00 46.63  ? 1    DG  G "C1'" 1 
ATOM   451 N  N9    . DG  B 2 1  ? -9.924  16.839  11.519  1.00 47.43  ? 1    DG  G N9    1 
ATOM   452 C  C8    . DG  B 2 1  ? -9.329  18.056  11.296  1.00 44.16  ? 1    DG  G C8    1 
ATOM   453 N  N7    . DG  B 2 1  ? -9.702  18.611  10.177  1.00 45.40  ? 1    DG  G N7    1 
ATOM   454 C  C5    . DG  B 2 1  ? -10.601 17.707  9.630   1.00 40.37  ? 1    DG  G C5    1 
ATOM   455 C  C6    . DG  B 2 1  ? -11.342 17.766  8.418   1.00 44.33  ? 1    DG  G C6    1 
ATOM   456 O  O6    . DG  B 2 1  ? -11.347 18.656  7.561   1.00 42.26  ? 1    DG  G O6    1 
ATOM   457 N  N1    . DG  B 2 1  ? -12.138 16.637  8.250   1.00 43.55  ? 1    DG  G N1    1 
ATOM   458 C  C2    . DG  B 2 1  ? -12.212 15.589  9.134   1.00 40.02  ? 1    DG  G C2    1 
ATOM   459 N  N2    . DG  B 2 1  ? -13.037 14.588  8.798   1.00 41.38  ? 1    DG  G N2    1 
ATOM   460 N  N3    . DG  B 2 1  ? -11.531 15.524  10.266  1.00 37.49  ? 1    DG  G N3    1 
ATOM   461 C  C4    . DG  B 2 1  ? -10.751 16.611  10.449  1.00 39.88  ? 1    DG  G C4    1 
ATOM   462 P  P     . DG  B 2 2  ? -7.740  13.231  15.008  1.00 54.20  ? 2    DG  G P     1 
ATOM   463 O  OP1   . DG  B 2 2  ? -7.989  12.358  16.169  1.00 50.94  ? 2    DG  G OP1   1 
ATOM   464 O  OP2   . DG  B 2 2  ? -6.426  13.885  14.854  1.00 46.45  ? 2    DG  G OP2   1 
ATOM   465 O  "O5'" . DG  B 2 2  ? -8.055  12.383  13.702  1.00 46.21  ? 2    DG  G "O5'" 1 
ATOM   466 C  "C5'" . DG  B 2 2  ? -9.393  11.946  13.426  1.00 48.51  ? 2    DG  G "C5'" 1 
ATOM   467 C  "C4'" . DG  B 2 2  ? -9.487  11.422  12.012  1.00 49.11  ? 2    DG  G "C4'" 1 
ATOM   468 O  "O4'" . DG  B 2 2  ? -9.573  12.527  11.081  1.00 46.65  ? 2    DG  G "O4'" 1 
ATOM   469 C  "C3'" . DG  B 2 2  ? -8.287  10.589  11.556  1.00 46.76  ? 2    DG  G "C3'" 1 
ATOM   470 O  "O3'" . DG  B 2 2  ? -8.765  9.551   10.699  1.00 44.05  ? 2    DG  G "O3'" 1 
ATOM   471 C  "C2'" . DG  B 2 2  ? -7.498  11.567  10.711  1.00 44.56  ? 2    DG  G "C2'" 1 
ATOM   472 C  "C1'" . DG  B 2 2  ? -8.637  12.300  10.046  1.00 46.61  ? 2    DG  G "C1'" 1 
ATOM   473 N  N9    . DG  B 2 2  ? -8.303  13.582  9.441   1.00 45.74  ? 2    DG  G N9    1 
ATOM   474 C  C8    . DG  B 2 2  ? -7.330  14.470  9.833   1.00 46.12  ? 2    DG  G C8    1 
ATOM   475 N  N7    . DG  B 2 2  ? -7.270  15.529  9.074   1.00 36.90  ? 2    DG  G N7    1 
ATOM   476 C  C5    . DG  B 2 2  ? -8.252  15.321  8.117   1.00 43.92  ? 2    DG  G C5    1 
ATOM   477 C  C6    . DG  B 2 2  ? -8.655  16.131  7.018   1.00 44.43  ? 2    DG  G C6    1 
ATOM   478 O  O6    . DG  B 2 2  ? -8.206  17.224  6.662   1.00 39.27  ? 2    DG  G O6    1 
ATOM   479 N  N1    . DG  B 2 2  ? -9.692  15.541  6.301   1.00 42.49  ? 2    DG  G N1    1 
ATOM   480 C  C2    . DG  B 2 2  ? -10.267 14.331  6.601   1.00 40.61  ? 2    DG  G C2    1 
ATOM   481 N  N2    . DG  B 2 2  ? -11.254 13.930  5.790   1.00 42.41  ? 2    DG  G N2    1 
ATOM   482 N  N3    . DG  B 2 2  ? -9.901  13.568  7.619   1.00 41.36  ? 2    DG  G N3    1 
ATOM   483 C  C4    . DG  B 2 2  ? -8.894  14.120  8.328   1.00 42.33  ? 2    DG  G C4    1 
ATOM   484 P  P     . DA  B 2 3  ? -8.008  8.168   10.625  1.00 40.67  ? 3    DA  G P     1 
ATOM   485 O  OP1   . DA  B 2 3  ? -8.376  7.388   11.819  1.00 37.83  ? 3    DA  G OP1   1 
ATOM   486 O  OP2   . DA  B 2 3  ? -6.594  8.442   10.342  1.00 36.39  ? 3    DA  G OP2   1 
ATOM   487 O  "O5'" . DA  B 2 3  ? -8.665  7.476   9.357   1.00 38.13  ? 3    DA  G "O5'" 1 
ATOM   488 C  "C5'" . DA  B 2 3  ? -10.089 7.320   9.267   1.00 38.99  ? 3    DA  G "C5'" 1 
ATOM   489 C  "C4'" . DA  B 2 3  ? -10.565 7.575   7.855   1.00 45.14  ? 3    DA  G "C4'" 1 
ATOM   490 O  "O4'" . DA  B 2 3  ? -10.284 8.941   7.475   1.00 38.89  ? 3    DA  G "O4'" 1 
ATOM   491 C  "C3'" . DA  B 2 3  ? -9.931  6.695   6.780   1.00 36.07  ? 3    DA  G "C3'" 1 
ATOM   492 O  "O3'" . DA  B 2 3  ? -10.949 6.252   5.880   1.00 35.31  ? 3    DA  G "O3'" 1 
ATOM   493 C  "C2'" . DA  B 2 3  ? -8.922  7.614   6.117   1.00 38.55  ? 3    DA  G "C2'" 1 
ATOM   494 C  "C1'" . DA  B 2 3  ? -9.570  8.976   6.256   1.00 39.11  ? 3    DA  G "C1'" 1 
ATOM   495 N  N9    . DA  B 2 3  ? -8.640  10.099  6.328   1.00 40.95  ? 3    DA  G N9    1 
ATOM   496 C  C8    . DA  B 2 3  ? -7.661  10.317  7.262   1.00 40.86  ? 3    DA  G C8    1 
ATOM   497 N  N7    . DA  B 2 3  ? -6.995  11.429  7.078   1.00 45.25  ? 3    DA  G N7    1 
ATOM   498 C  C5    . DA  B 2 3  ? -7.585  11.990  5.955   1.00 38.66  ? 3    DA  G C5    1 
ATOM   499 C  C6    . DA  B 2 3  ? -7.344  13.184  5.258   1.00 37.12  ? 3    DA  G C6    1 
ATOM   500 N  N6    . DA  B 2 3  ? -6.388  14.053  5.587   1.00 36.20  ? 3    DA  G N6    1 
ATOM   501 N  N1    . DA  B 2 3  ? -8.100  13.438  4.169   1.00 44.72  ? 3    DA  G N1    1 
ATOM   502 C  C2    . DA  B 2 3  ? -9.051  12.560  3.832   1.00 42.74  ? 3    DA  G C2    1 
ATOM   503 N  N3    . DA  B 2 3  ? -9.384  11.412  4.417   1.00 45.83  ? 3    DA  G N3    1 
ATOM   504 C  C4    . DA  B 2 3  ? -8.602  11.182  5.484   1.00 39.05  ? 3    DA  G C4    1 
ATOM   505 P  P     . DA  B 2 4  ? -10.744 5.066   4.796   1.00 46.03  ? 4    DA  G P     1 
ATOM   506 O  OP1   . DA  B 2 4  ? -12.022 4.438   4.531   1.00 41.82  ? 4    DA  G OP1   1 
ATOM   507 O  OP2   . DA  B 2 4  ? -9.610  4.275   5.229   1.00 53.68  ? 4    DA  G OP2   1 
ATOM   508 O  "O5'" . DA  B 2 4  ? -10.327 5.848   3.482   1.00 40.46  ? 4    DA  G "O5'" 1 
ATOM   509 C  "C5'" . DA  B 2 4  ? -11.221 6.799   2.884   1.00 42.38  ? 4    DA  G "C5'" 1 
ATOM   510 C  "C4'" . DA  B 2 4  ? -10.563 7.599   1.783   1.00 38.65  ? 4    DA  G "C4'" 1 
ATOM   511 O  "O4'" . DA  B 2 4  ? -9.666  8.586   2.331   1.00 43.98  ? 4    DA  G "O4'" 1 
ATOM   512 C  "C3'" . DA  B 2 4  ? -9.748  6.798   0.771   1.00 45.26  ? 4    DA  G "C3'" 1 
ATOM   513 O  "O3'" . DA  B 2 4  ? -10.386 6.983   -0.490  1.00 41.06  ? 4    DA  G "O3'" 1 
ATOM   514 C  "C2'" . DA  B 2 4  ? -8.351  7.395   0.863   1.00 39.85  ? 4    DA  G "C2'" 1 
ATOM   515 C  "C1'" . DA  B 2 4  ? -8.573  8.753   1.463   1.00 38.43  ? 4    DA  G "C1'" 1 
ATOM   516 N  N9    . DA  B 2 4  ? -7.453  9.226   2.262   1.00 42.34  ? 4    DA  G N9    1 
ATOM   517 C  C8    . DA  B 2 4  ? -6.832  8.568   3.290   1.00 35.08  ? 4    DA  G C8    1 
ATOM   518 N  N7    . DA  B 2 4  ? -5.874  9.255   3.855   1.00 32.12  ? 4    DA  G N7    1 
ATOM   519 C  C5    . DA  B 2 4  ? -5.870  10.452  3.160   1.00 36.16  ? 4    DA  G C5    1 
ATOM   520 C  C6    . DA  B 2 4  ? -5.088  11.606  3.277   1.00 37.76  ? 4    DA  G C6    1 
ATOM   521 N  N6    . DA  B 2 4  ? -4.112  11.748  4.168   1.00 27.19  ? 4    DA  G N6    1 
ATOM   522 N  N1    . DA  B 2 4  ? -5.328  12.616  2.416   1.00 37.36  ? 4    DA  G N1    1 
ATOM   523 C  C2    . DA  B 2 4  ? -6.304  12.470  1.518   1.00 36.09  ? 4    DA  G C2    1 
ATOM   524 N  N3    . DA  B 2 4  ? -7.108  11.437  1.311   1.00 36.36  ? 4    DA  G N3    1 
ATOM   525 C  C4    . DA  B 2 4  ? -6.832  10.445  2.170   1.00 39.21  ? 4    DA  G C4    1 
ATOM   526 P  P     . DA  B 2 5  ? -9.997  6.173   -1.826  1.00 41.16  ? 5    DA  G P     1 
ATOM   527 O  OP1   . DA  B 2 5  ? -11.218 5.738   -2.476  1.00 40.14  ? 5    DA  G OP1   1 
ATOM   528 O  OP2   . DA  B 2 5  ? -8.987  5.207   -1.475  1.00 42.08  ? 5    DA  G OP2   1 
ATOM   529 O  "O5'" . DA  B 2 5  ? -9.230  7.277   -2.655  1.00 40.11  ? 5    DA  G "O5'" 1 
ATOM   530 C  "C5'" . DA  B 2 5  ? -9.807  8.562   -2.843  1.00 40.00  ? 5    DA  G "C5'" 1 
ATOM   531 C  "C4'" . DA  B 2 5  ? -8.768  9.565   -3.280  1.00 35.57  ? 5    DA  G "C4'" 1 
ATOM   532 O  "O4'" . DA  B 2 5  ? -7.907  9.864   -2.170  1.00 31.68  ? 5    DA  G "O4'" 1 
ATOM   533 C  "C3'" . DA  B 2 5  ? -7.858  9.143   -4.436  1.00 35.65  ? 5    DA  G "C3'" 1 
ATOM   534 O  "O3'" . DA  B 2 5  ? -7.896  10.158  -5.443  1.00 40.63  ? 5    DA  G "O3'" 1 
ATOM   535 C  "C2'" . DA  B 2 5  ? -6.481  9.103   -3.807  1.00 31.52  ? 5    DA  G "C2'" 1 
ATOM   536 C  "C1'" . DA  B 2 5  ? -6.609  10.055  -2.651  1.00 32.67  ? 5    DA  G "C1'" 1 
ATOM   537 N  N9    . DA  B 2 5  ? -5.687  9.778   -1.562  1.00 33.37  ? 5    DA  G N9    1 
ATOM   538 C  C8    . DA  B 2 5  ? -5.516  8.597   -0.888  1.00 32.49  ? 5    DA  G C8    1 
ATOM   539 N  N7    . DA  B 2 5  ? -4.610  8.652   0.051   1.00 31.33  ? 5    DA  G N7    1 
ATOM   540 C  C5    . DA  B 2 5  ? -4.139  9.952   -0.018  1.00 31.43  ? 5    DA  G C5    1 
ATOM   541 C  C6    . DA  B 2 5  ? -3.139  10.628  0.687   1.00 31.98  ? 5    DA  G C6    1 
ATOM   542 N  N6    . DA  B 2 5  ? -2.430  10.077  1.669   1.00 34.03  ? 5    DA  G N6    1 
ATOM   543 N  N1    . DA  B 2 5  ? -2.907  11.915  0.364   1.00 30.59  ? 5    DA  G N1    1 
ATOM   544 C  C2    . DA  B 2 5  ? -3.628  12.470  -0.611  1.00 32.22  ? 5    DA  G C2    1 
ATOM   545 N  N3    . DA  B 2 5  ? -4.582  11.934  -1.357  1.00 32.35  ? 5    DA  G N3    1 
ATOM   546 C  C4    . DA  B 2 5  ? -4.785  10.654  -1.015  1.00 35.45  ? 5    DA  G C4    1 
ATOM   547 P  P     . DT  B 2 6  ? -7.104  10.024  -6.796  1.00 42.36  ? 6    DT  G P     1 
ATOM   548 O  OP1   . DT  B 2 6  ? -7.693  10.934  -7.746  1.00 49.16  ? 6    DT  G OP1   1 
ATOM   549 O  OP2   . DT  B 2 6  ? -6.981  8.622   -7.124  1.00 42.29  ? 6    DT  G OP2   1 
ATOM   550 O  "O5'" . DT  B 2 6  ? -5.720  10.711  -6.486  1.00 38.18  ? 6    DT  G "O5'" 1 
ATOM   551 C  "C5'" . DT  B 2 6  ? -5.700  12.057  -6.061  1.00 37.74  ? 6    DT  G "C5'" 1 
ATOM   552 C  "C4'" . DT  B 2 6  ? -4.279  12.510  -5.837  1.00 42.37  ? 6    DT  G "C4'" 1 
ATOM   553 O  "O4'" . DT  B 2 6  ? -3.794  12.013  -4.573  1.00 39.18  ? 6    DT  G "O4'" 1 
ATOM   554 C  "C3'" . DT  B 2 6  ? -3.272  12.030  -6.881  1.00 45.26  ? 6    DT  G "C3'" 1 
ATOM   555 O  "O3'" . DT  B 2 6  ? -2.259  13.013  -7.002  1.00 46.38  ? 6    DT  G "O3'" 1 
ATOM   556 C  "C2'" . DT  B 2 6  ? -2.530  10.932  -6.157  1.00 43.45  ? 6    DT  G "C2'" 1 
ATOM   557 C  "C1'" . DT  B 2 6  ? -2.486  11.539  -4.779  1.00 40.15  ? 6    DT  G "C1'" 1 
ATOM   558 N  N1    . DT  B 2 6  ? -2.167  10.593  -3.713  1.00 35.31  ? 6    DT  G N1    1 
ATOM   559 C  C2    . DT  B 2 6  ? -1.362  11.007  -2.682  1.00 34.74  ? 6    DT  G C2    1 
ATOM   560 O  O2    . DT  B 2 6  ? -0.930  12.137  -2.590  1.00 34.84  ? 6    DT  G O2    1 
ATOM   561 N  N3    . DT  B 2 6  ? -1.088  10.043  -1.751  1.00 29.76  ? 6    DT  G N3    1 
ATOM   562 C  C4    . DT  B 2 6  ? -1.513  8.732   -1.759  1.00 30.31  ? 6    DT  G C4    1 
ATOM   563 O  O4    . DT  B 2 6  ? -1.218  7.992   -0.835  1.00 38.04  ? 6    DT  G O4    1 
ATOM   564 C  C5    . DT  B 2 6  ? -2.362  8.369   -2.864  1.00 34.60  ? 6    DT  G C5    1 
ATOM   565 C  C7    . DT  B 2 6  ? -2.875  6.969   -2.957  1.00 33.78  ? 6    DT  G C7    1 
ATOM   566 C  C6    . DT  B 2 6  ? -2.621  9.299   -3.788  1.00 37.14  ? 6    DT  G C6    1 
ATOM   567 P  P     . DA  B 2 7  ? -2.118  13.864  -8.283  1.00 39.01  ? 7    DA  G P     1 
ATOM   568 O  OP1   . DA  B 2 7  ? -3.244  14.783  -8.342  1.00 46.42  ? 7    DA  G OP1   1 
ATOM   569 O  OP2   . DA  B 2 7  ? -1.843  12.986  -9.412  1.00 29.90  ? 7    DA  G OP2   1 
ATOM   570 O  "O5'" . DA  B 2 7  ? -0.832  14.727  -7.955  1.00 35.88  ? 7    DA  G "O5'" 1 
ATOM   571 C  "C5'" . DA  B 2 7  ? -0.817  15.606  -6.828  1.00 33.41  ? 7    DA  G "C5'" 1 
ATOM   572 C  "C4'" . DA  B 2 7  ? 0.471   15.468  -6.053  1.00 36.42  ? 7    DA  G "C4'" 1 
ATOM   573 O  "O4'" . DA  B 2 7  ? 0.483   14.242  -5.293  1.00 34.72  ? 7    DA  G "O4'" 1 
ATOM   574 C  "C3'" . DA  B 2 7  ? 1.753   15.468  -6.886  1.00 36.32  ? 7    DA  G "C3'" 1 
ATOM   575 O  "O3'" . DA  B 2 7  ? 2.581   16.460  -6.291  1.00 35.03  ? 7    DA  G "O3'" 1 
ATOM   576 C  "C2'" . DA  B 2 7  ? 2.280   14.050  -6.747  1.00 35.19  ? 7    DA  G "C2'" 1 
ATOM   577 C  "C1'" . DA  B 2 7  ? 1.744   13.625  -5.401  1.00 33.25  ? 7    DA  G "C1'" 1 
ATOM   578 N  N9    . DA  B 2 7  ? 1.542   12.192  -5.216  1.00 36.94  ? 7    DA  G N9    1 
ATOM   579 C  C8    . DA  B 2 7  ? 0.844   11.325  -6.016  1.00 35.31  ? 7    DA  G C8    1 
ATOM   580 N  N7    . DA  B 2 7  ? 0.789   10.104  -5.551  1.00 29.76  ? 7    DA  G N7    1 
ATOM   581 C  C5    . DA  B 2 7  ? 1.477   10.175  -4.351  1.00 31.64  ? 7    DA  G C5    1 
ATOM   582 C  C6    . DA  B 2 7  ? 1.767   9.216   -3.370  1.00 27.80  ? 7    DA  G C6    1 
ATOM   583 N  N6    . DA  B 2 7  ? 1.391   7.940   -3.448  1.00 25.18  ? 7    DA  G N6    1 
ATOM   584 N  N1    . DA  B 2 7  ? 2.471   9.615   -2.293  1.00 28.63  ? 7    DA  G N1    1 
ATOM   585 C  C2    . DA  B 2 7  ? 2.834   10.897  -2.205  1.00 31.44  ? 7    DA  G C2    1 
ATOM   586 N  N3    . DA  B 2 7  ? 2.643   11.885  -3.068  1.00 29.25  ? 7    DA  G N3    1 
ATOM   587 C  C4    . DA  B 2 7  ? 1.941   11.457  -4.129  1.00 31.69  ? 7    DA  G C4    1 
ATOM   588 P  P     . DT  B 2 8  ? 3.952   16.857  -6.919  1.00 47.92  ? 8    DT  G P     1 
ATOM   589 O  OP1   . DT  B 2 8  ? 4.310   18.197  -6.383  1.00 41.31  ? 8    DT  G OP1   1 
ATOM   590 O  OP2   . DT  B 2 8  ? 3.907   16.578  -8.376  1.00 45.29  ? 8    DT  G OP2   1 
ATOM   591 O  "O5'" . DT  B 2 8  ? 4.951   15.825  -6.246  1.00 40.82  ? 8    DT  G "O5'" 1 
ATOM   592 C  "C5'" . DT  B 2 8  ? 5.099   15.856  -4.842  1.00 37.23  ? 8    DT  G "C5'" 1 
ATOM   593 C  "C4'" . DT  B 2 8  ? 5.999   14.738  -4.371  1.00 40.55  ? 8    DT  G "C4'" 1 
ATOM   594 O  "O4'" . DT  B 2 8  ? 5.340   13.485  -4.520  1.00 38.47  ? 8    DT  G "O4'" 1 
ATOM   595 C  "C3'" . DT  B 2 8  ? 7.322   14.579  -5.126  1.00 40.00  ? 8    DT  G "C3'" 1 
ATOM   596 O  "O3'" . DT  B 2 8  ? 8.344   15.116  -4.316  1.00 35.78  ? 8    DT  G "O3'" 1 
ATOM   597 C  "C2'" . DT  B 2 8  ? 7.451   13.043  -5.335  1.00 33.99  ? 8    DT  G "C2'" 1 
ATOM   598 C  "C1'" . DT  B 2 8  ? 6.328   12.516  -4.443  1.00 34.49  ? 8    DT  G "C1'" 1 
ATOM   599 N  N1    . DT  B 2 8  ? 5.698   11.231  -4.833  1.00 32.12  ? 8    DT  G N1    1 
ATOM   600 C  C2    . DT  B 2 8  ? 5.657   10.199  -3.913  1.00 32.56  ? 8    DT  G C2    1 
ATOM   601 O  O2    . DT  B 2 8  ? 6.166   10.262  -2.804  1.00 31.22  ? 8    DT  G O2    1 
ATOM   602 N  N3    . DT  B 2 8  ? 5.003   9.081   -4.336  1.00 30.27  ? 8    DT  G N3    1 
ATOM   603 C  C4    . DT  B 2 8  ? 4.399   8.885   -5.551  1.00 31.06  ? 8    DT  G C4    1 
ATOM   604 O  O4    . DT  B 2 8  ? 3.842   7.828   -5.836  1.00 35.00  ? 8    DT  G O4    1 
ATOM   605 C  C5    . DT  B 2 8  ? 4.466   10.011  -6.466  1.00 37.97  ? 8    DT  G C5    1 
ATOM   606 C  C7    . DT  B 2 8  ? 3.829   9.919   -7.833  1.00 31.99  ? 8    DT  G C7    1 
ATOM   607 C  C6    . DT  B 2 8  ? 5.091   11.125  -6.053  1.00 32.44  ? 8    DT  G C6    1 
ATOM   608 P  P     . DT  B 2 9  ? 9.889   15.024  -4.727  1.00 47.74  ? 9    DT  G P     1 
ATOM   609 O  OP1   . DT  B 2 9  ? 10.457  16.320  -4.274  1.00 42.62  ? 9    DT  G OP1   1 
ATOM   610 O  OP2   . DT  B 2 9  ? 10.035  14.543  -6.126  1.00 41.88  ? 9    DT  G OP2   1 
ATOM   611 O  "O5'" . DT  B 2 9  ? 10.425  13.893  -3.757  1.00 35.98  ? 9    DT  G "O5'" 1 
ATOM   612 C  "C5'" . DT  B 2 9  ? 9.799   13.753  -2.499  1.00 36.24  ? 9    DT  G "C5'" 1 
ATOM   613 C  "C4'" . DT  B 2 9  ? 10.275  12.509  -1.788  1.00 42.95  ? 9    DT  G "C4'" 1 
ATOM   614 O  "O4'" . DT  B 2 9  ? 9.489   11.351  -2.191  1.00 43.90  ? 9    DT  G "O4'" 1 
ATOM   615 C  "C3'" . DT  B 2 9  ? 11.721  12.121  -2.034  1.00 37.28  ? 9    DT  G "C3'" 1 
ATOM   616 O  "O3'" . DT  B 2 9  ? 12.177  11.540  -0.852  1.00 37.62  ? 9    DT  G "O3'" 1 
ATOM   617 C  "C2'" . DT  B 2 9  ? 11.590  11.088  -3.168  1.00 33.89  ? 9    DT  G "C2'" 1 
ATOM   618 C  "C1'" . DT  B 2 9  ? 10.353  10.346  -2.698  1.00 35.80  ? 9    DT  G "C1'" 1 
ATOM   619 N  N1    . DT  B 2 9  ? 9.601   9.613   -3.746  1.00 35.43  ? 9    DT  G N1    1 
ATOM   620 C  C2    . DT  B 2 9  ? 9.064   8.390   -3.435  1.00 34.40  ? 9    DT  G C2    1 
ATOM   621 O  O2    . DT  B 2 9  ? 9.236   7.843   -2.370  1.00 33.61  ? 9    DT  G O2    1 
ATOM   622 N  N3    . DT  B 2 9  ? 8.337   7.814   -4.425  1.00 33.75  ? 9    DT  G N3    1 
ATOM   623 C  C4    . DT  B 2 9  ? 8.089   8.326   -5.671  1.00 29.78  ? 9    DT  G C4    1 
ATOM   624 O  O4    . DT  B 2 9  ? 7.419   7.721   -6.489  1.00 30.05  ? 9    DT  G O4    1 
ATOM   625 C  C5    . DT  B 2 9  ? 8.655   9.627   -5.933  1.00 27.20  ? 9    DT  G C5    1 
ATOM   626 C  C7    . DT  B 2 9  ? 8.436   10.295  -7.260  1.00 33.58  ? 9    DT  G C7    1 
ATOM   627 C  C6    . DT  B 2 9  ? 9.369   10.206  -4.969  1.00 29.92  ? 9    DT  G C6    1 
ATOM   628 P  P     . DA  B 2 10 ? 13.713  11.155  -0.648  1.00 44.74  ? 10   DA  G P     1 
ATOM   629 O  OP1   . DA  B 2 10 ? 14.260  12.073  0.371   1.00 41.94  ? 10   DA  G OP1   1 
ATOM   630 O  OP2   . DA  B 2 10 ? 14.363  11.067  -1.978  1.00 45.39  ? 10   DA  G OP2   1 
ATOM   631 O  "O5'" . DA  B 2 10 ? 13.610  9.687   -0.043  1.00 40.36  ? 10   DA  G "O5'" 1 
ATOM   632 C  "C5'" . DA  B 2 10 ? 12.566  8.845   -0.476  1.00 39.07  ? 10   DA  G "C5'" 1 
ATOM   633 C  "C4'" . DA  B 2 10 ? 12.799  7.404   -0.066  1.00 41.40  ? 10   DA  G "C4'" 1 
ATOM   634 O  "O4'" . DA  B 2 10 ? 12.130  6.529   -1.010  1.00 44.49  ? 10   DA  G "O4'" 1 
ATOM   635 C  "C3'" . DA  B 2 10 ? 14.233  6.932   -0.100  1.00 38.71  ? 10   DA  G "C3'" 1 
ATOM   636 O  "O3'" . DA  B 2 10 ? 14.315  5.736   0.670   1.00 43.63  ? 10   DA  G "O3'" 1 
ATOM   637 C  "C2'" . DA  B 2 10 ? 14.416  6.660   -1.596  1.00 38.97  ? 10   DA  G "C2'" 1 
ATOM   638 C  "C1'" . DA  B 2 10 ? 13.072  6.011   -1.938  1.00 36.66  ? 10   DA  G "C1'" 1 
ATOM   639 N  N9    . DA  B 2 10 ? 12.568  6.297   -3.276  1.00 34.92  ? 10   DA  G N9    1 
ATOM   640 C  C8    . DA  B 2 10 ? 12.676  7.469   -3.977  1.00 39.15  ? 10   DA  G C8    1 
ATOM   641 N  N7    . DA  B 2 10 ? 12.076  7.438   -5.156  1.00 38.24  ? 10   DA  G N7    1 
ATOM   642 C  C5    . DA  B 2 10 ? 11.525  6.160   -5.212  1.00 37.06  ? 10   DA  G C5    1 
ATOM   643 C  C6    . DA  B 2 10 ? 10.756  5.489   -6.190  1.00 39.38  ? 10   DA  G C6    1 
ATOM   644 N  N6    . DA  B 2 10 ? 10.395  6.042   -7.346  1.00 34.69  ? 10   DA  G N6    1 
ATOM   645 N  N1    . DA  B 2 10 ? 10.368  4.224   -5.928  1.00 40.39  ? 10   DA  G N1    1 
ATOM   646 C  C2    . DA  B 2 10 ? 10.729  3.674   -4.771  1.00 33.68  ? 10   DA  G C2    1 
ATOM   647 N  N3    . DA  B 2 10 ? 11.428  4.205   -3.774  1.00 34.96  ? 10   DA  G N3    1 
ATOM   648 C  C4    . DA  B 2 10 ? 11.806  5.457   -4.059  1.00 35.39  ? 10   DA  G C4    1 
ATOM   649 P  P     . DC  B 2 11 ? 15.722  5.034   1.025   1.00 46.47  ? 11   DC  G P     1 
ATOM   650 O  OP1   . DC  B 2 11 ? 15.558  4.724   2.470   1.00 37.50  ? 11   DC  G OP1   1 
ATOM   651 O  OP2   . DC  B 2 11 ? 16.879  5.790   0.494   1.00 31.05  ? 11   DC  G OP2   1 
ATOM   652 O  "O5'" . DC  B 2 11 ? 15.655  3.680   0.191   1.00 34.54  ? 11   DC  G "O5'" 1 
ATOM   653 C  "C5'" . DC  B 2 11 ? 14.459  2.912   0.255   1.00 40.16  ? 11   DC  G "C5'" 1 
ATOM   654 C  "C4'" . DC  B 2 11 ? 14.415  1.912   -0.869  1.00 34.56  ? 11   DC  G "C4'" 1 
ATOM   655 O  "O4'" . DC  B 2 11 ? 13.942  2.555   -2.059  1.00 39.49  ? 11   DC  G "O4'" 1 
ATOM   656 C  "C3'" . DC  B 2 11 ? 15.766  1.318   -1.220  1.00 39.15  ? 11   DC  G "C3'" 1 
ATOM   657 O  "O3'" . DC  B 2 11 ? 15.824  0.000   -0.699  1.00 35.54  ? 11   DC  G "O3'" 1 
ATOM   658 C  "C2'" . DC  B 2 11 ? 15.821  1.352   -2.774  1.00 40.00  ? 11   DC  G "C2'" 1 
ATOM   659 C  "C1'" . DC  B 2 11 ? 14.424  1.853   -3.166  1.00 44.22  ? 11   DC  G "C1'" 1 
ATOM   660 N  N1    . DC  B 2 11 ? 14.362  2.776   -4.377  1.00 37.33  ? 11   DC  G N1    1 
ATOM   661 C  C2    . DC  B 2 11 ? 13.612  2.391   -5.494  1.00 37.52  ? 11   DC  G C2    1 
ATOM   662 O  O2    . DC  B 2 11 ? 13.030  1.306   -5.476  1.00 41.59  ? 11   DC  G O2    1 
ATOM   663 N  N3    . DC  B 2 11 ? 13.544  3.220   -6.566  1.00 40.36  ? 11   DC  G N3    1 
ATOM   664 C  C4    . DC  B 2 11 ? 14.180  4.395   -6.538  1.00 42.51  ? 11   DC  G C4    1 
ATOM   665 N  N4    . DC  B 2 11 ? 14.087  5.190   -7.619  1.00 41.70  ? 11   DC  G N4    1 
ATOM   666 C  C5    . DC  B 2 11 ? 14.945  4.806   -5.404  1.00 38.92  ? 11   DC  G C5    1 
ATOM   667 C  C6    . DC  B 2 11 ? 15.001  3.974   -4.354  1.00 37.62  ? 11   DC  G C6    1 
ATOM   668 P  P     . DC  B 2 12 ? 17.154  -0.888  -0.836  1.00 39.59  ? 12   DC  G P     1 
ATOM   669 O  OP1   . DC  B 2 12 ? 17.054  -1.948  0.190   1.00 47.57  ? 12   DC  G OP1   1 
ATOM   670 O  OP2   . DC  B 2 12 ? 18.324  0.019   -0.857  1.00 46.14  ? 12   DC  G OP2   1 
ATOM   671 O  "O5'" . DC  B 2 12 ? 16.992  -1.614  -2.259  1.00 48.18  ? 12   DC  G "O5'" 1 
ATOM   672 C  "C5'" . DC  B 2 12 ? 16.016  -2.654  -2.397  1.00 46.27  ? 12   DC  G "C5'" 1 
ATOM   673 C  "C4'" . DC  B 2 12 ? 15.785  -3.008  -3.851  1.00 41.84  ? 12   DC  G "C4'" 1 
ATOM   674 O  "O4'" . DC  B 2 12 ? 15.307  -1.853  -4.544  1.00 48.23  ? 12   DC  G "O4'" 1 
ATOM   675 C  "C3'" . DC  B 2 12 ? 17.024  -3.431  -4.621  1.00 49.44  ? 12   DC  G "C3'" 1 
ATOM   676 O  "O3'" . DC  B 2 12 ? 17.184  -4.854  -4.562  1.00 52.08  ? 12   DC  G "O3'" 1 
ATOM   677 C  "C2'" . DC  B 2 12 ? 16.738  -2.962  -6.056  1.00 43.62  ? 12   DC  G "C2'" 1 
ATOM   678 C  "C1'" . DC  B 2 12 ? 15.510  -2.049  -5.913  1.00 44.50  ? 12   DC  G "C1'" 1 
ATOM   679 N  N1    . DC  B 2 12 ? 15.691  -0.734  -6.559  1.00 39.27  ? 12   DC  G N1    1 
ATOM   680 C  C2    . DC  B 2 12 ? 15.173  -0.533  -7.841  1.00 41.76  ? 12   DC  G C2    1 
ATOM   681 O  O2    . DC  B 2 12 ? 14.557  -1.460  -8.393  1.00 39.67  ? 12   DC  G O2    1 
ATOM   682 N  N3    . DC  B 2 12 ? 15.359  0.668   -8.440  1.00 39.44  ? 12   DC  G N3    1 
ATOM   683 C  C4    . DC  B 2 12 ? 16.034  1.627   -7.801  1.00 42.02  ? 12   DC  G C4    1 
ATOM   684 N  N4    . DC  B 2 12 ? 16.189  2.792   -8.427  1.00 40.23  ? 12   DC  G N4    1 
ATOM   685 C  C5    . DC  B 2 12 ? 16.576  1.434   -6.489  1.00 36.93  ? 12   DC  G C5    1 
ATOM   686 C  C6    . DC  B 2 12 ? 16.388  0.249   -5.918  1.00 37.95  ? 12   DC  G C6    1 
ATOM   687 P  P     . DG  C 3 1  ? 12.828  4.839   -17.265 1.00 103.94 ? 1    DG  H P     1 
ATOM   688 O  OP1   . DG  C 3 1  ? 11.983  5.449   -16.206 1.00 69.74  ? 1    DG  H OP1   1 
ATOM   689 O  OP2   . DG  C 3 1  ? 14.189  5.371   -17.528 1.00 78.84  ? 1    DG  H OP2   1 
ATOM   690 O  "O5'" . DG  C 3 1  ? 12.785  3.245   -17.244 1.00 68.32  ? 1    DG  H "O5'" 1 
ATOM   691 C  "C5'" . DG  C 3 1  ? 12.005  2.503   -18.203 1.00 53.36  ? 1    DG  H "C5'" 1 
ATOM   692 C  "C4'" . DG  C 3 1  ? 11.400  1.255   -17.599 1.00 50.51  ? 1    DG  H "C4'" 1 
ATOM   693 O  "O4'" . DG  C 3 1  ? 12.140  0.827   -16.439 1.00 50.82  ? 1    DG  H "O4'" 1 
ATOM   694 C  "C3'" . DG  C 3 1  ? 9.963   1.390   -17.112 1.00 49.95  ? 1    DG  H "C3'" 1 
ATOM   695 O  "O3'" . DG  C 3 1  ? 9.354   0.099   -17.206 1.00 44.23  ? 1    DG  H "O3'" 1 
ATOM   696 C  "C2'" . DG  C 3 1  ? 10.153  1.847   -15.677 1.00 45.16  ? 1    DG  H "C2'" 1 
ATOM   697 C  "C1'" . DG  C 3 1  ? 11.401  1.092   -15.254 1.00 45.08  ? 1    DG  H "C1'" 1 
ATOM   698 N  N9    . DG  C 3 1  ? 12.285  1.803   -14.341 1.00 43.97  ? 1    DG  H N9    1 
ATOM   699 C  C8    . DG  C 3 1  ? 12.785  3.071   -14.495 1.00 47.81  ? 1    DG  H C8    1 
ATOM   700 N  N7    . DG  C 3 1  ? 13.587  3.426   -13.531 1.00 39.13  ? 1    DG  H N7    1 
ATOM   701 C  C5    . DG  C 3 1  ? 13.630  2.319   -12.698 1.00 43.93  ? 1    DG  H C5    1 
ATOM   702 C  C6    . DG  C 3 1  ? 14.346  2.106   -11.490 1.00 39.42  ? 1    DG  H C6    1 
ATOM   703 O  O6    . DG  C 3 1  ? 15.094  2.883   -10.894 1.00 41.48  ? 1    DG  H O6    1 
ATOM   704 N  N1    . DG  C 3 1  ? 14.099  0.845   -10.965 1.00 31.91  ? 1    DG  H N1    1 
ATOM   705 C  C2    . DG  C 3 1  ? 13.279  -0.095  -11.534 1.00 38.42  ? 1    DG  H C2    1 
ATOM   706 N  N2    . DG  C 3 1  ? 13.180  -1.258  -10.887 1.00 37.64  ? 1    DG  H N2    1 
ATOM   707 N  N3    . DG  C 3 1  ? 12.615  0.086   -12.664 1.00 41.69  ? 1    DG  H N3    1 
ATOM   708 C  C4    . DG  C 3 1  ? 12.838  1.308   -13.189 1.00 39.93  ? 1    DG  H C4    1 
ATOM   709 P  P     . DG  C 3 2  ? 7.822   -0.084  -16.925 1.00 50.41  ? 2    DG  H P     1 
ATOM   710 O  OP1   . DG  C 3 2  ? 7.384   -1.348  -17.518 1.00 53.54  ? 2    DG  H OP1   1 
ATOM   711 O  OP2   . DG  C 3 2  ? 7.133   1.157   -17.273 1.00 36.82  ? 2    DG  H OP2   1 
ATOM   712 O  "O5'" . DG  C 3 2  ? 7.778   -0.303  -15.357 1.00 54.55  ? 2    DG  H "O5'" 1 
ATOM   713 C  "C5'" . DG  C 3 2  ? 8.467   -1.401  -14.753 1.00 46.32  ? 2    DG  H "C5'" 1 
ATOM   714 C  "C4'" . DG  C 3 2  ? 8.119   -1.458  -13.287 1.00 44.96  ? 2    DG  H "C4'" 1 
ATOM   715 O  "O4'" . DG  C 3 2  ? 9.044   -0.632  -12.548 1.00 48.57  ? 2    DG  H "O4'" 1 
ATOM   716 C  "C3'" . DG  C 3 2  ? 6.738   -0.905  -12.951 1.00 41.78  ? 2    DG  H "C3'" 1 
ATOM   717 O  "O3'" . DG  C 3 2  ? 6.372   -1.468  -11.703 1.00 39.89  ? 2    DG  H "O3'" 1 
ATOM   718 C  "C2'" . DG  C 3 2  ? 7.043   0.534   -12.612 1.00 42.58  ? 2    DG  H "C2'" 1 
ATOM   719 C  "C1'" . DG  C 3 2  ? 8.303   0.322   -11.814 1.00 43.02  ? 2    DG  H "C1'" 1 
ATOM   720 N  N9    . DG  C 3 2  ? 9.143   1.494   -11.617 1.00 37.73  ? 2    DG  H N9    1 
ATOM   721 C  C8    . DG  C 3 2  ? 9.137   2.657   -12.343 1.00 40.43  ? 2    DG  H C8    1 
ATOM   722 N  N7    . DG  C 3 2  ? 9.998   3.535   -11.909 1.00 40.66  ? 2    DG  H N7    1 
ATOM   723 C  C5    . DG  C 3 2  ? 10.602  2.916   -10.825 1.00 39.90  ? 2    DG  H C5    1 
ATOM   724 C  C6    . DG  C 3 2  ? 11.610  3.384   -9.944  1.00 35.90  ? 2    DG  H C6    1 
ATOM   725 O  O6    . DG  C 3 2  ? 12.199  4.468   -9.956  1.00 41.02  ? 2    DG  H O6    1 
ATOM   726 N  N1    . DG  C 3 2  ? 11.924  2.438   -8.977  1.00 39.88  ? 2    DG  H N1    1 
ATOM   727 C  C2    . DG  C 3 2  ? 11.333  1.204   -8.862  1.00 41.93  ? 2    DG  H C2    1 
ATOM   728 N  N2    . DG  C 3 2  ? 11.771  0.431   -7.864  1.00 37.98  ? 2    DG  H N2    1 
ATOM   729 N  N3    . DG  C 3 2  ? 10.393  0.756   -9.676  1.00 37.02  ? 2    DG  H N3    1 
ATOM   730 C  C4    . DG  C 3 2  ? 10.079  1.657   -10.629 1.00 40.49  ? 2    DG  H C4    1 
ATOM   731 P  P     . DT  C 3 3  ? 5.138   -2.381  -11.582 1.00 41.25  ? 3    DT  H P     1 
ATOM   732 O  OP1   . DT  C 3 3  ? 5.316   -3.495  -12.495 1.00 44.73  ? 3    DT  H OP1   1 
ATOM   733 O  OP2   . DT  C 3 3  ? 3.959   -1.543  -11.692 1.00 39.86  ? 3    DT  H OP2   1 
ATOM   734 O  "O5'" . DT  C 3 3  ? 5.259   -2.906  -10.090 1.00 43.43  ? 3    DT  H "O5'" 1 
ATOM   735 C  "C5'" . DT  C 3 3  ? 6.486   -3.456  -9.589  1.00 35.72  ? 3    DT  H "C5'" 1 
ATOM   736 C  "C4'" . DT  C 3 3  ? 6.844   -2.936  -8.213  1.00 42.04  ? 3    DT  H "C4'" 1 
ATOM   737 O  "O4'" . DT  C 3 3  ? 7.535   -1.666  -8.307  1.00 39.76  ? 3    DT  H "O4'" 1 
ATOM   738 C  "C3'" . DT  C 3 3  ? 5.717   -2.726  -7.192  1.00 45.05  ? 3    DT  H "C3'" 1 
ATOM   739 O  "O3'" . DT  C 3 3  ? 6.200   -3.324  -5.967  1.00 47.32  ? 3    DT  H "O3'" 1 
ATOM   740 C  "C2'" . DT  C 3 3  ? 5.601   -1.211  -7.157  1.00 38.81  ? 3    DT  H "C2'" 1 
ATOM   741 C  "C1'" . DT  C 3 3  ? 7.053   -0.833  -7.279  1.00 36.78  ? 3    DT  H "C1'" 1 
ATOM   742 N  N1    . DT  C 3 3  ? 7.328   0.559   -7.649  1.00 37.72  ? 3    DT  H N1    1 
ATOM   743 C  C2    . DT  C 3 3  ? 8.345   1.204   -6.990  1.00 37.27  ? 3    DT  H C2    1 
ATOM   744 O  O2    . DT  C 3 3  ? 9.026   0.670   -6.136  1.00 39.99  ? 3    DT  H O2    1 
ATOM   745 N  N3    . DT  C 3 3  ? 8.558   2.495   -7.392  1.00 40.24  ? 3    DT  H N3    1 
ATOM   746 C  C4    . DT  C 3 3  ? 7.861   3.196   -8.354  1.00 36.45  ? 3    DT  H C4    1 
ATOM   747 O  O4    . DT  C 3 3  ? 8.163   4.355   -8.603  1.00 35.79  ? 3    DT  H O4    1 
ATOM   748 C  C5    . DT  C 3 3  ? 6.795   2.466   -8.991  1.00 37.52  ? 3    DT  H C5    1 
ATOM   749 C  C7    . DT  C 3 3  ? 5.978   3.148   -10.042 1.00 35.75  ? 3    DT  H C7    1 
ATOM   750 C  C6    . DT  C 3 3  ? 6.584   1.201   -8.612  1.00 33.66  ? 3    DT  H C6    1 
ATOM   751 P  P     . DA  C 3 4  ? 5.322   -3.470  -4.597  1.00 62.54  ? 4    DA  H P     1 
ATOM   752 O  OP1   . DA  C 3 4  ? 4.891   -4.881  -4.447  1.00 52.38  ? 4    DA  H OP1   1 
ATOM   753 O  OP2   . DA  C 3 4  ? 4.328   -2.357  -4.472  1.00 44.16  ? 4    DA  H OP2   1 
ATOM   754 O  "O5'" . DA  C 3 4  ? 6.419   -3.177  -3.485  1.00 48.64  ? 4    DA  H "O5'" 1 
ATOM   755 C  "C5'" . DA  C 3 4  ? 7.548   -2.404  -3.850  1.00 47.38  ? 4    DA  H "C5'" 1 
ATOM   756 C  "C4'" . DA  C 3 4  ? 8.182   -1.721  -2.652  1.00 43.13  ? 4    DA  H "C4'" 1 
ATOM   757 O  "O4'" . DA  C 3 4  ? 8.436   -0.336  -2.989  1.00 38.68  ? 4    DA  H "O4'" 1 
ATOM   758 C  "C3'" . DA  C 3 4  ? 7.334   -1.649  -1.402  1.00 34.23  ? 4    DA  H "C3'" 1 
ATOM   759 O  "O3'" . DA  C 3 4  ? 8.187   -1.347  -0.310  1.00 42.42  ? 4    DA  H "O3'" 1 
ATOM   760 C  "C2'" . DA  C 3 4  ? 6.456   -0.457  -1.734  1.00 39.88  ? 4    DA  H "C2'" 1 
ATOM   761 C  "C1'" . DA  C 3 4  ? 7.497   0.484   -2.332  1.00 38.38  ? 4    DA  H "C1'" 1 
ATOM   762 N  N9    . DA  C 3 4  ? 6.979   1.410   -3.311  1.00 33.32  ? 4    DA  H N9    1 
ATOM   763 C  C8    . DA  C 3 4  ? 6.066   1.150   -4.294  1.00 36.34  ? 4    DA  H C8    1 
ATOM   764 N  N7    . DA  C 3 4  ? 5.795   2.190   -5.047  1.00 36.15  ? 4    DA  H N7    1 
ATOM   765 C  C5    . DA  C 3 4  ? 6.590   3.197   -4.527  1.00 34.08  ? 4    DA  H C5    1 
ATOM   766 C  C6    . DA  C 3 4  ? 6.776   4.552   -4.893  1.00 35.42  ? 4    DA  H C6    1 
ATOM   767 N  N6    . DA  C 3 4  ? 6.126   5.140   -5.917  1.00 36.86  ? 4    DA  H N6    1 
ATOM   768 N  N1    . DA  C 3 4  ? 7.647   5.285   -4.160  1.00 34.87  ? 4    DA  H N1    1 
ATOM   769 C  C2    . DA  C 3 4  ? 8.287   4.692   -3.133  1.00 35.86  ? 4    DA  H C2    1 
ATOM   770 N  N3    . DA  C 3 4  ? 8.200   3.423   -2.699  1.00 32.55  ? 4    DA  H N3    1 
ATOM   771 C  C4    . DA  C 3 4  ? 7.330   2.725   -3.453  1.00 34.87  ? 4    DA  H C4    1 
ATOM   772 P  P     . DA  C 3 5  ? 7.719   -1.580  1.214   1.00 34.91  ? 5    DA  H P     1 
ATOM   773 O  OP1   . DA  C 3 5  ? 8.800   -2.321  1.909   1.00 36.64  ? 5    DA  H OP1   1 
ATOM   774 O  OP2   . DA  C 3 5  ? 6.333   -2.098  1.205   1.00 31.70  ? 5    DA  H OP2   1 
ATOM   775 O  "O5'" . DA  C 3 5  ? 7.746   -0.123  1.822   1.00 31.83  ? 5    DA  H "O5'" 1 
ATOM   776 C  "C5'" . DA  C 3 5  ? 8.926   0.646   1.735   1.00 27.47  ? 5    DA  H "C5'" 1 
ATOM   777 C  "C4'" . DA  C 3 5  ? 8.596   2.121   1.904   1.00 36.65  ? 5    DA  H "C4'" 1 
ATOM   778 O  "O4'" . DA  C 3 5  ? 8.015   2.663   0.680   1.00 27.71  ? 5    DA  H "O4'" 1 
ATOM   779 C  "C3'" . DA  C 3 5  ? 7.603   2.452   3.027   1.00 31.73  ? 5    DA  H "C3'" 1 
ATOM   780 O  "O3'" . DA  C 3 5  ? 8.179   3.473   3.849   1.00 28.03  ? 5    DA  H "O3'" 1 
ATOM   781 C  "C2'" . DA  C 3 5  ? 6.358   2.950   2.263   1.00 27.97  ? 5    DA  H "C2'" 1 
ATOM   782 C  "C1'" . DA  C 3 5  ? 6.998   3.554   1.020   1.00 29.86  ? 5    DA  H "C1'" 1 
ATOM   783 N  N9    . DA  C 3 5  ? 6.097   3.692   -0.140  1.00 35.94  ? 5    DA  H N9    1 
ATOM   784 C  C8    . DA  C 3 5  ? 5.254   2.743   -0.647  1.00 33.77  ? 5    DA  H C8    1 
ATOM   785 N  N7    . DA  C 3 5  ? 4.579   3.142   -1.691  1.00 31.84  ? 5    DA  H N7    1 
ATOM   786 C  C5    . DA  C 3 5  ? 5.012   4.440   -1.895  1.00 32.26  ? 5    DA  H C5    1 
ATOM   787 C  C6    . DA  C 3 5  ? 4.669   5.420   -2.872  1.00 32.79  ? 5    DA  H C6    1 
ATOM   788 N  N6    . DA  C 3 5  ? 3.785   5.202   -3.844  1.00 27.35  ? 5    DA  H N6    1 
ATOM   789 N  N1    . DA  C 3 5  ? 5.282   6.619   -2.802  1.00 29.24  ? 5    DA  H N1    1 
ATOM   790 C  C2    . DA  C 3 5  ? 6.173   6.814   -1.810  1.00 35.78  ? 5    DA  H C2    1 
ATOM   791 N  N3    . DA  C 3 5  ? 6.579   5.964   -0.845  1.00 26.59  ? 5    DA  H N3    1 
ATOM   792 C  C4    . DA  C 3 5  ? 5.950   4.794   -0.947  1.00 25.03  ? 5    DA  H C4    1 
ATOM   793 P  P     . DT  C 3 6  ? 7.602   3.909   5.307   1.00 32.30  ? 6    DT  H P     1 
ATOM   794 O  OP1   . DT  C 3 6  ? 8.705   3.847   6.274   1.00 31.45  ? 6    DT  H OP1   1 
ATOM   795 O  OP2   . DT  C 3 6  ? 6.368   3.155   5.549   1.00 28.51  ? 6    DT  H OP2   1 
ATOM   796 O  "O5'" . DT  C 3 6  ? 7.188   5.427   5.068   1.00 39.53  ? 6    DT  H "O5'" 1 
ATOM   797 C  "C5'" . DT  C 3 6  ? 8.133   6.365   4.518   1.00 37.79  ? 6    DT  H "C5'" 1 
ATOM   798 C  "C4'" . DT  C 3 6  ? 7.453   7.601   3.973   1.00 38.83  ? 6    DT  H "C4'" 1 
ATOM   799 O  "O4'" . DT  C 3 6  ? 6.744   7.306   2.746   1.00 32.58  ? 6    DT  H "O4'" 1 
ATOM   800 C  "C3'" . DT  C 3 6  ? 6.433   8.282   4.895   1.00 34.78  ? 6    DT  H "C3'" 1 
ATOM   801 O  "O3'" . DT  C 3 6  ? 6.451   9.713   4.783   1.00 45.13  ? 6    DT  H "O3'" 1 
ATOM   802 C  "C2'" . DT  C 3 6  ? 5.115   7.929   4.243   1.00 32.15  ? 6    DT  H "C2'" 1 
ATOM   803 C  "C1'" . DT  C 3 6  ? 5.545   8.039   2.802   1.00 28.58  ? 6    DT  H "C1'" 1 
ATOM   804 N  N1    . DT  C 3 6  ? 4.617   7.498   1.805   1.00 30.24  ? 6    DT  H N1    1 
ATOM   805 C  C2    . DT  C 3 6  ? 4.389   8.252   0.680   1.00 29.89  ? 6    DT  H C2    1 
ATOM   806 O  O2    . DT  C 3 6  ? 4.947   9.314   0.469   1.00 26.38  ? 6    DT  H O2    1 
ATOM   807 N  N3    . DT  C 3 6  ? 3.493   7.706   -0.201  1.00 28.38  ? 6    DT  H N3    1 
ATOM   808 C  C4    . DT  C 3 6  ? 2.807   6.516   -0.065  1.00 31.21  ? 6    DT  H C4    1 
ATOM   809 O  O4    . DT  C 3 6  ? 2.033   6.153   -0.943  1.00 26.13  ? 6    DT  H O4    1 
ATOM   810 C  C5    . DT  C 3 6  ? 3.083   5.783   1.149   1.00 28.38  ? 6    DT  H C5    1 
ATOM   811 C  C7    . DT  C 3 6  ? 2.388   4.481   1.386   1.00 23.95  ? 6    DT  H C7    1 
ATOM   812 C  C6    . DT  C 3 6  ? 3.956   6.309   2.016   1.00 27.08  ? 6    DT  H C6    1 
ATOM   813 P  P     . DA  C 3 7  ? 7.369   10.602  5.732   1.00 37.43  ? 7    DA  H P     1 
ATOM   814 O  OP1   . DA  C 3 7  ? 8.734   10.058  5.570   1.00 34.16  ? 7    DA  H OP1   1 
ATOM   815 O  OP2   . DA  C 3 7  ? 6.683   10.693  7.040   1.00 33.97  ? 7    DA  H OP2   1 
ATOM   816 O  "O5'" . DA  C 3 7  ? 7.295   12.036  5.048   1.00 38.43  ? 7    DA  H "O5'" 1 
ATOM   817 C  "C5'" . DA  C 3 7  ? 7.625   12.150  3.658   1.00 36.82  ? 7    DA  H "C5'" 1 
ATOM   818 C  "C4'" . DA  C 3 7  ? 6.779   13.188  2.938   1.00 40.99  ? 7    DA  H "C4'" 1 
ATOM   819 O  "O4'" . DA  C 3 7  ? 5.752   12.539  2.144   1.00 41.97  ? 7    DA  H "O4'" 1 
ATOM   820 C  "C3'" . DA  C 3 7  ? 6.044   14.203  3.804   1.00 44.00  ? 7    DA  H "C3'" 1 
ATOM   821 O  "O3'" . DA  C 3 7  ? 5.993   15.422  3.072   1.00 41.07  ? 7    DA  H "O3'" 1 
ATOM   822 C  "C2'" . DA  C 3 7  ? 4.654   13.565  3.935   1.00 38.52  ? 7    DA  H "C2'" 1 
ATOM   823 C  "C1'" . DA  C 3 7  ? 4.476   12.998  2.536   1.00 39.10  ? 7    DA  H "C1'" 1 
ATOM   824 N  N9    . DA  C 3 7  ? 3.560   11.869  2.438   1.00 36.37  ? 7    DA  H N9    1 
ATOM   825 C  C8    . DA  C 3 7  ? 3.554   10.752  3.201   1.00 30.44  ? 7    DA  H C8    1 
ATOM   826 N  N7    . DA  C 3 7  ? 2.635   9.877   2.858   1.00 32.91  ? 7    DA  H N7    1 
ATOM   827 C  C5    . DA  C 3 7  ? 1.992   10.460  1.799   1.00 32.97  ? 7    DA  H C5    1 
ATOM   828 C  C6    . DA  C 3 7  ? 0.926   10.029  0.992   1.00 34.20  ? 7    DA  H C6    1 
ATOM   829 N  N6    . DA  C 3 7  ? 0.304   8.859   1.163   1.00 28.82  ? 7    DA  H N6    1 
ATOM   830 N  N1    . DA  C 3 7  ? 0.529   10.851  -0.014  1.00 29.85  ? 7    DA  H N1    1 
ATOM   831 C  C2    . DA  C 3 7  ? 1.161   12.031  -0.165  1.00 33.89  ? 7    DA  H C2    1 
ATOM   832 N  N3    . DA  C 3 7  ? 2.188   12.535  0.529   1.00 29.17  ? 7    DA  H N3    1 
ATOM   833 C  C4    . DA  C 3 7  ? 2.557   11.689  1.506   1.00 35.31  ? 7    DA  H C4    1 
ATOM   834 P  P     . DT  C 3 8  ? 5.522   16.801  3.743   1.00 44.27  ? 8    DT  H P     1 
ATOM   835 O  OP1   . DT  C 3 8  ? 6.758   17.576  3.969   1.00 51.07  ? 8    DT  H OP1   1 
ATOM   836 O  OP2   . DT  C 3 8  ? 4.548   16.577  4.837   1.00 36.46  ? 8    DT  H OP2   1 
ATOM   837 O  "O5'" . DT  C 3 8  ? 4.726   17.504  2.567   1.00 46.28  ? 8    DT  H "O5'" 1 
ATOM   838 C  "C5'" . DT  C 3 8  ? 4.667   16.892  1.299   1.00 39.28  ? 8    DT  H "C5'" 1 
ATOM   839 C  "C4'" . DT  C 3 8  ? 3.345   17.199  0.619   1.00 41.58  ? 8    DT  H "C4'" 1 
ATOM   840 O  "O4'" . DT  C 3 8  ? 2.477   16.036  0.653   1.00 37.21  ? 8    DT  H "O4'" 1 
ATOM   841 C  "C3'" . DT  C 3 8  ? 2.522   18.352  1.205   1.00 39.45  ? 8    DT  H "C3'" 1 
ATOM   842 O  "O3'" . DT  C 3 8  ? 1.968   19.100  0.088   1.00 46.46  ? 8    DT  H "O3'" 1 
ATOM   843 C  "C2'" . DT  C 3 8  ? 1.441   17.612  2.001   1.00 37.24  ? 8    DT  H "C2'" 1 
ATOM   844 C  "C1'" . DT  C 3 8  ? 1.189   16.434  1.080   1.00 36.33  ? 8    DT  H "C1'" 1 
ATOM   845 N  N1    . DT  C 3 8  ? 0.548   15.237  1.700   1.00 38.58  ? 8    DT  H N1    1 
ATOM   846 C  C2    . DT  C 3 8  ? -0.455  14.590  1.011   1.00 35.98  ? 8    DT  H C2    1 
ATOM   847 O  O2    . DT  C 3 8  ? -0.894  14.976  -0.040  1.00 37.42  ? 8    DT  H O2    1 
ATOM   848 N  N3    . DT  C 3 8  ? -0.942  13.471  1.617   1.00 35.58  ? 8    DT  H N3    1 
ATOM   849 C  C4    . DT  C 3 8  ? -0.520  12.917  2.802   1.00 34.89  ? 8    DT  H C4    1 
ATOM   850 O  O4    . DT  C 3 8  ? -1.022  11.899  3.248   1.00 38.21  ? 8    DT  H O4    1 
ATOM   851 C  C5    . DT  C 3 8  ? 0.550   13.625  3.476   1.00 36.46  ? 8    DT  H C5    1 
ATOM   852 C  C7    . DT  C 3 8  ? 1.083   13.120  4.783   1.00 33.34  ? 8    DT  H C7    1 
ATOM   853 C  C6    . DT  C 3 8  ? 1.039   14.734  2.892   1.00 35.19  ? 8    DT  H C6    1 
ATOM   854 P  P     . DT  C 3 9  ? 0.970   20.344  0.281   1.00 46.69  ? 9    DT  H P     1 
ATOM   855 O  OP1   . DT  C 3 9  ? 1.546   21.400  -0.572  1.00 46.65  ? 9    DT  H OP1   1 
ATOM   856 O  OP2   . DT  C 3 9  ? 0.678   20.584  1.718   1.00 42.93  ? 9    DT  H OP2   1 
ATOM   857 O  "O5'" . DT  C 3 9  ? -0.382  19.836  -0.400  1.00 38.70  ? 9    DT  H "O5'" 1 
ATOM   858 C  "C5'" . DT  C 3 9  ? -0.314  18.944  -1.485  1.00 36.58  ? 9    DT  H "C5'" 1 
ATOM   859 C  "C4'" . DT  C 3 9  ? -1.705  18.467  -1.906  1.00 45.74  ? 9    DT  H "C4'" 1 
ATOM   860 O  "O4'" . DT  C 3 9  ? -2.098  17.296  -1.139  1.00 41.22  ? 9    DT  H "O4'" 1 
ATOM   861 C  "C3'" . DT  C 3 9  ? -2.853  19.469  -1.731  1.00 41.95  ? 9    DT  H "C3'" 1 
ATOM   862 O  "O3'" . DT  C 3 9  ? -3.793  19.259  -2.774  1.00 42.56  ? 9    DT  H "O3'" 1 
ATOM   863 C  "C2'" . DT  C 3 9  ? -3.437  19.052  -0.379  1.00 47.14  ? 9    DT  H "C2'" 1 
ATOM   864 C  "C1'" . DT  C 3 9  ? -3.348  17.543  -0.520  1.00 42.79  ? 9    DT  H "C1'" 1 
ATOM   865 N  N1    . DT  C 3 9  ? -3.379  16.783  0.746   1.00 39.27  ? 9    DT  H N1    1 
ATOM   866 C  C2    . DT  C 3 9  ? -4.149  15.647  0.798   1.00 41.33  ? 9    DT  H C2    1 
ATOM   867 O  O2    . DT  C 3 9  ? -4.834  15.260  -0.154  1.00 39.99  ? 9    DT  H O2    1 
ATOM   868 N  N3    . DT  C 3 9  ? -4.099  14.974  1.989   1.00 33.64  ? 9    DT  H N3    1 
ATOM   869 C  C4    . DT  C 3 9  ? -3.353  15.306  3.102   1.00 39.55  ? 9    DT  H C4    1 
ATOM   870 O  O4    . DT  C 3 9  ? -3.370  14.618  4.130   1.00 36.51  ? 9    DT  H O4    1 
ATOM   871 C  C5    . DT  C 3 9  ? -2.560  16.523  2.975   1.00 39.11  ? 9    DT  H C5    1 
ATOM   872 C  C7    . DT  C 3 9  ? -1.715  17.004  4.116   1.00 30.70  ? 9    DT  H C7    1 
ATOM   873 C  C6    . DT  C 3 9  ? -2.608  17.187  1.810   1.00 35.02  ? 9    DT  H C6    1 
ATOM   874 P  P     . DT  C 3 10 ? -4.984  20.306  -3.048  1.00 53.95  ? 10   DT  H P     1 
ATOM   875 O  OP1   . DT  C 3 10 ? -4.878  20.678  -4.489  1.00 41.56  ? 10   DT  H OP1   1 
ATOM   876 O  OP2   . DT  C 3 10 ? -4.997  21.310  -1.955  1.00 42.22  ? 10   DT  H OP2   1 
ATOM   877 O  "O5'" . DT  C 3 10 ? -6.293  19.419  -2.927  1.00 37.07  ? 10   DT  H "O5'" 1 
ATOM   878 C  "C5'" . DT  C 3 10 ? -6.512  18.442  -3.897  1.00 38.53  ? 10   DT  H "C5'" 1 
ATOM   879 C  "C4'" . DT  C 3 10 ? -7.401  17.358  -3.353  1.00 39.06  ? 10   DT  H "C4'" 1 
ATOM   880 O  "O4'" . DT  C 3 10 ? -6.933  16.953  -2.043  1.00 36.95  ? 10   DT  H "O4'" 1 
ATOM   881 C  "C3'" . DT  C 3 10 ? -8.859  17.767  -3.185  1.00 36.41  ? 10   DT  H "C3'" 1 
ATOM   882 O  "O3'" . DT  C 3 10 ? -9.675  16.833  -3.872  1.00 34.73  ? 10   DT  H "O3'" 1 
ATOM   883 C  "C2'" . DT  C 3 10 ? -9.081  17.735  -1.653  1.00 42.57  ? 10   DT  H "C2'" 1 
ATOM   884 C  "C1'" . DT  C 3 10 ? -8.044  16.714  -1.223  1.00 41.07  ? 10   DT  H "C1'" 1 
ATOM   885 N  N1    . DT  C 3 10 ? -7.613  16.782  0.232   1.00 35.57  ? 10   DT  H N1    1 
ATOM   886 C  C2    . DT  C 3 10 ? -7.994  15.770  1.070   1.00 34.93  ? 10   DT  H C2    1 
ATOM   887 O  O2    . DT  C 3 10 ? -8.679  14.834  0.712   1.00 39.20  ? 10   DT  H O2    1 
ATOM   888 N  N3    . DT  C 3 10 ? -7.547  15.883  2.352   1.00 40.32  ? 10   DT  H N3    1 
ATOM   889 C  C4    . DT  C 3 10 ? -6.759  16.880  2.879   1.00 41.06  ? 10   DT  H C4    1 
ATOM   890 O  O4    . DT  C 3 10 ? -6.404  16.878  4.056   1.00 39.09  ? 10   DT  H O4    1 
ATOM   891 C  C5    . DT  C 3 10 ? -6.374  17.916  1.952   1.00 37.74  ? 10   DT  H C5    1 
ATOM   892 C  C7    . DT  C 3 10 ? -5.527  19.061  2.429   1.00 36.22  ? 10   DT  H C7    1 
ATOM   893 C  C6    . DT  C 3 10 ? -6.805  17.815  0.678   1.00 35.58  ? 10   DT  H C6    1 
ATOM   894 P  P     . DC  C 3 11 ? -11.215 17.176  -4.170  1.00 54.20  ? 11   DC  H P     1 
ATOM   895 O  OP1   . DC  C 3 11 ? -11.678 16.413  -5.348  1.00 47.37  ? 11   DC  H OP1   1 
ATOM   896 O  OP2   . DC  C 3 11 ? -11.299 18.652  -4.192  1.00 47.85  ? 11   DC  H OP2   1 
ATOM   897 O  "O5'" . DC  C 3 11 ? -11.973 16.577  -2.891  1.00 48.26  ? 11   DC  H "O5'" 1 
ATOM   898 C  "C5'" . DC  C 3 11 ? -11.958 15.178  -2.665  1.00 44.69  ? 11   DC  H "C5'" 1 
ATOM   899 C  "C4'" . DC  C 3 11 ? -12.701 14.824  -1.391  1.00 50.90  ? 11   DC  H "C4'" 1 
ATOM   900 O  "O4'" . DC  C 3 11 ? -11.853 15.061  -0.256  1.00 46.28  ? 11   DC  H "O4'" 1 
ATOM   901 C  "C3'" . DC  C 3 11 ? -13.980 15.621  -1.149  1.00 49.09  ? 11   DC  H "C3'" 1 
ATOM   902 O  "O3'" . DC  C 3 11 ? -15.096 14.765  -1.303  1.00 52.28  ? 11   DC  H "O3'" 1 
ATOM   903 C  "C2'" . DC  C 3 11 ? -13.860 16.149  0.290   1.00 45.67  ? 11   DC  H "C2'" 1 
ATOM   904 C  "C1'" . DC  C 3 11 ? -12.630 15.432  0.844   1.00 44.00  ? 11   DC  H "C1'" 1 
ATOM   905 N  N1    . DC  C 3 11 ? -11.781 16.283  1.714   1.00 39.86  ? 11   DC  H N1    1 
ATOM   906 C  C2    . DC  C 3 11 ? -11.426 15.822  2.977   1.00 39.50  ? 11   DC  H C2    1 
ATOM   907 O  O2    . DC  C 3 11 ? -11.845 14.719  3.346   1.00 39.14  ? 11   DC  H O2    1 
ATOM   908 N  N3    . DC  C 3 11 ? -10.645 16.600  3.763   1.00 37.63  ? 11   DC  H N3    1 
ATOM   909 C  C4    . DC  C 3 11 ? -10.222 17.786  3.321   1.00 36.67  ? 11   DC  H C4    1 
ATOM   910 N  N4    . DC  C 3 11 ? -9.447  18.519  4.131   1.00 37.49  ? 11   DC  H N4    1 
ATOM   911 C  C5    . DC  C 3 11 ? -10.571 18.274  2.029   1.00 30.92  ? 11   DC  H C5    1 
ATOM   912 C  C6    . DC  C 3 11 ? -11.342 17.495  1.266   1.00 36.03  ? 11   DC  H C6    1 
ATOM   913 P  P     . DC  C 3 12 ? -16.579 15.344  -1.139  1.00 59.96  ? 12   DC  H P     1 
ATOM   914 O  OP1   . DC  C 3 12 ? -17.487 14.585  -2.028  1.00 61.55  ? 12   DC  H OP1   1 
ATOM   915 O  OP2   . DC  C 3 12 ? -16.511 16.815  -1.298  1.00 46.50  ? 12   DC  H OP2   1 
ATOM   916 O  "O5'" . DC  C 3 12 ? -16.922 14.959  0.379   1.00 62.35  ? 12   DC  H "O5'" 1 
ATOM   917 C  "C5'" . DC  C 3 12 ? -16.825 13.591  0.799   1.00 51.04  ? 12   DC  H "C5'" 1 
ATOM   918 C  "C4'" . DC  C 3 12 ? -17.001 13.448  2.307   1.00 52.60  ? 12   DC  H "C4'" 1 
ATOM   919 O  "O4'" . DC  C 3 12 ? -15.757 13.750  2.975   1.00 56.41  ? 12   DC  H "O4'" 1 
ATOM   920 C  "C3'" . DC  C 3 12 ? -18.013 14.386  2.961   1.00 52.08  ? 12   DC  H "C3'" 1 
ATOM   921 O  "O3'" . DC  C 3 12 ? -19.343 13.876  2.831   1.00 50.39  ? 12   DC  H "O3'" 1 
ATOM   922 C  "C2'" . DC  C 3 12 ? -17.553 14.379  4.424   1.00 45.66  ? 12   DC  H "C2'" 1 
ATOM   923 C  "C1'" . DC  C 3 12 ? -16.032 14.179  4.303   1.00 45.69  ? 12   DC  H "C1'" 1 
ATOM   924 N  N1    . DC  C 3 12 ? -15.238 15.405  4.584   1.00 38.85  ? 12   DC  H N1    1 
ATOM   925 C  C2    . DC  C 3 12 ? -14.345 15.400  5.645   1.00 42.35  ? 12   DC  H C2    1 
ATOM   926 O  O2    . DC  C 3 12 ? -14.251 14.382  6.327   1.00 46.44  ? 12   DC  H O2    1 
ATOM   927 N  N3    . DC  C 3 12 ? -13.612 16.513  5.905   1.00 40.19  ? 12   DC  H N3    1 
ATOM   928 C  C4    . DC  C 3 12 ? -13.751 17.590  5.140   1.00 38.47  ? 12   DC  H C4    1 
ATOM   929 N  N4    . DC  C 3 12 ? -13.011 18.661  5.429   1.00 38.40  ? 12   DC  H N4    1 
ATOM   930 C  C5    . DC  C 3 12 ? -14.652 17.610  4.038   1.00 44.51  ? 12   DC  H C5    1 
ATOM   931 C  C6    . DC  C 3 12 ? -15.372 16.505  3.803   1.00 42.41  ? 12   DC  H C6    1 
HETATM 932 ZN ZN    . ZN  D 4 .  ? 7.174   0.099   11.465  1.00 35.92  ? 1201 ZN  A ZN    1 
HETATM 933 ZN ZN    . ZN  E 4 .  ? -1.284  -6.009  -13.778 1.00 33.60  ? 1202 ZN  A ZN    1 
HETATM 934 O  O     . HOH F 5 .  ? 3.156   -5.122  2.201   1.00 45.57  ? 1301 HOH A O     1 
HETATM 935 O  O     . HOH F 5 .  ? 0.290   4.346   -2.208  1.00 23.23  ? 1302 HOH A O     1 
HETATM 936 O  O     . HOH F 5 .  ? -5.933  -1.243  14.236  1.00 48.22  ? 1303 HOH A O     1 
HETATM 937 O  O     . HOH F 5 .  ? -3.547  13.023  11.331  1.00 43.15  ? 1304 HOH A O     1 
HETATM 938 O  O     . HOH F 5 .  ? 4.067   -0.004  0.891   1.00 36.02  ? 1305 HOH A O     1 
HETATM 939 O  O     . HOH F 5 .  ? -7.659  -6.014  -4.983  1.00 47.55  ? 1306 HOH A O     1 
HETATM 940 O  O     . HOH F 5 .  ? 2.956   1.296   3.499   1.00 34.43  ? 1307 HOH A O     1 
HETATM 941 O  O     . HOH F 5 .  ? -7.322  -4.928  -11.003 1.00 41.92  ? 1308 HOH A O     1 
HETATM 942 O  O     . HOH F 5 .  ? -2.297  -2.683  8.497   1.00 33.82  ? 1309 HOH A O     1 
HETATM 943 O  O     . HOH F 5 .  ? 0.421   5.524   -5.168  1.00 38.91  ? 1310 HOH A O     1 
HETATM 944 O  O     . HOH F 5 .  ? -3.632  3.778   -1.331  1.00 45.40  ? 1311 HOH A O     1 
HETATM 945 O  O     . HOH F 5 .  ? 3.524   3.602   -7.127  1.00 25.76  ? 1312 HOH A O     1 
HETATM 946 O  O     . HOH F 5 .  ? -4.566  1.406   0.497   1.00 28.63  ? 1313 HOH A O     1 
HETATM 947 O  O     . HOH F 5 .  ? -5.554  2.411   6.673   1.00 40.39  ? 1314 HOH A O     1 
HETATM 948 O  O     . HOH F 5 .  ? 1.527   5.422   5.160   1.00 28.70  ? 1315 HOH A O     1 
HETATM 949 O  O     . HOH F 5 .  ? 3.331   -2.899  13.677  1.00 34.73  ? 1316 HOH A O     1 
HETATM 950 O  O     . HOH F 5 .  ? -0.733  -4.546  9.447   1.00 50.89  ? 1317 HOH A O     1 
HETATM 951 O  O     . HOH F 5 .  ? -5.746  5.759   -4.539  1.00 34.98  ? 1318 HOH A O     1 
HETATM 952 O  O     . HOH F 5 .  ? -2.595  8.035   -9.808  1.00 42.64  ? 1319 HOH A O     1 
HETATM 953 O  O     . HOH G 5 .  ? 4.102   14.374  -9.545  1.00 45.66  ? 101  HOH G O     1 
HETATM 954 O  O     . HOH G 5 .  ? 9.360   7.053   0.293   1.00 31.38  ? 102  HOH G O     1 
HETATM 955 O  O     . HOH G 5 .  ? 7.173   11.408  -0.314  1.00 36.59  ? 103  HOH G O     1 
HETATM 956 O  O     . HOH G 5 .  ? 3.923   14.180  -1.708  1.00 27.03  ? 104  HOH G O     1 
HETATM 957 O  O     . HOH G 5 .  ? -6.150  5.743   -2.241  1.00 34.85  ? 105  HOH G O     1 
HETATM 958 O  O     . HOH G 5 .  ? -12.404 22.826  16.354  1.00 38.36  ? 106  HOH G O     1 
HETATM 959 O  O     . HOH H 5 .  ? -6.941  20.854  -0.755  1.00 45.10  ? 101  HOH H O     1 
HETATM 960 O  O     . HOH H 5 .  ? 7.623   -5.290  -5.100  1.00 44.90  ? 102  HOH H O     1 
HETATM 961 O  O     . HOH H 5 .  ? -5.651  14.318  -2.438  1.00 51.42  ? 103  HOH H O     1 
HETATM 962 O  O     . HOH H 5 .  ? 10.317  -2.752  -11.553 1.00 46.78  ? 104  HOH H O     1 
HETATM 963 O  O     . HOH H 5 .  ? 3.936   3.754   4.545   1.00 28.43  ? 105  HOH H O     1 
HETATM 964 O  O     . HOH H 5 .  ? 7.896   -4.780  2.762   1.00 38.58  ? 106  HOH H O     1 
HETATM 965 O  O     . HOH H 5 .  ? 10.585  2.900   -1.266  1.00 30.05  ? 107  HOH H O     1 
HETATM 966 O  O     . HOH H 5 .  ? 7.294   -5.471  -1.623  1.00 41.97  ? 108  HOH H O     1 
HETATM 967 O  O     . HOH H 5 .  ? 10.654  -3.104  -8.748  1.00 37.18  ? 109  HOH H O     1 
HETATM 968 O  O     . HOH H 5 .  ? 6.409   13.984  -1.100  1.00 45.75  ? 110  HOH H O     1 
HETATM 969 O  O     . HOH H 5 .  ? 6.258   -6.103  1.131   1.00 50.71  ? 111  HOH H O     1 
# 
loop_
_pdbx_poly_seq_scheme.asym_id 
_pdbx_poly_seq_scheme.entity_id 
_pdbx_poly_seq_scheme.seq_id 
_pdbx_poly_seq_scheme.mon_id 
_pdbx_poly_seq_scheme.ndb_seq_num 
_pdbx_poly_seq_scheme.pdb_seq_num 
_pdbx_poly_seq_scheme.auth_seq_num 
_pdbx_poly_seq_scheme.pdb_mon_id 
_pdbx_poly_seq_scheme.auth_mon_id 
_pdbx_poly_seq_scheme.pdb_strand_id 
_pdbx_poly_seq_scheme.pdb_ins_code 
_pdbx_poly_seq_scheme.hetero 
A 1 1  GLY 1  1099 ?    ?   ?   A . n 
A 1 2  HIS 2  1100 ?    ?   ?   A . n 
A 1 3  MET 3  1101 ?    ?   ?   A . n 
A 1 4  LEU 4  1102 ?    ?   ?   A . n 
A 1 5  ALA 5  1103 ?    ?   ?   A . n 
A 1 6  PRO 6  1104 ?    ?   ?   A . n 
A 1 7  PRO 7  1105 ?    ?   ?   A . n 
A 1 8  PRO 8  1106 ?    ?   ?   A . n 
A 1 9  ARG 9  1107 ?    ?   ?   A . n 
A 1 10 ARG 10 1108 ?    ?   ?   A . n 
A 1 11 THR 11 1109 ?    ?   ?   A . n 
A 1 12 PRO 12 1110 ?    ?   ?   A . n 
A 1 13 LYS 13 1111 1111 LYS LYS A . n 
A 1 14 GLN 14 1112 1112 GLN GLN A . n 
A 1 15 HIS 15 1113 1113 HIS HIS A . n 
A 1 16 ASN 16 1114 1114 ASN ASN A . n 
A 1 17 CYS 17 1115 1115 CYS CYS A . n 
A 1 18 GLN 18 1116 1116 GLN GLN A . n 
A 1 19 SER 19 1117 1117 SER SER A . n 
A 1 20 CYS 20 1118 1118 CYS CYS A . n 
A 1 21 GLY 21 1119 1119 GLY GLY A . n 
A 1 22 LYS 22 1120 1120 LYS LYS A . n 
A 1 23 THR 23 1121 1121 THR THR A . n 
A 1 24 PHE 24 1122 1122 PHE PHE A . n 
A 1 25 SER 25 1123 1123 SER SER A . n 
A 1 26 SER 26 1124 1124 SER SER A . n 
A 1 27 ALA 27 1125 1125 ALA ALA A . n 
A 1 28 SER 28 1126 1126 SER SER A . n 
A 1 29 ALA 29 1127 1127 ALA ALA A . n 
A 1 30 LEU 30 1128 1128 LEU LEU A . n 
A 1 31 GLN 31 1129 1129 GLN GLN A . n 
A 1 32 ILE 32 1130 1130 ILE ILE A . n 
A 1 33 HIS 33 1131 1131 HIS HIS A . n 
A 1 34 GLU 34 1132 1132 GLU GLU A . n 
A 1 35 ARG 35 1133 1133 ARG ARG A . n 
A 1 36 THR 36 1134 1134 THR THR A . n 
A 1 37 HIS 37 1135 1135 HIS HIS A . n 
A 1 38 THR 38 1136 1136 THR THR A . n 
A 1 39 GLY 39 1137 1137 GLY GLY A . n 
A 1 40 GLU 40 1138 1138 GLU GLU A . n 
A 1 41 LYS 41 1139 1139 LYS LYS A . n 
A 1 42 PRO 42 1140 1140 PRO PRO A . n 
A 1 43 PHE 43 1141 1141 PHE PHE A . n 
A 1 44 GLY 44 1142 1142 GLY GLY A . n 
A 1 45 CYS 45 1143 1143 CYS CYS A . n 
A 1 46 THR 46 1144 1144 THR THR A . n 
A 1 47 ILE 47 1145 1145 ILE ILE A . n 
A 1 48 CYS 48 1146 1146 CYS CYS A . n 
A 1 49 GLY 49 1147 1147 GLY GLY A . n 
A 1 50 ARG 50 1148 1148 ARG ARG A . n 
A 1 51 ALA 51 1149 1149 ALA ALA A . n 
A 1 52 PHE 52 1150 1150 PHE PHE A . n 
A 1 53 THR 53 1151 1151 THR THR A . n 
A 1 54 THR 54 1152 1152 THR THR A . n 
A 1 55 LYS 55 1153 1153 LYS LYS A . n 
A 1 56 GLY 56 1154 1154 GLY GLY A . n 
A 1 57 ASN 57 1155 1155 ASN ASN A . n 
A 1 58 LEU 58 1156 1156 LEU LEU A . n 
A 1 59 LYS 59 1157 1157 LYS LYS A . n 
A 1 60 VAL 60 1158 1158 VAL VAL A . n 
A 1 61 HIS 61 1159 1159 HIS HIS A . n 
A 1 62 MET 62 1160 1160 MET MET A . n 
A 1 63 GLY 63 1161 1161 GLY GLY A . n 
A 1 64 THR 64 1162 1162 THR THR A . n 
A 1 65 HIS 65 1163 1163 HIS HIS A . n 
A 1 66 MET 66 1164 1164 MET MET A . n 
A 1 67 TRP 67 1165 1165 TRP TRP A . n 
A 1 68 ASN 68 1166 1166 ASN ASN A . n 
A 1 69 ASN 69 1167 1167 ASN ASN A . n 
B 2 1  DG  1  1    1    DG  DG  G . n 
B 2 2  DG  2  2    2    DG  DG  G . n 
B 2 3  DA  3  3    3    DA  DA  G . n 
B 2 4  DA  4  4    4    DA  DA  G . n 
B 2 5  DA  5  5    5    DA  DA  G . n 
B 2 6  DT  6  6    6    DT  DT  G . n 
B 2 7  DA  7  7    7    DA  DA  G . n 
B 2 8  DT  8  8    8    DT  DT  G . n 
B 2 9  DT  9  9    9    DT  DT  G . n 
B 2 10 DA  10 10   10   DA  DA  G . n 
B 2 11 DC  11 11   11   DC  DC  G . n 
B 2 12 DC  12 12   12   DC  DC  G . n 
C 3 1  DG  1  1    1    DG  DG  H . n 
C 3 2  DG  2  2    2    DG  DG  H . n 
C 3 3  DT  3  3    3    DT  DT  H . n 
C 3 4  DA  4  4    4    DA  DA  H . n 
C 3 5  DA  5  5    5    DA  DA  H . n 
C 3 6  DT  6  6    6    DT  DT  H . n 
C 3 7  DA  7  7    7    DA  DA  H . n 
C 3 8  DT  8  8    8    DT  DT  H . n 
C 3 9  DT  9  9    9    DT  DT  H . n 
C 3 10 DT  10 10   10   DT  DT  H . n 
C 3 11 DC  11 11   11   DC  DC  H . n 
C 3 12 DC  12 12   12   DC  DC  H . n 
# 
_pdbx_contact_author.id                 2 
_pdbx_contact_author.email              ruwenwen@mail.ustc.edu.cn 
_pdbx_contact_author.name_first         Wenwen 
_pdbx_contact_author.name_last          Ru 
_pdbx_contact_author.name_mi            ? 
_pdbx_contact_author.role               'principal investigator/group leader' 
_pdbx_contact_author.identifier_ORCID   0000-0002-2050-1983 
# 
loop_
_pdbx_nonpoly_scheme.asym_id 
_pdbx_nonpoly_scheme.entity_id 
_pdbx_nonpoly_scheme.mon_id 
_pdbx_nonpoly_scheme.ndb_seq_num 
_pdbx_nonpoly_scheme.pdb_seq_num 
_pdbx_nonpoly_scheme.auth_seq_num 
_pdbx_nonpoly_scheme.pdb_mon_id 
_pdbx_nonpoly_scheme.auth_mon_id 
_pdbx_nonpoly_scheme.pdb_strand_id 
_pdbx_nonpoly_scheme.pdb_ins_code 
D 4 ZN  1  1201 1189 ZN  ZN  A . 
E 4 ZN  1  1202 1289 ZN  ZN  A . 
F 5 HOH 1  1301 12   HOH HOH A . 
F 5 HOH 2  1302 1    HOH HOH A . 
F 5 HOH 3  1303 27   HOH HOH A . 
F 5 HOH 4  1304 18   HOH HOH A . 
F 5 HOH 5  1305 5    HOH HOH A . 
F 5 HOH 6  1306 29   HOH HOH A . 
F 5 HOH 7  1307 15   HOH HOH A . 
F 5 HOH 8  1308 33   HOH HOH A . 
F 5 HOH 9  1309 9    HOH HOH A . 
F 5 HOH 10 1310 17   HOH HOH A . 
F 5 HOH 11 1311 25   HOH HOH A . 
F 5 HOH 12 1312 21   HOH HOH A . 
F 5 HOH 13 1313 4    HOH HOH A . 
F 5 HOH 14 1314 35   HOH HOH A . 
F 5 HOH 15 1315 8    HOH HOH A . 
F 5 HOH 16 1316 14   HOH HOH A . 
F 5 HOH 17 1317 36   HOH HOH A . 
F 5 HOH 18 1318 22   HOH HOH A . 
F 5 HOH 19 1319 30   HOH HOH A . 
G 5 HOH 1  101  31   HOH HOH G . 
G 5 HOH 2  102  11   HOH HOH G . 
G 5 HOH 3  103  16   HOH HOH G . 
G 5 HOH 4  104  2    HOH HOH G . 
G 5 HOH 5  105  23   HOH HOH G . 
G 5 HOH 6  106  10   HOH HOH G . 
H 5 HOH 1  101  32   HOH HOH H . 
H 5 HOH 2  102  13   HOH HOH H . 
H 5 HOH 3  103  28   HOH HOH H . 
H 5 HOH 4  104  19   HOH HOH H . 
H 5 HOH 5  105  3    HOH HOH H . 
H 5 HOH 6  106  6    HOH HOH H . 
H 5 HOH 7  107  7    HOH HOH H . 
H 5 HOH 8  108  20   HOH HOH H . 
H 5 HOH 9  109  24   HOH HOH H . 
H 5 HOH 10 110  26   HOH HOH H . 
H 5 HOH 11 111  34   HOH HOH H . 
# 
_pdbx_struct_assembly.id                   1 
_pdbx_struct_assembly.details              author_and_software_defined_assembly 
_pdbx_struct_assembly.method_details       PISA 
_pdbx_struct_assembly.oligomeric_details   trimeric 
_pdbx_struct_assembly.oligomeric_count     3 
# 
_pdbx_struct_assembly_gen.assembly_id       1 
_pdbx_struct_assembly_gen.oper_expression   1 
_pdbx_struct_assembly_gen.asym_id_list      A,B,C,D,E,F,G,H 
# 
loop_
_pdbx_struct_assembly_prop.biol_id 
_pdbx_struct_assembly_prop.type 
_pdbx_struct_assembly_prop.value 
_pdbx_struct_assembly_prop.details 
1 'ABSA (A^2)' 2450 ? 
1 MORE         -23  ? 
1 'SSA (A^2)'  7730 ? 
# 
_pdbx_struct_oper_list.id                   1 
_pdbx_struct_oper_list.type                 'identity operation' 
_pdbx_struct_oper_list.name                 1_555 
_pdbx_struct_oper_list.symmetry_operation   x,y,z 
_pdbx_struct_oper_list.matrix[1][1]         1.0000000000 
_pdbx_struct_oper_list.matrix[1][2]         0.0000000000 
_pdbx_struct_oper_list.matrix[1][3]         0.0000000000 
_pdbx_struct_oper_list.vector[1]            0.0000000000 
_pdbx_struct_oper_list.matrix[2][1]         0.0000000000 
_pdbx_struct_oper_list.matrix[2][2]         1.0000000000 
_pdbx_struct_oper_list.matrix[2][3]         0.0000000000 
_pdbx_struct_oper_list.vector[2]            0.0000000000 
_pdbx_struct_oper_list.matrix[3][1]         0.0000000000 
_pdbx_struct_oper_list.matrix[3][2]         0.0000000000 
_pdbx_struct_oper_list.matrix[3][3]         1.0000000000 
_pdbx_struct_oper_list.vector[3]            0.0000000000 
# 
loop_
_pdbx_struct_conn_angle.id 
_pdbx_struct_conn_angle.ptnr1_label_atom_id 
_pdbx_struct_conn_angle.ptnr1_label_alt_id 
_pdbx_struct_conn_angle.ptnr1_label_asym_id 
_pdbx_struct_conn_angle.ptnr1_label_comp_id 
_pdbx_struct_conn_angle.ptnr1_label_seq_id 
_pdbx_struct_conn_angle.ptnr1_auth_atom_id 
_pdbx_struct_conn_angle.ptnr1_auth_asym_id 
_pdbx_struct_conn_angle.ptnr1_auth_comp_id 
_pdbx_struct_conn_angle.ptnr1_auth_seq_id 
_pdbx_struct_conn_angle.ptnr1_PDB_ins_code 
_pdbx_struct_conn_angle.ptnr1_symmetry 
_pdbx_struct_conn_angle.ptnr2_label_atom_id 
_pdbx_struct_conn_angle.ptnr2_label_alt_id 
_pdbx_struct_conn_angle.ptnr2_label_asym_id 
_pdbx_struct_conn_angle.ptnr2_label_comp_id 
_pdbx_struct_conn_angle.ptnr2_label_seq_id 
_pdbx_struct_conn_angle.ptnr2_auth_atom_id 
_pdbx_struct_conn_angle.ptnr2_auth_asym_id 
_pdbx_struct_conn_angle.ptnr2_auth_comp_id 
_pdbx_struct_conn_angle.ptnr2_auth_seq_id 
_pdbx_struct_conn_angle.ptnr2_PDB_ins_code 
_pdbx_struct_conn_angle.ptnr2_symmetry 
_pdbx_struct_conn_angle.ptnr3_label_atom_id 
_pdbx_struct_conn_angle.ptnr3_label_alt_id 
_pdbx_struct_conn_angle.ptnr3_label_asym_id 
_pdbx_struct_conn_angle.ptnr3_label_comp_id 
_pdbx_struct_conn_angle.ptnr3_label_seq_id 
_pdbx_struct_conn_angle.ptnr3_auth_atom_id 
_pdbx_struct_conn_angle.ptnr3_auth_asym_id 
_pdbx_struct_conn_angle.ptnr3_auth_comp_id 
_pdbx_struct_conn_angle.ptnr3_auth_seq_id 
_pdbx_struct_conn_angle.ptnr3_PDB_ins_code 
_pdbx_struct_conn_angle.ptnr3_symmetry 
_pdbx_struct_conn_angle.value 
_pdbx_struct_conn_angle.value_esd 
1  SG  ? A CYS 17 ? A CYS 1115 ? 1_555 ZN ? D ZN . ? A ZN 1201 ? 1_555 SG  ? A CYS 20 ? A CYS 1118 ? 1_555 111.6 ? 
2  SG  ? A CYS 17 ? A CYS 1115 ? 1_555 ZN ? D ZN . ? A ZN 1201 ? 1_555 NE2 ? A HIS 33 ? A HIS 1131 ? 1_555 98.3  ? 
3  SG  ? A CYS 20 ? A CYS 1118 ? 1_555 ZN ? D ZN . ? A ZN 1201 ? 1_555 NE2 ? A HIS 33 ? A HIS 1131 ? 1_555 98.5  ? 
4  SG  ? A CYS 17 ? A CYS 1115 ? 1_555 ZN ? D ZN . ? A ZN 1201 ? 1_555 NE2 ? A HIS 37 ? A HIS 1135 ? 1_555 102.8 ? 
5  SG  ? A CYS 20 ? A CYS 1118 ? 1_555 ZN ? D ZN . ? A ZN 1201 ? 1_555 NE2 ? A HIS 37 ? A HIS 1135 ? 1_555 126.7 ? 
6  NE2 ? A HIS 33 ? A HIS 1131 ? 1_555 ZN ? D ZN . ? A ZN 1201 ? 1_555 NE2 ? A HIS 37 ? A HIS 1135 ? 1_555 115.8 ? 
7  SG  ? A CYS 45 ? A CYS 1143 ? 1_555 ZN ? E ZN . ? A ZN 1202 ? 1_555 SG  ? A CYS 48 ? A CYS 1146 ? 1_555 124.4 ? 
8  SG  ? A CYS 45 ? A CYS 1143 ? 1_555 ZN ? E ZN . ? A ZN 1202 ? 1_555 NE2 ? A HIS 61 ? A HIS 1159 ? 1_555 92.7  ? 
9  SG  ? A CYS 48 ? A CYS 1146 ? 1_555 ZN ? E ZN . ? A ZN 1202 ? 1_555 NE2 ? A HIS 61 ? A HIS 1159 ? 1_555 110.8 ? 
10 SG  ? A CYS 45 ? A CYS 1143 ? 1_555 ZN ? E ZN . ? A ZN 1202 ? 1_555 NE2 ? A HIS 65 ? A HIS 1163 ? 1_555 108.5 ? 
11 SG  ? A CYS 48 ? A CYS 1146 ? 1_555 ZN ? E ZN . ? A ZN 1202 ? 1_555 NE2 ? A HIS 65 ? A HIS 1163 ? 1_555 114.2 ? 
12 NE2 ? A HIS 61 ? A HIS 1159 ? 1_555 ZN ? E ZN . ? A ZN 1202 ? 1_555 NE2 ? A HIS 65 ? A HIS 1163 ? 1_555 101.9 ? 
# 
loop_
_pdbx_audit_revision_history.ordinal 
_pdbx_audit_revision_history.data_content_type 
_pdbx_audit_revision_history.major_revision 
_pdbx_audit_revision_history.minor_revision 
_pdbx_audit_revision_history.revision_date 
1 'Structure model' 1 0 2022-10-26 
2 'Structure model' 1 1 2022-11-02 
3 'Structure model' 1 2 2022-11-30 
4 'Structure model' 1 3 2023-11-29 
# 
_pdbx_audit_revision_details.ordinal             1 
_pdbx_audit_revision_details.revision_ordinal    1 
_pdbx_audit_revision_details.data_content_type   'Structure model' 
_pdbx_audit_revision_details.provider            repository 
_pdbx_audit_revision_details.type                'Initial release' 
_pdbx_audit_revision_details.description         ? 
_pdbx_audit_revision_details.details             ? 
# 
loop_
_pdbx_audit_revision_group.ordinal 
_pdbx_audit_revision_group.revision_ordinal 
_pdbx_audit_revision_group.data_content_type 
_pdbx_audit_revision_group.group 
1 2 'Structure model' 'Database references'    
2 3 'Structure model' 'Database references'    
3 4 'Structure model' 'Data collection'        
4 4 'Structure model' 'Refinement description' 
# 
loop_
_pdbx_audit_revision_category.ordinal 
_pdbx_audit_revision_category.revision_ordinal 
_pdbx_audit_revision_category.data_content_type 
_pdbx_audit_revision_category.category 
1 2 'Structure model' citation                      
2 2 'Structure model' citation_author               
3 3 'Structure model' citation                      
4 4 'Structure model' chem_comp_atom                
5 4 'Structure model' chem_comp_bond                
6 4 'Structure model' pdbx_initial_refinement_model 
# 
_pdbx_audit_revision_item.ordinal             1 
_pdbx_audit_revision_item.revision_ordinal    3 
_pdbx_audit_revision_item.data_content_type   'Structure model' 
_pdbx_audit_revision_item.item                '_citation.journal_volume' 
# 
loop_
_software.citation_id 
_software.classification 
_software.compiler_name 
_software.compiler_version 
_software.contact_author 
_software.contact_author_email 
_software.date 
_software.description 
_software.dependencies 
_software.hardware 
_software.language 
_software.location 
_software.mods 
_software.name 
_software.os 
_software.os_version 
_software.type 
_software.version 
_software.pdbx_ordinal 
? refinement        ? ? ? ? ? ? ? ? ? ? ? PHENIX      ? ? ? 1.14_3260 1 
? 'data extraction' ? ? ? ? ? ? ? ? ? ? ? PDB_EXTRACT ? ? ? 3.27      2 
? 'data reduction'  ? ? ? ? ? ? ? ? ? ? ? XDS         ? ? ? .         3 
? 'data scaling'    ? ? ? ? ? ? ? ? ? ? ? XDS         ? ? ? .         4 
? phasing           ? ? ? ? ? ? ? ? ? ? ? PHASER      ? ? ? .         5 
# 
_pdbx_entry_details.entry_id                 7Y3L 
_pdbx_entry_details.has_ligand_of_interest   Y 
_pdbx_entry_details.compound_details         ? 
_pdbx_entry_details.source_details           ? 
_pdbx_entry_details.nonpolymer_details       ? 
_pdbx_entry_details.sequence_details         ? 
# 
loop_
_pdbx_unobs_or_zero_occ_residues.id 
_pdbx_unobs_or_zero_occ_residues.PDB_model_num 
_pdbx_unobs_or_zero_occ_residues.polymer_flag 
_pdbx_unobs_or_zero_occ_residues.occupancy_flag 
_pdbx_unobs_or_zero_occ_residues.auth_asym_id 
_pdbx_unobs_or_zero_occ_residues.auth_comp_id 
_pdbx_unobs_or_zero_occ_residues.auth_seq_id 
_pdbx_unobs_or_zero_occ_residues.PDB_ins_code 
_pdbx_unobs_or_zero_occ_residues.label_asym_id 
_pdbx_unobs_or_zero_occ_residues.label_comp_id 
_pdbx_unobs_or_zero_occ_residues.label_seq_id 
1  1 Y 1 A GLY 1099 ? A GLY 1  
2  1 Y 1 A HIS 1100 ? A HIS 2  
3  1 Y 1 A MET 1101 ? A MET 3  
4  1 Y 1 A LEU 1102 ? A LEU 4  
5  1 Y 1 A ALA 1103 ? A ALA 5  
6  1 Y 1 A PRO 1104 ? A PRO 6  
7  1 Y 1 A PRO 1105 ? A PRO 7  
8  1 Y 1 A PRO 1106 ? A PRO 8  
9  1 Y 1 A ARG 1107 ? A ARG 9  
10 1 Y 1 A ARG 1108 ? A ARG 10 
11 1 Y 1 A THR 1109 ? A THR 11 
12 1 Y 1 A PRO 1110 ? A PRO 12 
# 
loop_
_chem_comp_atom.comp_id 
_chem_comp_atom.atom_id 
_chem_comp_atom.type_symbol 
_chem_comp_atom.pdbx_aromatic_flag 
_chem_comp_atom.pdbx_stereo_config 
_chem_comp_atom.pdbx_ordinal 
ALA N      N  N N 1   
ALA CA     C  N S 2   
ALA C      C  N N 3   
ALA O      O  N N 4   
ALA CB     C  N N 5   
ALA OXT    O  N N 6   
ALA H      H  N N 7   
ALA H2     H  N N 8   
ALA HA     H  N N 9   
ALA HB1    H  N N 10  
ALA HB2    H  N N 11  
ALA HB3    H  N N 12  
ALA HXT    H  N N 13  
ARG N      N  N N 14  
ARG CA     C  N S 15  
ARG C      C  N N 16  
ARG O      O  N N 17  
ARG CB     C  N N 18  
ARG CG     C  N N 19  
ARG CD     C  N N 20  
ARG NE     N  N N 21  
ARG CZ     C  N N 22  
ARG NH1    N  N N 23  
ARG NH2    N  N N 24  
ARG OXT    O  N N 25  
ARG H      H  N N 26  
ARG H2     H  N N 27  
ARG HA     H  N N 28  
ARG HB2    H  N N 29  
ARG HB3    H  N N 30  
ARG HG2    H  N N 31  
ARG HG3    H  N N 32  
ARG HD2    H  N N 33  
ARG HD3    H  N N 34  
ARG HE     H  N N 35  
ARG HH11   H  N N 36  
ARG HH12   H  N N 37  
ARG HH21   H  N N 38  
ARG HH22   H  N N 39  
ARG HXT    H  N N 40  
ASN N      N  N N 41  
ASN CA     C  N S 42  
ASN C      C  N N 43  
ASN O      O  N N 44  
ASN CB     C  N N 45  
ASN CG     C  N N 46  
ASN OD1    O  N N 47  
ASN ND2    N  N N 48  
ASN OXT    O  N N 49  
ASN H      H  N N 50  
ASN H2     H  N N 51  
ASN HA     H  N N 52  
ASN HB2    H  N N 53  
ASN HB3    H  N N 54  
ASN HD21   H  N N 55  
ASN HD22   H  N N 56  
ASN HXT    H  N N 57  
CYS N      N  N N 58  
CYS CA     C  N R 59  
CYS C      C  N N 60  
CYS O      O  N N 61  
CYS CB     C  N N 62  
CYS SG     S  N N 63  
CYS OXT    O  N N 64  
CYS H      H  N N 65  
CYS H2     H  N N 66  
CYS HA     H  N N 67  
CYS HB2    H  N N 68  
CYS HB3    H  N N 69  
CYS HG     H  N N 70  
CYS HXT    H  N N 71  
DA  OP3    O  N N 72  
DA  P      P  N N 73  
DA  OP1    O  N N 74  
DA  OP2    O  N N 75  
DA  "O5'"  O  N N 76  
DA  "C5'"  C  N N 77  
DA  "C4'"  C  N R 78  
DA  "O4'"  O  N N 79  
DA  "C3'"  C  N S 80  
DA  "O3'"  O  N N 81  
DA  "C2'"  C  N N 82  
DA  "C1'"  C  N R 83  
DA  N9     N  Y N 84  
DA  C8     C  Y N 85  
DA  N7     N  Y N 86  
DA  C5     C  Y N 87  
DA  C6     C  Y N 88  
DA  N6     N  N N 89  
DA  N1     N  Y N 90  
DA  C2     C  Y N 91  
DA  N3     N  Y N 92  
DA  C4     C  Y N 93  
DA  HOP3   H  N N 94  
DA  HOP2   H  N N 95  
DA  "H5'"  H  N N 96  
DA  "H5''" H  N N 97  
DA  "H4'"  H  N N 98  
DA  "H3'"  H  N N 99  
DA  "HO3'" H  N N 100 
DA  "H2'"  H  N N 101 
DA  "H2''" H  N N 102 
DA  "H1'"  H  N N 103 
DA  H8     H  N N 104 
DA  H61    H  N N 105 
DA  H62    H  N N 106 
DA  H2     H  N N 107 
DC  OP3    O  N N 108 
DC  P      P  N N 109 
DC  OP1    O  N N 110 
DC  OP2    O  N N 111 
DC  "O5'"  O  N N 112 
DC  "C5'"  C  N N 113 
DC  "C4'"  C  N R 114 
DC  "O4'"  O  N N 115 
DC  "C3'"  C  N S 116 
DC  "O3'"  O  N N 117 
DC  "C2'"  C  N N 118 
DC  "C1'"  C  N R 119 
DC  N1     N  N N 120 
DC  C2     C  N N 121 
DC  O2     O  N N 122 
DC  N3     N  N N 123 
DC  C4     C  N N 124 
DC  N4     N  N N 125 
DC  C5     C  N N 126 
DC  C6     C  N N 127 
DC  HOP3   H  N N 128 
DC  HOP2   H  N N 129 
DC  "H5'"  H  N N 130 
DC  "H5''" H  N N 131 
DC  "H4'"  H  N N 132 
DC  "H3'"  H  N N 133 
DC  "HO3'" H  N N 134 
DC  "H2'"  H  N N 135 
DC  "H2''" H  N N 136 
DC  "H1'"  H  N N 137 
DC  H41    H  N N 138 
DC  H42    H  N N 139 
DC  H5     H  N N 140 
DC  H6     H  N N 141 
DG  OP3    O  N N 142 
DG  P      P  N N 143 
DG  OP1    O  N N 144 
DG  OP2    O  N N 145 
DG  "O5'"  O  N N 146 
DG  "C5'"  C  N N 147 
DG  "C4'"  C  N R 148 
DG  "O4'"  O  N N 149 
DG  "C3'"  C  N S 150 
DG  "O3'"  O  N N 151 
DG  "C2'"  C  N N 152 
DG  "C1'"  C  N R 153 
DG  N9     N  Y N 154 
DG  C8     C  Y N 155 
DG  N7     N  Y N 156 
DG  C5     C  Y N 157 
DG  C6     C  N N 158 
DG  O6     O  N N 159 
DG  N1     N  N N 160 
DG  C2     C  N N 161 
DG  N2     N  N N 162 
DG  N3     N  N N 163 
DG  C4     C  Y N 164 
DG  HOP3   H  N N 165 
DG  HOP2   H  N N 166 
DG  "H5'"  H  N N 167 
DG  "H5''" H  N N 168 
DG  "H4'"  H  N N 169 
DG  "H3'"  H  N N 170 
DG  "HO3'" H  N N 171 
DG  "H2'"  H  N N 172 
DG  "H2''" H  N N 173 
DG  "H1'"  H  N N 174 
DG  H8     H  N N 175 
DG  H1     H  N N 176 
DG  H21    H  N N 177 
DG  H22    H  N N 178 
DT  OP3    O  N N 179 
DT  P      P  N N 180 
DT  OP1    O  N N 181 
DT  OP2    O  N N 182 
DT  "O5'"  O  N N 183 
DT  "C5'"  C  N N 184 
DT  "C4'"  C  N R 185 
DT  "O4'"  O  N N 186 
DT  "C3'"  C  N S 187 
DT  "O3'"  O  N N 188 
DT  "C2'"  C  N N 189 
DT  "C1'"  C  N R 190 
DT  N1     N  N N 191 
DT  C2     C  N N 192 
DT  O2     O  N N 193 
DT  N3     N  N N 194 
DT  C4     C  N N 195 
DT  O4     O  N N 196 
DT  C5     C  N N 197 
DT  C7     C  N N 198 
DT  C6     C  N N 199 
DT  HOP3   H  N N 200 
DT  HOP2   H  N N 201 
DT  "H5'"  H  N N 202 
DT  "H5''" H  N N 203 
DT  "H4'"  H  N N 204 
DT  "H3'"  H  N N 205 
DT  "HO3'" H  N N 206 
DT  "H2'"  H  N N 207 
DT  "H2''" H  N N 208 
DT  "H1'"  H  N N 209 
DT  H3     H  N N 210 
DT  H71    H  N N 211 
DT  H72    H  N N 212 
DT  H73    H  N N 213 
DT  H6     H  N N 214 
GLN N      N  N N 215 
GLN CA     C  N S 216 
GLN C      C  N N 217 
GLN O      O  N N 218 
GLN CB     C  N N 219 
GLN CG     C  N N 220 
GLN CD     C  N N 221 
GLN OE1    O  N N 222 
GLN NE2    N  N N 223 
GLN OXT    O  N N 224 
GLN H      H  N N 225 
GLN H2     H  N N 226 
GLN HA     H  N N 227 
GLN HB2    H  N N 228 
GLN HB3    H  N N 229 
GLN HG2    H  N N 230 
GLN HG3    H  N N 231 
GLN HE21   H  N N 232 
GLN HE22   H  N N 233 
GLN HXT    H  N N 234 
GLU N      N  N N 235 
GLU CA     C  N S 236 
GLU C      C  N N 237 
GLU O      O  N N 238 
GLU CB     C  N N 239 
GLU CG     C  N N 240 
GLU CD     C  N N 241 
GLU OE1    O  N N 242 
GLU OE2    O  N N 243 
GLU OXT    O  N N 244 
GLU H      H  N N 245 
GLU H2     H  N N 246 
GLU HA     H  N N 247 
GLU HB2    H  N N 248 
GLU HB3    H  N N 249 
GLU HG2    H  N N 250 
GLU HG3    H  N N 251 
GLU HE2    H  N N 252 
GLU HXT    H  N N 253 
GLY N      N  N N 254 
GLY CA     C  N N 255 
GLY C      C  N N 256 
GLY O      O  N N 257 
GLY OXT    O  N N 258 
GLY H      H  N N 259 
GLY H2     H  N N 260 
GLY HA2    H  N N 261 
GLY HA3    H  N N 262 
GLY HXT    H  N N 263 
HIS N      N  N N 264 
HIS CA     C  N S 265 
HIS C      C  N N 266 
HIS O      O  N N 267 
HIS CB     C  N N 268 
HIS CG     C  Y N 269 
HIS ND1    N  Y N 270 
HIS CD2    C  Y N 271 
HIS CE1    C  Y N 272 
HIS NE2    N  Y N 273 
HIS OXT    O  N N 274 
HIS H      H  N N 275 
HIS H2     H  N N 276 
HIS HA     H  N N 277 
HIS HB2    H  N N 278 
HIS HB3    H  N N 279 
HIS HD1    H  N N 280 
HIS HD2    H  N N 281 
HIS HE1    H  N N 282 
HIS HE2    H  N N 283 
HIS HXT    H  N N 284 
HOH O      O  N N 285 
HOH H1     H  N N 286 
HOH H2     H  N N 287 
ILE N      N  N N 288 
ILE CA     C  N S 289 
ILE C      C  N N 290 
ILE O      O  N N 291 
ILE CB     C  N S 292 
ILE CG1    C  N N 293 
ILE CG2    C  N N 294 
ILE CD1    C  N N 295 
ILE OXT    O  N N 296 
ILE H      H  N N 297 
ILE H2     H  N N 298 
ILE HA     H  N N 299 
ILE HB     H  N N 300 
ILE HG12   H  N N 301 
ILE HG13   H  N N 302 
ILE HG21   H  N N 303 
ILE HG22   H  N N 304 
ILE HG23   H  N N 305 
ILE HD11   H  N N 306 
ILE HD12   H  N N 307 
ILE HD13   H  N N 308 
ILE HXT    H  N N 309 
LEU N      N  N N 310 
LEU CA     C  N S 311 
LEU C      C  N N 312 
LEU O      O  N N 313 
LEU CB     C  N N 314 
LEU CG     C  N N 315 
LEU CD1    C  N N 316 
LEU CD2    C  N N 317 
LEU OXT    O  N N 318 
LEU H      H  N N 319 
LEU H2     H  N N 320 
LEU HA     H  N N 321 
LEU HB2    H  N N 322 
LEU HB3    H  N N 323 
LEU HG     H  N N 324 
LEU HD11   H  N N 325 
LEU HD12   H  N N 326 
LEU HD13   H  N N 327 
LEU HD21   H  N N 328 
LEU HD22   H  N N 329 
LEU HD23   H  N N 330 
LEU HXT    H  N N 331 
LYS N      N  N N 332 
LYS CA     C  N S 333 
LYS C      C  N N 334 
LYS O      O  N N 335 
LYS CB     C  N N 336 
LYS CG     C  N N 337 
LYS CD     C  N N 338 
LYS CE     C  N N 339 
LYS NZ     N  N N 340 
LYS OXT    O  N N 341 
LYS H      H  N N 342 
LYS H2     H  N N 343 
LYS HA     H  N N 344 
LYS HB2    H  N N 345 
LYS HB3    H  N N 346 
LYS HG2    H  N N 347 
LYS HG3    H  N N 348 
LYS HD2    H  N N 349 
LYS HD3    H  N N 350 
LYS HE2    H  N N 351 
LYS HE3    H  N N 352 
LYS HZ1    H  N N 353 
LYS HZ2    H  N N 354 
LYS HZ3    H  N N 355 
LYS HXT    H  N N 356 
MET N      N  N N 357 
MET CA     C  N S 358 
MET C      C  N N 359 
MET O      O  N N 360 
MET CB     C  N N 361 
MET CG     C  N N 362 
MET SD     S  N N 363 
MET CE     C  N N 364 
MET OXT    O  N N 365 
MET H      H  N N 366 
MET H2     H  N N 367 
MET HA     H  N N 368 
MET HB2    H  N N 369 
MET HB3    H  N N 370 
MET HG2    H  N N 371 
MET HG3    H  N N 372 
MET HE1    H  N N 373 
MET HE2    H  N N 374 
MET HE3    H  N N 375 
MET HXT    H  N N 376 
PHE N      N  N N 377 
PHE CA     C  N S 378 
PHE C      C  N N 379 
PHE O      O  N N 380 
PHE CB     C  N N 381 
PHE CG     C  Y N 382 
PHE CD1    C  Y N 383 
PHE CD2    C  Y N 384 
PHE CE1    C  Y N 385 
PHE CE2    C  Y N 386 
PHE CZ     C  Y N 387 
PHE OXT    O  N N 388 
PHE H      H  N N 389 
PHE H2     H  N N 390 
PHE HA     H  N N 391 
PHE HB2    H  N N 392 
PHE HB3    H  N N 393 
PHE HD1    H  N N 394 
PHE HD2    H  N N 395 
PHE HE1    H  N N 396 
PHE HE2    H  N N 397 
PHE HZ     H  N N 398 
PHE HXT    H  N N 399 
PRO N      N  N N 400 
PRO CA     C  N S 401 
PRO C      C  N N 402 
PRO O      O  N N 403 
PRO CB     C  N N 404 
PRO CG     C  N N 405 
PRO CD     C  N N 406 
PRO OXT    O  N N 407 
PRO H      H  N N 408 
PRO HA     H  N N 409 
PRO HB2    H  N N 410 
PRO HB3    H  N N 411 
PRO HG2    H  N N 412 
PRO HG3    H  N N 413 
PRO HD2    H  N N 414 
PRO HD3    H  N N 415 
PRO HXT    H  N N 416 
SER N      N  N N 417 
SER CA     C  N S 418 
SER C      C  N N 419 
SER O      O  N N 420 
SER CB     C  N N 421 
SER OG     O  N N 422 
SER OXT    O  N N 423 
SER H      H  N N 424 
SER H2     H  N N 425 
SER HA     H  N N 426 
SER HB2    H  N N 427 
SER HB3    H  N N 428 
SER HG     H  N N 429 
SER HXT    H  N N 430 
THR N      N  N N 431 
THR CA     C  N S 432 
THR C      C  N N 433 
THR O      O  N N 434 
THR CB     C  N R 435 
THR OG1    O  N N 436 
THR CG2    C  N N 437 
THR OXT    O  N N 438 
THR H      H  N N 439 
THR H2     H  N N 440 
THR HA     H  N N 441 
THR HB     H  N N 442 
THR HG1    H  N N 443 
THR HG21   H  N N 444 
THR HG22   H  N N 445 
THR HG23   H  N N 446 
THR HXT    H  N N 447 
TRP N      N  N N 448 
TRP CA     C  N S 449 
TRP C      C  N N 450 
TRP O      O  N N 451 
TRP CB     C  N N 452 
TRP CG     C  Y N 453 
TRP CD1    C  Y N 454 
TRP CD2    C  Y N 455 
TRP NE1    N  Y N 456 
TRP CE2    C  Y N 457 
TRP CE3    C  Y N 458 
TRP CZ2    C  Y N 459 
TRP CZ3    C  Y N 460 
TRP CH2    C  Y N 461 
TRP OXT    O  N N 462 
TRP H      H  N N 463 
TRP H2     H  N N 464 
TRP HA     H  N N 465 
TRP HB2    H  N N 466 
TRP HB3    H  N N 467 
TRP HD1    H  N N 468 
TRP HE1    H  N N 469 
TRP HE3    H  N N 470 
TRP HZ2    H  N N 471 
TRP HZ3    H  N N 472 
TRP HH2    H  N N 473 
TRP HXT    H  N N 474 
VAL N      N  N N 475 
VAL CA     C  N S 476 
VAL C      C  N N 477 
VAL O      O  N N 478 
VAL CB     C  N N 479 
VAL CG1    C  N N 480 
VAL CG2    C  N N 481 
VAL OXT    O  N N 482 
VAL H      H  N N 483 
VAL H2     H  N N 484 
VAL HA     H  N N 485 
VAL HB     H  N N 486 
VAL HG11   H  N N 487 
VAL HG12   H  N N 488 
VAL HG13   H  N N 489 
VAL HG21   H  N N 490 
VAL HG22   H  N N 491 
VAL HG23   H  N N 492 
VAL HXT    H  N N 493 
ZN  ZN     ZN N N 494 
# 
loop_
_chem_comp_bond.comp_id 
_chem_comp_bond.atom_id_1 
_chem_comp_bond.atom_id_2 
_chem_comp_bond.value_order 
_chem_comp_bond.pdbx_aromatic_flag 
_chem_comp_bond.pdbx_stereo_config 
_chem_comp_bond.pdbx_ordinal 
ALA N     CA     sing N N 1   
ALA N     H      sing N N 2   
ALA N     H2     sing N N 3   
ALA CA    C      sing N N 4   
ALA CA    CB     sing N N 5   
ALA CA    HA     sing N N 6   
ALA C     O      doub N N 7   
ALA C     OXT    sing N N 8   
ALA CB    HB1    sing N N 9   
ALA CB    HB2    sing N N 10  
ALA CB    HB3    sing N N 11  
ALA OXT   HXT    sing N N 12  
ARG N     CA     sing N N 13  
ARG N     H      sing N N 14  
ARG N     H2     sing N N 15  
ARG CA    C      sing N N 16  
ARG CA    CB     sing N N 17  
ARG CA    HA     sing N N 18  
ARG C     O      doub N N 19  
ARG C     OXT    sing N N 20  
ARG CB    CG     sing N N 21  
ARG CB    HB2    sing N N 22  
ARG CB    HB3    sing N N 23  
ARG CG    CD     sing N N 24  
ARG CG    HG2    sing N N 25  
ARG CG    HG3    sing N N 26  
ARG CD    NE     sing N N 27  
ARG CD    HD2    sing N N 28  
ARG CD    HD3    sing N N 29  
ARG NE    CZ     sing N N 30  
ARG NE    HE     sing N N 31  
ARG CZ    NH1    sing N N 32  
ARG CZ    NH2    doub N N 33  
ARG NH1   HH11   sing N N 34  
ARG NH1   HH12   sing N N 35  
ARG NH2   HH21   sing N N 36  
ARG NH2   HH22   sing N N 37  
ARG OXT   HXT    sing N N 38  
ASN N     CA     sing N N 39  
ASN N     H      sing N N 40  
ASN N     H2     sing N N 41  
ASN CA    C      sing N N 42  
ASN CA    CB     sing N N 43  
ASN CA    HA     sing N N 44  
ASN C     O      doub N N 45  
ASN C     OXT    sing N N 46  
ASN CB    CG     sing N N 47  
ASN CB    HB2    sing N N 48  
ASN CB    HB3    sing N N 49  
ASN CG    OD1    doub N N 50  
ASN CG    ND2    sing N N 51  
ASN ND2   HD21   sing N N 52  
ASN ND2   HD22   sing N N 53  
ASN OXT   HXT    sing N N 54  
CYS N     CA     sing N N 55  
CYS N     H      sing N N 56  
CYS N     H2     sing N N 57  
CYS CA    C      sing N N 58  
CYS CA    CB     sing N N 59  
CYS CA    HA     sing N N 60  
CYS C     O      doub N N 61  
CYS C     OXT    sing N N 62  
CYS CB    SG     sing N N 63  
CYS CB    HB2    sing N N 64  
CYS CB    HB3    sing N N 65  
CYS SG    HG     sing N N 66  
CYS OXT   HXT    sing N N 67  
DA  OP3   P      sing N N 68  
DA  OP3   HOP3   sing N N 69  
DA  P     OP1    doub N N 70  
DA  P     OP2    sing N N 71  
DA  P     "O5'"  sing N N 72  
DA  OP2   HOP2   sing N N 73  
DA  "O5'" "C5'"  sing N N 74  
DA  "C5'" "C4'"  sing N N 75  
DA  "C5'" "H5'"  sing N N 76  
DA  "C5'" "H5''" sing N N 77  
DA  "C4'" "O4'"  sing N N 78  
DA  "C4'" "C3'"  sing N N 79  
DA  "C4'" "H4'"  sing N N 80  
DA  "O4'" "C1'"  sing N N 81  
DA  "C3'" "O3'"  sing N N 82  
DA  "C3'" "C2'"  sing N N 83  
DA  "C3'" "H3'"  sing N N 84  
DA  "O3'" "HO3'" sing N N 85  
DA  "C2'" "C1'"  sing N N 86  
DA  "C2'" "H2'"  sing N N 87  
DA  "C2'" "H2''" sing N N 88  
DA  "C1'" N9     sing N N 89  
DA  "C1'" "H1'"  sing N N 90  
DA  N9    C8     sing Y N 91  
DA  N9    C4     sing Y N 92  
DA  C8    N7     doub Y N 93  
DA  C8    H8     sing N N 94  
DA  N7    C5     sing Y N 95  
DA  C5    C6     sing Y N 96  
DA  C5    C4     doub Y N 97  
DA  C6    N6     sing N N 98  
DA  C6    N1     doub Y N 99  
DA  N6    H61    sing N N 100 
DA  N6    H62    sing N N 101 
DA  N1    C2     sing Y N 102 
DA  C2    N3     doub Y N 103 
DA  C2    H2     sing N N 104 
DA  N3    C4     sing Y N 105 
DC  OP3   P      sing N N 106 
DC  OP3   HOP3   sing N N 107 
DC  P     OP1    doub N N 108 
DC  P     OP2    sing N N 109 
DC  P     "O5'"  sing N N 110 
DC  OP2   HOP2   sing N N 111 
DC  "O5'" "C5'"  sing N N 112 
DC  "C5'" "C4'"  sing N N 113 
DC  "C5'" "H5'"  sing N N 114 
DC  "C5'" "H5''" sing N N 115 
DC  "C4'" "O4'"  sing N N 116 
DC  "C4'" "C3'"  sing N N 117 
DC  "C4'" "H4'"  sing N N 118 
DC  "O4'" "C1'"  sing N N 119 
DC  "C3'" "O3'"  sing N N 120 
DC  "C3'" "C2'"  sing N N 121 
DC  "C3'" "H3'"  sing N N 122 
DC  "O3'" "HO3'" sing N N 123 
DC  "C2'" "C1'"  sing N N 124 
DC  "C2'" "H2'"  sing N N 125 
DC  "C2'" "H2''" sing N N 126 
DC  "C1'" N1     sing N N 127 
DC  "C1'" "H1'"  sing N N 128 
DC  N1    C2     sing N N 129 
DC  N1    C6     sing N N 130 
DC  C2    O2     doub N N 131 
DC  C2    N3     sing N N 132 
DC  N3    C4     doub N N 133 
DC  C4    N4     sing N N 134 
DC  C4    C5     sing N N 135 
DC  N4    H41    sing N N 136 
DC  N4    H42    sing N N 137 
DC  C5    C6     doub N N 138 
DC  C5    H5     sing N N 139 
DC  C6    H6     sing N N 140 
DG  OP3   P      sing N N 141 
DG  OP3   HOP3   sing N N 142 
DG  P     OP1    doub N N 143 
DG  P     OP2    sing N N 144 
DG  P     "O5'"  sing N N 145 
DG  OP2   HOP2   sing N N 146 
DG  "O5'" "C5'"  sing N N 147 
DG  "C5'" "C4'"  sing N N 148 
DG  "C5'" "H5'"  sing N N 149 
DG  "C5'" "H5''" sing N N 150 
DG  "C4'" "O4'"  sing N N 151 
DG  "C4'" "C3'"  sing N N 152 
DG  "C4'" "H4'"  sing N N 153 
DG  "O4'" "C1'"  sing N N 154 
DG  "C3'" "O3'"  sing N N 155 
DG  "C3'" "C2'"  sing N N 156 
DG  "C3'" "H3'"  sing N N 157 
DG  "O3'" "HO3'" sing N N 158 
DG  "C2'" "C1'"  sing N N 159 
DG  "C2'" "H2'"  sing N N 160 
DG  "C2'" "H2''" sing N N 161 
DG  "C1'" N9     sing N N 162 
DG  "C1'" "H1'"  sing N N 163 
DG  N9    C8     sing Y N 164 
DG  N9    C4     sing Y N 165 
DG  C8    N7     doub Y N 166 
DG  C8    H8     sing N N 167 
DG  N7    C5     sing Y N 168 
DG  C5    C6     sing N N 169 
DG  C5    C4     doub Y N 170 
DG  C6    O6     doub N N 171 
DG  C6    N1     sing N N 172 
DG  N1    C2     sing N N 173 
DG  N1    H1     sing N N 174 
DG  C2    N2     sing N N 175 
DG  C2    N3     doub N N 176 
DG  N2    H21    sing N N 177 
DG  N2    H22    sing N N 178 
DG  N3    C4     sing N N 179 
DT  OP3   P      sing N N 180 
DT  OP3   HOP3   sing N N 181 
DT  P     OP1    doub N N 182 
DT  P     OP2    sing N N 183 
DT  P     "O5'"  sing N N 184 
DT  OP2   HOP2   sing N N 185 
DT  "O5'" "C5'"  sing N N 186 
DT  "C5'" "C4'"  sing N N 187 
DT  "C5'" "H5'"  sing N N 188 
DT  "C5'" "H5''" sing N N 189 
DT  "C4'" "O4'"  sing N N 190 
DT  "C4'" "C3'"  sing N N 191 
DT  "C4'" "H4'"  sing N N 192 
DT  "O4'" "C1'"  sing N N 193 
DT  "C3'" "O3'"  sing N N 194 
DT  "C3'" "C2'"  sing N N 195 
DT  "C3'" "H3'"  sing N N 196 
DT  "O3'" "HO3'" sing N N 197 
DT  "C2'" "C1'"  sing N N 198 
DT  "C2'" "H2'"  sing N N 199 
DT  "C2'" "H2''" sing N N 200 
DT  "C1'" N1     sing N N 201 
DT  "C1'" "H1'"  sing N N 202 
DT  N1    C2     sing N N 203 
DT  N1    C6     sing N N 204 
DT  C2    O2     doub N N 205 
DT  C2    N3     sing N N 206 
DT  N3    C4     sing N N 207 
DT  N3    H3     sing N N 208 
DT  C4    O4     doub N N 209 
DT  C4    C5     sing N N 210 
DT  C5    C7     sing N N 211 
DT  C5    C6     doub N N 212 
DT  C7    H71    sing N N 213 
DT  C7    H72    sing N N 214 
DT  C7    H73    sing N N 215 
DT  C6    H6     sing N N 216 
GLN N     CA     sing N N 217 
GLN N     H      sing N N 218 
GLN N     H2     sing N N 219 
GLN CA    C      sing N N 220 
GLN CA    CB     sing N N 221 
GLN CA    HA     sing N N 222 
GLN C     O      doub N N 223 
GLN C     OXT    sing N N 224 
GLN CB    CG     sing N N 225 
GLN CB    HB2    sing N N 226 
GLN CB    HB3    sing N N 227 
GLN CG    CD     sing N N 228 
GLN CG    HG2    sing N N 229 
GLN CG    HG3    sing N N 230 
GLN CD    OE1    doub N N 231 
GLN CD    NE2    sing N N 232 
GLN NE2   HE21   sing N N 233 
GLN NE2   HE22   sing N N 234 
GLN OXT   HXT    sing N N 235 
GLU N     CA     sing N N 236 
GLU N     H      sing N N 237 
GLU N     H2     sing N N 238 
GLU CA    C      sing N N 239 
GLU CA    CB     sing N N 240 
GLU CA    HA     sing N N 241 
GLU C     O      doub N N 242 
GLU C     OXT    sing N N 243 
GLU CB    CG     sing N N 244 
GLU CB    HB2    sing N N 245 
GLU CB    HB3    sing N N 246 
GLU CG    CD     sing N N 247 
GLU CG    HG2    sing N N 248 
GLU CG    HG3    sing N N 249 
GLU CD    OE1    doub N N 250 
GLU CD    OE2    sing N N 251 
GLU OE2   HE2    sing N N 252 
GLU OXT   HXT    sing N N 253 
GLY N     CA     sing N N 254 
GLY N     H      sing N N 255 
GLY N     H2     sing N N 256 
GLY CA    C      sing N N 257 
GLY CA    HA2    sing N N 258 
GLY CA    HA3    sing N N 259 
GLY C     O      doub N N 260 
GLY C     OXT    sing N N 261 
GLY OXT   HXT    sing N N 262 
HIS N     CA     sing N N 263 
HIS N     H      sing N N 264 
HIS N     H2     sing N N 265 
HIS CA    C      sing N N 266 
HIS CA    CB     sing N N 267 
HIS CA    HA     sing N N 268 
HIS C     O      doub N N 269 
HIS C     OXT    sing N N 270 
HIS CB    CG     sing N N 271 
HIS CB    HB2    sing N N 272 
HIS CB    HB3    sing N N 273 
HIS CG    ND1    sing Y N 274 
HIS CG    CD2    doub Y N 275 
HIS ND1   CE1    doub Y N 276 
HIS ND1   HD1    sing N N 277 
HIS CD2   NE2    sing Y N 278 
HIS CD2   HD2    sing N N 279 
HIS CE1   NE2    sing Y N 280 
HIS CE1   HE1    sing N N 281 
HIS NE2   HE2    sing N N 282 
HIS OXT   HXT    sing N N 283 
HOH O     H1     sing N N 284 
HOH O     H2     sing N N 285 
ILE N     CA     sing N N 286 
ILE N     H      sing N N 287 
ILE N     H2     sing N N 288 
ILE CA    C      sing N N 289 
ILE CA    CB     sing N N 290 
ILE CA    HA     sing N N 291 
ILE C     O      doub N N 292 
ILE C     OXT    sing N N 293 
ILE CB    CG1    sing N N 294 
ILE CB    CG2    sing N N 295 
ILE CB    HB     sing N N 296 
ILE CG1   CD1    sing N N 297 
ILE CG1   HG12   sing N N 298 
ILE CG1   HG13   sing N N 299 
ILE CG2   HG21   sing N N 300 
ILE CG2   HG22   sing N N 301 
ILE CG2   HG23   sing N N 302 
ILE CD1   HD11   sing N N 303 
ILE CD1   HD12   sing N N 304 
ILE CD1   HD13   sing N N 305 
ILE OXT   HXT    sing N N 306 
LEU N     CA     sing N N 307 
LEU N     H      sing N N 308 
LEU N     H2     sing N N 309 
LEU CA    C      sing N N 310 
LEU CA    CB     sing N N 311 
LEU CA    HA     sing N N 312 
LEU C     O      doub N N 313 
LEU C     OXT    sing N N 314 
LEU CB    CG     sing N N 315 
LEU CB    HB2    sing N N 316 
LEU CB    HB3    sing N N 317 
LEU CG    CD1    sing N N 318 
LEU CG    CD2    sing N N 319 
LEU CG    HG     sing N N 320 
LEU CD1   HD11   sing N N 321 
LEU CD1   HD12   sing N N 322 
LEU CD1   HD13   sing N N 323 
LEU CD2   HD21   sing N N 324 
LEU CD2   HD22   sing N N 325 
LEU CD2   HD23   sing N N 326 
LEU OXT   HXT    sing N N 327 
LYS N     CA     sing N N 328 
LYS N     H      sing N N 329 
LYS N     H2     sing N N 330 
LYS CA    C      sing N N 331 
LYS CA    CB     sing N N 332 
LYS CA    HA     sing N N 333 
LYS C     O      doub N N 334 
LYS C     OXT    sing N N 335 
LYS CB    CG     sing N N 336 
LYS CB    HB2    sing N N 337 
LYS CB    HB3    sing N N 338 
LYS CG    CD     sing N N 339 
LYS CG    HG2    sing N N 340 
LYS CG    HG3    sing N N 341 
LYS CD    CE     sing N N 342 
LYS CD    HD2    sing N N 343 
LYS CD    HD3    sing N N 344 
LYS CE    NZ     sing N N 345 
LYS CE    HE2    sing N N 346 
LYS CE    HE3    sing N N 347 
LYS NZ    HZ1    sing N N 348 
LYS NZ    HZ2    sing N N 349 
LYS NZ    HZ3    sing N N 350 
LYS OXT   HXT    sing N N 351 
MET N     CA     sing N N 352 
MET N     H      sing N N 353 
MET N     H2     sing N N 354 
MET CA    C      sing N N 355 
MET CA    CB     sing N N 356 
MET CA    HA     sing N N 357 
MET C     O      doub N N 358 
MET C     OXT    sing N N 359 
MET CB    CG     sing N N 360 
MET CB    HB2    sing N N 361 
MET CB    HB3    sing N N 362 
MET CG    SD     sing N N 363 
MET CG    HG2    sing N N 364 
MET CG    HG3    sing N N 365 
MET SD    CE     sing N N 366 
MET CE    HE1    sing N N 367 
MET CE    HE2    sing N N 368 
MET CE    HE3    sing N N 369 
MET OXT   HXT    sing N N 370 
PHE N     CA     sing N N 371 
PHE N     H      sing N N 372 
PHE N     H2     sing N N 373 
PHE CA    C      sing N N 374 
PHE CA    CB     sing N N 375 
PHE CA    HA     sing N N 376 
PHE C     O      doub N N 377 
PHE C     OXT    sing N N 378 
PHE CB    CG     sing N N 379 
PHE CB    HB2    sing N N 380 
PHE CB    HB3    sing N N 381 
PHE CG    CD1    doub Y N 382 
PHE CG    CD2    sing Y N 383 
PHE CD1   CE1    sing Y N 384 
PHE CD1   HD1    sing N N 385 
PHE CD2   CE2    doub Y N 386 
PHE CD2   HD2    sing N N 387 
PHE CE1   CZ     doub Y N 388 
PHE CE1   HE1    sing N N 389 
PHE CE2   CZ     sing Y N 390 
PHE CE2   HE2    sing N N 391 
PHE CZ    HZ     sing N N 392 
PHE OXT   HXT    sing N N 393 
PRO N     CA     sing N N 394 
PRO N     CD     sing N N 395 
PRO N     H      sing N N 396 
PRO CA    C      sing N N 397 
PRO CA    CB     sing N N 398 
PRO CA    HA     sing N N 399 
PRO C     O      doub N N 400 
PRO C     OXT    sing N N 401 
PRO CB    CG     sing N N 402 
PRO CB    HB2    sing N N 403 
PRO CB    HB3    sing N N 404 
PRO CG    CD     sing N N 405 
PRO CG    HG2    sing N N 406 
PRO CG    HG3    sing N N 407 
PRO CD    HD2    sing N N 408 
PRO CD    HD3    sing N N 409 
PRO OXT   HXT    sing N N 410 
SER N     CA     sing N N 411 
SER N     H      sing N N 412 
SER N     H2     sing N N 413 
SER CA    C      sing N N 414 
SER CA    CB     sing N N 415 
SER CA    HA     sing N N 416 
SER C     O      doub N N 417 
SER C     OXT    sing N N 418 
SER CB    OG     sing N N 419 
SER CB    HB2    sing N N 420 
SER CB    HB3    sing N N 421 
SER OG    HG     sing N N 422 
SER OXT   HXT    sing N N 423 
THR N     CA     sing N N 424 
THR N     H      sing N N 425 
THR N     H2     sing N N 426 
THR CA    C      sing N N 427 
THR CA    CB     sing N N 428 
THR CA    HA     sing N N 429 
THR C     O      doub N N 430 
THR C     OXT    sing N N 431 
THR CB    OG1    sing N N 432 
THR CB    CG2    sing N N 433 
THR CB    HB     sing N N 434 
THR OG1   HG1    sing N N 435 
THR CG2   HG21   sing N N 436 
THR CG2   HG22   sing N N 437 
THR CG2   HG23   sing N N 438 
THR OXT   HXT    sing N N 439 
TRP N     CA     sing N N 440 
TRP N     H      sing N N 441 
TRP N     H2     sing N N 442 
TRP CA    C      sing N N 443 
TRP CA    CB     sing N N 444 
TRP CA    HA     sing N N 445 
TRP C     O      doub N N 446 
TRP C     OXT    sing N N 447 
TRP CB    CG     sing N N 448 
TRP CB    HB2    sing N N 449 
TRP CB    HB3    sing N N 450 
TRP CG    CD1    doub Y N 451 
TRP CG    CD2    sing Y N 452 
TRP CD1   NE1    sing Y N 453 
TRP CD1   HD1    sing N N 454 
TRP CD2   CE2    doub Y N 455 
TRP CD2   CE3    sing Y N 456 
TRP NE1   CE2    sing Y N 457 
TRP NE1   HE1    sing N N 458 
TRP CE2   CZ2    sing Y N 459 
TRP CE3   CZ3    doub Y N 460 
TRP CE3   HE3    sing N N 461 
TRP CZ2   CH2    doub Y N 462 
TRP CZ2   HZ2    sing N N 463 
TRP CZ3   CH2    sing Y N 464 
TRP CZ3   HZ3    sing N N 465 
TRP CH2   HH2    sing N N 466 
TRP OXT   HXT    sing N N 467 
VAL N     CA     sing N N 468 
VAL N     H      sing N N 469 
VAL N     H2     sing N N 470 
VAL CA    C      sing N N 471 
VAL CA    CB     sing N N 472 
VAL CA    HA     sing N N 473 
VAL C     O      doub N N 474 
VAL C     OXT    sing N N 475 
VAL CB    CG1    sing N N 476 
VAL CB    CG2    sing N N 477 
VAL CB    HB     sing N N 478 
VAL CG1   HG11   sing N N 479 
VAL CG1   HG12   sing N N 480 
VAL CG1   HG13   sing N N 481 
VAL CG2   HG21   sing N N 482 
VAL CG2   HG22   sing N N 483 
VAL CG2   HG23   sing N N 484 
VAL OXT   HXT    sing N N 485 
# 
_ndb_struct_conf_na.entry_id   7Y3L 
_ndb_struct_conf_na.feature    'b-form double helix' 
# 
loop_
_ndb_struct_na_base_pair.model_number 
_ndb_struct_na_base_pair.i_label_asym_id 
_ndb_struct_na_base_pair.i_label_comp_id 
_ndb_struct_na_base_pair.i_label_seq_id 
_ndb_struct_na_base_pair.i_symmetry 
_ndb_struct_na_base_pair.j_label_asym_id 
_ndb_struct_na_base_pair.j_label_comp_id 
_ndb_struct_na_base_pair.j_label_seq_id 
_ndb_struct_na_base_pair.j_symmetry 
_ndb_struct_na_base_pair.shear 
_ndb_struct_na_base_pair.stretch 
_ndb_struct_na_base_pair.stagger 
_ndb_struct_na_base_pair.buckle 
_ndb_struct_na_base_pair.propeller 
_ndb_struct_na_base_pair.opening 
_ndb_struct_na_base_pair.pair_number 
_ndb_struct_na_base_pair.pair_name 
_ndb_struct_na_base_pair.i_auth_asym_id 
_ndb_struct_na_base_pair.i_auth_seq_id 
_ndb_struct_na_base_pair.i_PDB_ins_code 
_ndb_struct_na_base_pair.j_auth_asym_id 
_ndb_struct_na_base_pair.j_auth_seq_id 
_ndb_struct_na_base_pair.j_PDB_ins_code 
_ndb_struct_na_base_pair.hbond_type_28 
_ndb_struct_na_base_pair.hbond_type_12 
1 B DG 1  1_555 C DC 12 1_555 -0.100 -0.265 -0.236 -5.338  -8.487  -1.307 1  G_DG1:DC12_H G 1  ? H 12 ? 19 1 
1 B DG 2  1_555 C DC 11 1_555 -0.015 -0.023 0.211  12.901  -6.492  4.710  2  G_DG2:DC11_H G 2  ? H 11 ? 19 1 
1 B DA 3  1_555 C DT 10 1_555 0.055  0.124  0.420  13.766  -16.958 -2.396 3  G_DA3:DT10_H G 3  ? H 10 ? 20 1 
1 B DA 4  1_555 C DT 9  1_555 0.465  -0.236 0.274  7.162   -19.255 1.347  4  G_DA4:DT9_H  G 4  ? H 9  ? 20 1 
1 B DA 5  1_555 C DT 8  1_555 0.270  -0.196 0.244  5.581   -16.983 -5.724 5  G_DA5:DT8_H  G 5  ? H 8  ? 20 1 
1 B DT 6  1_555 C DA 7  1_555 0.084  -0.448 -0.016 12.098  -8.605  0.481  6  G_DT6:DA7_H  G 6  ? H 7  ? 20 1 
1 B DA 7  1_555 C DT 6  1_555 -0.038 0.024  -0.490 -5.993  -14.912 2.461  7  G_DA7:DT6_H  G 7  ? H 6  ? 20 1 
1 B DT 8  1_555 C DA 5  1_555 -0.232 0.044  -0.344 8.296   -12.002 6.746  8  G_DT8:DA5_H  G 8  ? H 5  ? 20 1 
1 B DT 9  1_555 C DA 4  1_555 -0.170 -0.264 -0.215 9.313   -16.503 4.218  9  G_DT9:DA4_H  G 9  ? H 4  ? 20 1 
1 B DA 10 1_555 C DT 3  1_555 0.296  -0.001 -0.163 -14.049 -13.755 1.577  10 G_DA10:DT3_H G 10 ? H 3  ? 20 1 
1 B DC 11 1_555 C DG 2  1_555 0.030  0.038  -0.046 -13.151 -4.934  2.513  11 G_DC11:DG2_H G 11 ? H 2  ? 19 1 
1 B DC 12 1_555 C DG 1  1_555 0.420  -0.290 -0.014 -6.919  4.398   -3.595 12 G_DC12:DG1_H G 12 ? H 1  ? 19 1 
# 
loop_
_ndb_struct_na_base_pair_step.model_number 
_ndb_struct_na_base_pair_step.i_label_asym_id_1 
_ndb_struct_na_base_pair_step.i_label_comp_id_1 
_ndb_struct_na_base_pair_step.i_label_seq_id_1 
_ndb_struct_na_base_pair_step.i_symmetry_1 
_ndb_struct_na_base_pair_step.j_label_asym_id_1 
_ndb_struct_na_base_pair_step.j_label_comp_id_1 
_ndb_struct_na_base_pair_step.j_label_seq_id_1 
_ndb_struct_na_base_pair_step.j_symmetry_1 
_ndb_struct_na_base_pair_step.i_label_asym_id_2 
_ndb_struct_na_base_pair_step.i_label_comp_id_2 
_ndb_struct_na_base_pair_step.i_label_seq_id_2 
_ndb_struct_na_base_pair_step.i_symmetry_2 
_ndb_struct_na_base_pair_step.j_label_asym_id_2 
_ndb_struct_na_base_pair_step.j_label_comp_id_2 
_ndb_struct_na_base_pair_step.j_label_seq_id_2 
_ndb_struct_na_base_pair_step.j_symmetry_2 
_ndb_struct_na_base_pair_step.shift 
_ndb_struct_na_base_pair_step.slide 
_ndb_struct_na_base_pair_step.rise 
_ndb_struct_na_base_pair_step.tilt 
_ndb_struct_na_base_pair_step.roll 
_ndb_struct_na_base_pair_step.twist 
_ndb_struct_na_base_pair_step.x_displacement 
_ndb_struct_na_base_pair_step.y_displacement 
_ndb_struct_na_base_pair_step.helical_rise 
_ndb_struct_na_base_pair_step.inclination 
_ndb_struct_na_base_pair_step.tip 
_ndb_struct_na_base_pair_step.helical_twist 
_ndb_struct_na_base_pair_step.step_number 
_ndb_struct_na_base_pair_step.step_name 
_ndb_struct_na_base_pair_step.i_auth_asym_id_1 
_ndb_struct_na_base_pair_step.i_auth_seq_id_1 
_ndb_struct_na_base_pair_step.i_PDB_ins_code_1 
_ndb_struct_na_base_pair_step.j_auth_asym_id_1 
_ndb_struct_na_base_pair_step.j_auth_seq_id_1 
_ndb_struct_na_base_pair_step.j_PDB_ins_code_1 
_ndb_struct_na_base_pair_step.i_auth_asym_id_2 
_ndb_struct_na_base_pair_step.i_auth_seq_id_2 
_ndb_struct_na_base_pair_step.i_PDB_ins_code_2 
_ndb_struct_na_base_pair_step.j_auth_asym_id_2 
_ndb_struct_na_base_pair_step.j_auth_seq_id_2 
_ndb_struct_na_base_pair_step.j_PDB_ins_code_2 
1 B DG 1  1_555 C DC 12 1_555 B DG 2  1_555 C DC 11 1_555 0.602  0.073  3.026 -3.108 -3.049 30.356 0.688  -1.699 2.930 -5.784 
5.896  30.659 1  GG_DG1DG2:DC11DC12_HH G 1  ? H 12 ? G 2  ? H 11 ? 
1 B DG 2  1_555 C DC 11 1_555 B DA 3  1_555 C DT 10 1_555 -0.818 0.074  3.184 -5.114 -0.827 40.372 0.197  0.616  3.257 -1.192 
7.373  40.689 2  GG_DG2DA3:DT10DC11_HH G 2  ? H 11 ? G 3  ? H 10 ? 
1 B DA 3  1_555 C DT 10 1_555 B DA 4  1_555 C DT 9  1_555 0.330  -0.330 3.385 3.568  -4.243 39.181 0.032  -0.049 3.417 -6.289 
-5.288 39.556 3  GG_DA3DA4:DT9DT10_HH  G 3  ? H 10 ? G 4  ? H 9  ? 
1 B DA 4  1_555 C DT 9  1_555 B DA 5  1_555 C DT 8  1_555 -0.170 -0.388 3.197 0.008  -5.813 36.314 0.167  0.270  3.218 -9.254 
-0.013 36.761 4  GG_DA4DA5:DT8DT9_HH   G 4  ? H 9  ? G 5  ? H 8  ? 
1 B DA 5  1_555 C DT 8  1_555 B DT 6  1_555 C DA 7  1_555 0.918  -0.680 3.047 3.823  -3.001 32.831 -0.709 -0.994 3.179 -5.274 
-6.717 33.179 5  GG_DA5DT6:DA7DT8_HH   G 5  ? H 8  ? G 6  ? H 7  ? 
1 B DT 6  1_555 C DA 7  1_555 B DA 7  1_555 C DT 6  1_555 0.349  0.493  3.615 7.146  -1.214 43.807 0.778  0.275  3.612 -1.615 
-9.500 44.374 6  GG_DT6DA7:DT6DA7_HH   G 6  ? H 7  ? G 7  ? H 6  ? 
1 B DA 7  1_555 C DT 6  1_555 B DT 8  1_555 C DA 5  1_555 0.462  -0.734 2.922 -1.151 0.379  28.010 -1.595 -1.195 2.891 0.783  
2.376  28.035 7  GG_DA7DT8:DA5DT6_HH   G 7  ? H 6  ? G 8  ? H 5  ? 
1 B DT 8  1_555 C DA 5  1_555 B DT 9  1_555 C DA 4  1_555 -0.263 -0.074 3.052 0.326  0.402  35.197 -0.178 0.480  3.048 0.664  
-0.539 35.201 8  GG_DT8DT9:DA4DA5_HH   G 8  ? H 5  ? G 9  ? H 4  ? 
1 B DT 9  1_555 C DA 4  1_555 B DA 10 1_555 C DT 3  1_555 -0.017 -0.244 3.823 1.277  4.921  43.409 -0.876 0.165  3.773 6.626  
-1.719 43.692 9  GG_DT9DA10:DT3DA4_HH  G 9  ? H 4  ? G 10 ? H 3  ? 
1 B DA 10 1_555 C DT 3  1_555 B DC 11 1_555 C DG 2  1_555 0.307  -0.206 3.310 -1.410 -5.670 32.763 0.601  -0.776 3.283 -9.953 
2.476  33.266 10 GG_DA10DC11:DG2DT3_HH G 10 ? H 3  ? G 11 ? H 2  ? 
1 B DC 11 1_555 C DG 2  1_555 B DC 12 1_555 C DG 1  1_555 -0.575 -0.229 3.236 -3.067 4.220  29.861 -1.284 0.485  3.216 8.112  
5.894  30.303 11 GG_DC11DC12:DG1DG2_HH G 11 ? H 2  ? G 12 ? H 1  ? 
# 
_pdbx_audit_support.funding_organization   'National Natural Science Foundation of China (NSFC)' 
_pdbx_audit_support.country                China 
_pdbx_audit_support.grant_number           ? 
_pdbx_audit_support.ordinal                1 
# 
_pdbx_entity_instance_feature.ordinal        1 
_pdbx_entity_instance_feature.comp_id        ZN 
_pdbx_entity_instance_feature.asym_id        ? 
_pdbx_entity_instance_feature.seq_num        ? 
_pdbx_entity_instance_feature.auth_comp_id   ZN 
_pdbx_entity_instance_feature.auth_asym_id   ? 
_pdbx_entity_instance_feature.auth_seq_num   ? 
_pdbx_entity_instance_feature.feature_type   'SUBJECT OF INVESTIGATION' 
_pdbx_entity_instance_feature.details        ? 
# 
loop_
_pdbx_entity_nonpoly.entity_id 
_pdbx_entity_nonpoly.name 
_pdbx_entity_nonpoly.comp_id 
4 'ZINC ION' ZN  
5 water      HOH 
# 
_pdbx_initial_refinement_model.id               1 
_pdbx_initial_refinement_model.entity_id_list   ? 
_pdbx_initial_refinement_model.type             'experimental model' 
_pdbx_initial_refinement_model.source_name      PDB 
_pdbx_initial_refinement_model.accession_code   7Y3I 
_pdbx_initial_refinement_model.details          ? 
# 
_pdbx_struct_assembly_auth_evidence.id                     1 
_pdbx_struct_assembly_auth_evidence.assembly_id            1 
_pdbx_struct_assembly_auth_evidence.experimental_support   'gel filtration' 
_pdbx_struct_assembly_auth_evidence.details                ? 
# 
